data_1Z7R
# 
_entry.id   1Z7R 
# 
_audit_conform.dict_name       mmcif_pdbx.dic 
_audit_conform.dict_version    5.391 
_audit_conform.dict_location   http://mmcif.pdb.org/dictionaries/ascii/mmcif_pdbx.dic 
# 
loop_
_database_2.database_id 
_database_2.database_code 
_database_2.pdbx_database_accession 
_database_2.pdbx_DOI 
PDB   1Z7R         pdb_00001z7r 10.2210/pdb1z7r/pdb 
RCSB  RCSB032404   ?            ?                   
WWPDB D_1000032404 ?            ?                   
BMRB  6410         ?            10.13018/BMR6410    
# 
loop_
_pdbx_audit_revision_history.ordinal 
_pdbx_audit_revision_history.data_content_type 
_pdbx_audit_revision_history.major_revision 
_pdbx_audit_revision_history.minor_revision 
_pdbx_audit_revision_history.revision_date 
1 'Structure model' 1 0 2006-03-28 
2 'Structure model' 1 1 2008-04-30 
3 'Structure model' 1 2 2011-07-13 
4 'Structure model' 1 3 2020-02-26 
5 'Structure model' 1 4 2024-05-01 
# 
_pdbx_audit_revision_details.ordinal             1 
_pdbx_audit_revision_details.revision_ordinal    1 
_pdbx_audit_revision_details.data_content_type   'Structure model' 
_pdbx_audit_revision_details.provider            repository 
_pdbx_audit_revision_details.type                'Initial release' 
_pdbx_audit_revision_details.description         ? 
_pdbx_audit_revision_details.details             ? 
# 
loop_
_pdbx_audit_revision_group.ordinal 
_pdbx_audit_revision_group.revision_ordinal 
_pdbx_audit_revision_group.data_content_type 
_pdbx_audit_revision_group.group 
1 2 'Structure model' 'Version format compliance' 
2 3 'Structure model' 'Version format compliance' 
3 4 'Structure model' 'Data collection'           
4 4 'Structure model' 'Database references'       
5 4 'Structure model' 'Derived calculations'      
6 4 'Structure model' Other                       
7 5 'Structure model' 'Data collection'           
8 5 'Structure model' 'Database references'       
# 
loop_
_pdbx_audit_revision_category.ordinal 
_pdbx_audit_revision_category.revision_ordinal 
_pdbx_audit_revision_category.data_content_type 
_pdbx_audit_revision_category.category 
1 4 'Structure model' database_2            
2 4 'Structure model' pdbx_database_status  
3 4 'Structure model' pdbx_nmr_spectrometer 
4 4 'Structure model' pdbx_struct_assembly  
5 4 'Structure model' pdbx_struct_oper_list 
6 4 'Structure model' struct_ref_seq_dif    
7 5 'Structure model' chem_comp_atom        
8 5 'Structure model' chem_comp_bond        
9 5 'Structure model' database_2            
# 
loop_
_pdbx_audit_revision_item.ordinal 
_pdbx_audit_revision_item.revision_ordinal 
_pdbx_audit_revision_item.data_content_type 
_pdbx_audit_revision_item.item 
1 4 'Structure model' '_pdbx_database_status.status_code_cs' 
2 4 'Structure model' '_pdbx_nmr_spectrometer.model'         
3 4 'Structure model' '_struct_ref_seq_dif.details'          
4 5 'Structure model' '_database_2.pdbx_DOI'                 
5 5 'Structure model' '_database_2.pdbx_database_accession'  
# 
_pdbx_database_status.status_code                     REL 
_pdbx_database_status.entry_id                        1Z7R 
_pdbx_database_status.recvd_initial_deposition_date   2005-03-26 
_pdbx_database_status.deposit_site                    RCSB 
_pdbx_database_status.process_site                    PDBJ 
_pdbx_database_status.status_code_sf                  ? 
_pdbx_database_status.status_code_mr                  REL 
_pdbx_database_status.SG_entry                        ? 
_pdbx_database_status.pdb_format_compatible           Y 
_pdbx_database_status.status_code_cs                  REL 
_pdbx_database_status.methods_development_category    ? 
_pdbx_database_status.status_code_nmr_data            ? 
# 
loop_
_pdbx_database_related.db_name 
_pdbx_database_related.db_id 
_pdbx_database_related.details 
_pdbx_database_related.content_type 
BMRB 6410 'Chemical Shift Assignment' unspecified 
PDB  1Z7P Ensemble                    unspecified 
# 
loop_
_audit_author.name 
_audit_author.pdbx_ordinal 
'Feng, Y.'      1 
'Zhong, N.'     2 
'Rouhier, N.'   3 
'Jacquot, J.P.' 4 
'Xia, B.'       5 
# 
_citation.id                        primary 
_citation.title                     
'Structural Insight into Poplar Glutaredoxin C1 with a Bridging Iron-Sulfur Cluster at the Active Site' 
_citation.journal_abbrev            Biochemistry 
_citation.journal_volume            45 
_citation.page_first                7998 
_citation.page_last                 8008 
_citation.year                      2006 
_citation.journal_id_ASTM           BICHAW 
_citation.country                   US 
_citation.journal_id_ISSN           0006-2960 
_citation.journal_id_CSD            0033 
_citation.book_publisher            ? 
_citation.pdbx_database_id_PubMed   16800625 
_citation.pdbx_database_id_DOI      10.1021/bi060444t 
# 
loop_
_citation_author.citation_id 
_citation_author.name 
_citation_author.ordinal 
_citation_author.identifier_ORCID 
primary 'Feng, Y.'      1 ? 
primary 'Zhong, N.'     2 ? 
primary 'Rouhier, N.'   3 ? 
primary 'Hase, T.'      4 ? 
primary 'Kusunoki, M.'  5 ? 
primary 'Jacquot, J.P.' 6 ? 
primary 'Jin, C.'       7 ? 
primary 'Xia, B.'       8 ? 
# 
_entity.id                         1 
_entity.type                       polymer 
_entity.src_method                 man 
_entity.pdbx_description           glutaredoxin 
_entity.formula_weight             12529.306 
_entity.pdbx_number_of_molecules   1 
_entity.pdbx_ec                    ? 
_entity.pdbx_mutation              ? 
_entity.pdbx_fragment              ? 
_entity.details                    ? 
# 
_entity_name_com.entity_id   1 
_entity_name_com.name        'glutaredoxin C1' 
# 
_entity_poly.entity_id                      1 
_entity_poly.type                           'polypeptide(L)' 
_entity_poly.nstd_linkage                   no 
_entity_poly.nstd_monomer                   no 
_entity_poly.pdbx_seq_one_letter_code       
;MASKQELDAALKKAKELASSAPVVVFSKTYCGYCNRVKQLLTQVGASYKVVELDELSDGSQLQSALAHWTGRGTVPNVFI
GGKQIGGCDTVVEKHQRNELLPLLQDAAATAKNPAQL
;
_entity_poly.pdbx_seq_one_letter_code_can   
;MASKQELDAALKKAKELASSAPVVVFSKTYCGYCNRVKQLLTQVGASYKVVELDELSDGSQLQSALAHWTGRGTVPNVFI
GGKQIGGCDTVVEKHQRNELLPLLQDAAATAKNPAQL
;
_entity_poly.pdbx_strand_id                 A 
_entity_poly.pdbx_target_identifier         ? 
# 
loop_
_entity_poly_seq.entity_id 
_entity_poly_seq.num 
_entity_poly_seq.mon_id 
_entity_poly_seq.hetero 
1 1   MET n 
1 2   ALA n 
1 3   SER n 
1 4   LYS n 
1 5   GLN n 
1 6   GLU n 
1 7   LEU n 
1 8   ASP n 
1 9   ALA n 
1 10  ALA n 
1 11  LEU n 
1 12  LYS n 
1 13  LYS n 
1 14  ALA n 
1 15  LYS n 
1 16  GLU n 
1 17  LEU n 
1 18  ALA n 
1 19  SER n 
1 20  SER n 
1 21  ALA n 
1 22  PRO n 
1 23  VAL n 
1 24  VAL n 
1 25  VAL n 
1 26  PHE n 
1 27  SER n 
1 28  LYS n 
1 29  THR n 
1 30  TYR n 
1 31  CYS n 
1 32  GLY n 
1 33  TYR n 
1 34  CYS n 
1 35  ASN n 
1 36  ARG n 
1 37  VAL n 
1 38  LYS n 
1 39  GLN n 
1 40  LEU n 
1 41  LEU n 
1 42  THR n 
1 43  GLN n 
1 44  VAL n 
1 45  GLY n 
1 46  ALA n 
1 47  SER n 
1 48  TYR n 
1 49  LYS n 
1 50  VAL n 
1 51  VAL n 
1 52  GLU n 
1 53  LEU n 
1 54  ASP n 
1 55  GLU n 
1 56  LEU n 
1 57  SER n 
1 58  ASP n 
1 59  GLY n 
1 60  SER n 
1 61  GLN n 
1 62  LEU n 
1 63  GLN n 
1 64  SER n 
1 65  ALA n 
1 66  LEU n 
1 67  ALA n 
1 68  HIS n 
1 69  TRP n 
1 70  THR n 
1 71  GLY n 
1 72  ARG n 
1 73  GLY n 
1 74  THR n 
1 75  VAL n 
1 76  PRO n 
1 77  ASN n 
1 78  VAL n 
1 79  PHE n 
1 80  ILE n 
1 81  GLY n 
1 82  GLY n 
1 83  LYS n 
1 84  GLN n 
1 85  ILE n 
1 86  GLY n 
1 87  GLY n 
1 88  CYS n 
1 89  ASP n 
1 90  THR n 
1 91  VAL n 
1 92  VAL n 
1 93  GLU n 
1 94  LYS n 
1 95  HIS n 
1 96  GLN n 
1 97  ARG n 
1 98  ASN n 
1 99  GLU n 
1 100 LEU n 
1 101 LEU n 
1 102 PRO n 
1 103 LEU n 
1 104 LEU n 
1 105 GLN n 
1 106 ASP n 
1 107 ALA n 
1 108 ALA n 
1 109 ALA n 
1 110 THR n 
1 111 ALA n 
1 112 LYS n 
1 113 ASN n 
1 114 PRO n 
1 115 ALA n 
1 116 GLN n 
1 117 LEU n 
# 
_entity_src_gen.entity_id                          1 
_entity_src_gen.pdbx_src_id                        1 
_entity_src_gen.pdbx_alt_source_flag               sample 
_entity_src_gen.pdbx_seq_type                      ? 
_entity_src_gen.pdbx_beg_seq_num                   ? 
_entity_src_gen.pdbx_end_seq_num                   ? 
_entity_src_gen.gene_src_common_name               ? 
_entity_src_gen.gene_src_genus                     Populus 
_entity_src_gen.pdbx_gene_src_gene                 ? 
_entity_src_gen.gene_src_species                   ? 
_entity_src_gen.gene_src_strain                    ? 
_entity_src_gen.gene_src_tissue                    ? 
_entity_src_gen.gene_src_tissue_fraction           ? 
_entity_src_gen.gene_src_details                   ? 
_entity_src_gen.pdbx_gene_src_fragment             ? 
_entity_src_gen.pdbx_gene_src_scientific_name      'Populus tremula x Populus tremuloides' 
_entity_src_gen.pdbx_gene_src_ncbi_taxonomy_id     47664 
_entity_src_gen.pdbx_gene_src_variant              ? 
_entity_src_gen.pdbx_gene_src_cell_line            ? 
_entity_src_gen.pdbx_gene_src_atcc                 ? 
_entity_src_gen.pdbx_gene_src_organ                ? 
_entity_src_gen.pdbx_gene_src_organelle            ? 
_entity_src_gen.pdbx_gene_src_cell                 ? 
_entity_src_gen.pdbx_gene_src_cellular_location    ? 
_entity_src_gen.host_org_common_name               ? 
_entity_src_gen.pdbx_host_org_scientific_name      'Escherichia coli BL21(DE3)' 
_entity_src_gen.pdbx_host_org_ncbi_taxonomy_id     469008 
_entity_src_gen.host_org_genus                     Escherichia 
_entity_src_gen.pdbx_host_org_gene                 ? 
_entity_src_gen.pdbx_host_org_organ                ? 
_entity_src_gen.host_org_species                   'Escherichia coli' 
_entity_src_gen.pdbx_host_org_tissue               ? 
_entity_src_gen.pdbx_host_org_tissue_fraction      ? 
_entity_src_gen.pdbx_host_org_strain               'BL21(DE3)' 
_entity_src_gen.pdbx_host_org_variant              ? 
_entity_src_gen.pdbx_host_org_cell_line            ? 
_entity_src_gen.pdbx_host_org_atcc                 ? 
_entity_src_gen.pdbx_host_org_culture_collection   ? 
_entity_src_gen.pdbx_host_org_cell                 ? 
_entity_src_gen.pdbx_host_org_organelle            ? 
_entity_src_gen.pdbx_host_org_cellular_location    ? 
_entity_src_gen.pdbx_host_org_vector_type          PLASMID 
_entity_src_gen.pdbx_host_org_vector               ? 
_entity_src_gen.host_org_details                   ? 
_entity_src_gen.expression_system_id               ? 
_entity_src_gen.plasmid_name                       pET3d 
_entity_src_gen.plasmid_details                    ? 
_entity_src_gen.pdbx_description                   ? 
# 
loop_
_chem_comp.id 
_chem_comp.type 
_chem_comp.mon_nstd_flag 
_chem_comp.name 
_chem_comp.pdbx_synonyms 
_chem_comp.formula 
_chem_comp.formula_weight 
ALA 'L-peptide linking' y ALANINE         ? 'C3 H7 N O2'     89.093  
ARG 'L-peptide linking' y ARGININE        ? 'C6 H15 N4 O2 1' 175.209 
ASN 'L-peptide linking' y ASPARAGINE      ? 'C4 H8 N2 O3'    132.118 
ASP 'L-peptide linking' y 'ASPARTIC ACID' ? 'C4 H7 N O4'     133.103 
CYS 'L-peptide linking' y CYSTEINE        ? 'C3 H7 N O2 S'   121.158 
GLN 'L-peptide linking' y GLUTAMINE       ? 'C5 H10 N2 O3'   146.144 
GLU 'L-peptide linking' y 'GLUTAMIC ACID' ? 'C5 H9 N O4'     147.129 
GLY 'peptide linking'   y GLYCINE         ? 'C2 H5 N O2'     75.067  
HIS 'L-peptide linking' y HISTIDINE       ? 'C6 H10 N3 O2 1' 156.162 
ILE 'L-peptide linking' y ISOLEUCINE      ? 'C6 H13 N O2'    131.173 
LEU 'L-peptide linking' y LEUCINE         ? 'C6 H13 N O2'    131.173 
LYS 'L-peptide linking' y LYSINE          ? 'C6 H15 N2 O2 1' 147.195 
MET 'L-peptide linking' y METHIONINE      ? 'C5 H11 N O2 S'  149.211 
PHE 'L-peptide linking' y PHENYLALANINE   ? 'C9 H11 N O2'    165.189 
PRO 'L-peptide linking' y PROLINE         ? 'C5 H9 N O2'     115.130 
SER 'L-peptide linking' y SERINE          ? 'C3 H7 N O3'     105.093 
THR 'L-peptide linking' y THREONINE       ? 'C4 H9 N O3'     119.119 
TRP 'L-peptide linking' y TRYPTOPHAN      ? 'C11 H12 N2 O2'  204.225 
TYR 'L-peptide linking' y TYROSINE        ? 'C9 H11 N O3'    181.189 
VAL 'L-peptide linking' y VALINE          ? 'C5 H11 N O2'    117.146 
# 
loop_
_pdbx_poly_seq_scheme.asym_id 
_pdbx_poly_seq_scheme.entity_id 
_pdbx_poly_seq_scheme.seq_id 
_pdbx_poly_seq_scheme.mon_id 
_pdbx_poly_seq_scheme.ndb_seq_num 
_pdbx_poly_seq_scheme.pdb_seq_num 
_pdbx_poly_seq_scheme.auth_seq_num 
_pdbx_poly_seq_scheme.pdb_mon_id 
_pdbx_poly_seq_scheme.auth_mon_id 
_pdbx_poly_seq_scheme.pdb_strand_id 
_pdbx_poly_seq_scheme.pdb_ins_code 
_pdbx_poly_seq_scheme.hetero 
A 1 1   MET 1   1   1   MET MET A . n 
A 1 2   ALA 2   2   2   ALA ALA A . n 
A 1 3   SER 3   3   3   SER SER A . n 
A 1 4   LYS 4   4   4   LYS LYS A . n 
A 1 5   GLN 5   5   5   GLN GLN A . n 
A 1 6   GLU 6   6   6   GLU GLU A . n 
A 1 7   LEU 7   7   7   LEU LEU A . n 
A 1 8   ASP 8   8   8   ASP ASP A . n 
A 1 9   ALA 9   9   9   ALA ALA A . n 
A 1 10  ALA 10  10  10  ALA ALA A . n 
A 1 11  LEU 11  11  11  LEU LEU A . n 
A 1 12  LYS 12  12  12  LYS LYS A . n 
A 1 13  LYS 13  13  13  LYS LYS A . n 
A 1 14  ALA 14  14  14  ALA ALA A . n 
A 1 15  LYS 15  15  15  LYS LYS A . n 
A 1 16  GLU 16  16  16  GLU GLU A . n 
A 1 17  LEU 17  17  17  LEU LEU A . n 
A 1 18  ALA 18  18  18  ALA ALA A . n 
A 1 19  SER 19  19  19  SER SER A . n 
A 1 20  SER 20  20  20  SER SER A . n 
A 1 21  ALA 21  21  21  ALA ALA A . n 
A 1 22  PRO 22  22  22  PRO PRO A . n 
A 1 23  VAL 23  23  23  VAL VAL A . n 
A 1 24  VAL 24  24  24  VAL VAL A . n 
A 1 25  VAL 25  25  25  VAL VAL A . n 
A 1 26  PHE 26  26  26  PHE PHE A . n 
A 1 27  SER 27  27  27  SER SER A . n 
A 1 28  LYS 28  28  28  LYS LYS A . n 
A 1 29  THR 29  29  29  THR THR A . n 
A 1 30  TYR 30  30  30  TYR TYR A . n 
A 1 31  CYS 31  31  31  CYS CYS A . n 
A 1 32  GLY 32  32  32  GLY GLY A . n 
A 1 33  TYR 33  33  33  TYR TYR A . n 
A 1 34  CYS 34  34  34  CYS CYS A . n 
A 1 35  ASN 35  35  35  ASN ASN A . n 
A 1 36  ARG 36  36  36  ARG ARG A . n 
A 1 37  VAL 37  37  37  VAL VAL A . n 
A 1 38  LYS 38  38  38  LYS LYS A . n 
A 1 39  GLN 39  39  39  GLN GLN A . n 
A 1 40  LEU 40  40  40  LEU LEU A . n 
A 1 41  LEU 41  41  41  LEU LEU A . n 
A 1 42  THR 42  42  42  THR THR A . n 
A 1 43  GLN 43  43  43  GLN GLN A . n 
A 1 44  VAL 44  44  44  VAL VAL A . n 
A 1 45  GLY 45  45  45  GLY GLY A . n 
A 1 46  ALA 46  46  46  ALA ALA A . n 
A 1 47  SER 47  47  47  SER SER A . n 
A 1 48  TYR 48  48  48  TYR TYR A . n 
A 1 49  LYS 49  49  49  LYS LYS A . n 
A 1 50  VAL 50  50  50  VAL VAL A . n 
A 1 51  VAL 51  51  51  VAL VAL A . n 
A 1 52  GLU 52  52  52  GLU GLU A . n 
A 1 53  LEU 53  53  53  LEU LEU A . n 
A 1 54  ASP 54  54  54  ASP ASP A . n 
A 1 55  GLU 55  55  55  GLU GLU A . n 
A 1 56  LEU 56  56  56  LEU LEU A . n 
A 1 57  SER 57  57  57  SER SER A . n 
A 1 58  ASP 58  58  58  ASP ASP A . n 
A 1 59  GLY 59  59  59  GLY GLY A . n 
A 1 60  SER 60  60  60  SER SER A . n 
A 1 61  GLN 61  61  61  GLN GLN A . n 
A 1 62  LEU 62  62  62  LEU LEU A . n 
A 1 63  GLN 63  63  63  GLN GLN A . n 
A 1 64  SER 64  64  64  SER SER A . n 
A 1 65  ALA 65  65  65  ALA ALA A . n 
A 1 66  LEU 66  66  66  LEU LEU A . n 
A 1 67  ALA 67  67  67  ALA ALA A . n 
A 1 68  HIS 68  68  68  HIS HIS A . n 
A 1 69  TRP 69  69  69  TRP TRP A . n 
A 1 70  THR 70  70  70  THR THR A . n 
A 1 71  GLY 71  71  71  GLY GLY A . n 
A 1 72  ARG 72  72  72  ARG ARG A . n 
A 1 73  GLY 73  73  73  GLY GLY A . n 
A 1 74  THR 74  74  74  THR THR A . n 
A 1 75  VAL 75  75  75  VAL VAL A . n 
A 1 76  PRO 76  76  76  PRO PRO A . n 
A 1 77  ASN 77  77  77  ASN ASN A . n 
A 1 78  VAL 78  78  78  VAL VAL A . n 
A 1 79  PHE 79  79  79  PHE PHE A . n 
A 1 80  ILE 80  80  80  ILE ILE A . n 
A 1 81  GLY 81  81  81  GLY GLY A . n 
A 1 82  GLY 82  82  82  GLY GLY A . n 
A 1 83  LYS 83  83  83  LYS LYS A . n 
A 1 84  GLN 84  84  84  GLN GLN A . n 
A 1 85  ILE 85  85  85  ILE ILE A . n 
A 1 86  GLY 86  86  86  GLY GLY A . n 
A 1 87  GLY 87  87  87  GLY GLY A . n 
A 1 88  CYS 88  88  88  CYS CYS A . n 
A 1 89  ASP 89  89  89  ASP ASP A . n 
A 1 90  THR 90  90  90  THR THR A . n 
A 1 91  VAL 91  91  91  VAL VAL A . n 
A 1 92  VAL 92  92  92  VAL VAL A . n 
A 1 93  GLU 93  93  93  GLU GLU A . n 
A 1 94  LYS 94  94  94  LYS LYS A . n 
A 1 95  HIS 95  95  95  HIS HIS A . n 
A 1 96  GLN 96  96  96  GLN GLN A . n 
A 1 97  ARG 97  97  97  ARG ARG A . n 
A 1 98  ASN 98  98  98  ASN ASN A . n 
A 1 99  GLU 99  99  99  GLU GLU A . n 
A 1 100 LEU 100 100 100 LEU LEU A . n 
A 1 101 LEU 101 101 101 LEU LEU A . n 
A 1 102 PRO 102 102 102 PRO PRO A . n 
A 1 103 LEU 103 103 103 LEU LEU A . n 
A 1 104 LEU 104 104 104 LEU LEU A . n 
A 1 105 GLN 105 105 105 GLN GLN A . n 
A 1 106 ASP 106 106 106 ASP ASP A . n 
A 1 107 ALA 107 107 107 ALA ALA A . n 
A 1 108 ALA 108 108 108 ALA ALA A . n 
A 1 109 ALA 109 109 109 ALA ALA A . n 
A 1 110 THR 110 110 110 THR THR A . n 
A 1 111 ALA 111 111 111 ALA ALA A . n 
A 1 112 LYS 112 112 112 LYS LYS A . n 
A 1 113 ASN 113 113 113 ASN ASN A . n 
A 1 114 PRO 114 114 114 PRO PRO A . n 
A 1 115 ALA 115 115 115 ALA ALA A . n 
A 1 116 GLN 116 116 116 GLN GLN A . n 
A 1 117 LEU 117 117 117 LEU LEU A . n 
# 
_exptl.entry_id          1Z7R 
_exptl.method            'SOLUTION NMR' 
_exptl.crystals_number   ? 
# 
_struct.entry_id                  1Z7R 
_struct.title                     'Solution Structure of reduced glutaredoxin C1 from Populus tremula x tremuloides' 
_struct.pdbx_model_details        ? 
_struct.pdbx_CASP_flag            ? 
_struct.pdbx_model_type_details   'minimized average' 
# 
_struct_keywords.entry_id        1Z7R 
_struct_keywords.pdbx_keywords   'ELECTRON TRANSPORT' 
_struct_keywords.text            'ELECTRON TRANSPORT' 
# 
_struct_asym.id                            A 
_struct_asym.pdbx_blank_PDB_chainid_flag   N 
_struct_asym.pdbx_modified                 N 
_struct_asym.entity_id                     1 
_struct_asym.details                       ? 
# 
_struct_ref.id                         1 
_struct_ref.db_name                    UNP 
_struct_ref.db_code                    Q5PSJ1_9ROSI 
_struct_ref.pdbx_db_accession          Q5PSJ1 
_struct_ref.entity_id                  1 
_struct_ref.pdbx_seq_one_letter_code   
;SKQELDAALKKAKELASSAPVVVFSKTYCGYCNRVKQLLTQVGASYKVVELDELSDGSQLQSALAHWTGRGTVPNVFIGG
KQIGGCDTVVEKHQRNELLPLLQDAAATAK
;
_struct_ref.pdbx_align_begin           12 
_struct_ref.pdbx_db_isoform            ? 
# 
_struct_ref_seq.align_id                      1 
_struct_ref_seq.ref_id                        1 
_struct_ref_seq.pdbx_PDB_id_code              1Z7R 
_struct_ref_seq.pdbx_strand_id                A 
_struct_ref_seq.seq_align_beg                 3 
_struct_ref_seq.pdbx_seq_align_beg_ins_code   ? 
_struct_ref_seq.seq_align_end                 112 
_struct_ref_seq.pdbx_seq_align_end_ins_code   ? 
_struct_ref_seq.pdbx_db_accession             Q5PSJ1 
_struct_ref_seq.db_align_beg                  12 
_struct_ref_seq.pdbx_db_align_beg_ins_code    ? 
_struct_ref_seq.db_align_end                  121 
_struct_ref_seq.pdbx_db_align_end_ins_code    ? 
_struct_ref_seq.pdbx_auth_seq_align_beg       3 
_struct_ref_seq.pdbx_auth_seq_align_end       112 
# 
loop_
_struct_ref_seq_dif.align_id 
_struct_ref_seq_dif.pdbx_pdb_id_code 
_struct_ref_seq_dif.mon_id 
_struct_ref_seq_dif.pdbx_pdb_strand_id 
_struct_ref_seq_dif.seq_num 
_struct_ref_seq_dif.pdbx_pdb_ins_code 
_struct_ref_seq_dif.pdbx_seq_db_name 
_struct_ref_seq_dif.pdbx_seq_db_accession_code 
_struct_ref_seq_dif.db_mon_id 
_struct_ref_seq_dif.pdbx_seq_db_seq_num 
_struct_ref_seq_dif.details 
_struct_ref_seq_dif.pdbx_auth_seq_num 
_struct_ref_seq_dif.pdbx_ordinal 
1 1Z7R MET A 1   ? UNP Q5PSJ1 ? ? 'cloning artifact' 1   1 
1 1Z7R ALA A 2   ? UNP Q5PSJ1 ? ? 'cloning artifact' 2   2 
1 1Z7R ASN A 113 ? UNP Q5PSJ1 ? ? 'SEE REMARK 999'   113 3 
1 1Z7R PRO A 114 ? UNP Q5PSJ1 ? ? 'SEE REMARK 999'   114 4 
1 1Z7R ALA A 115 ? UNP Q5PSJ1 ? ? 'SEE REMARK 999'   115 5 
1 1Z7R GLN A 116 ? UNP Q5PSJ1 ? ? 'SEE REMARK 999'   116 6 
1 1Z7R LEU A 117 ? UNP Q5PSJ1 ? ? 'SEE REMARK 999'   117 7 
# 
_pdbx_struct_assembly.id                   1 
_pdbx_struct_assembly.details              author_defined_assembly 
_pdbx_struct_assembly.method_details       ? 
_pdbx_struct_assembly.oligomeric_details   monomeric 
_pdbx_struct_assembly.oligomeric_count     1 
# 
_pdbx_struct_assembly_gen.assembly_id       1 
_pdbx_struct_assembly_gen.oper_expression   1 
_pdbx_struct_assembly_gen.asym_id_list      A 
# 
_pdbx_struct_oper_list.id                   1 
_pdbx_struct_oper_list.type                 'identity operation' 
_pdbx_struct_oper_list.name                 1_555 
_pdbx_struct_oper_list.symmetry_operation   ? 
_pdbx_struct_oper_list.matrix[1][1]         1.0000000000 
_pdbx_struct_oper_list.matrix[1][2]         0.0000000000 
_pdbx_struct_oper_list.matrix[1][3]         0.0000000000 
_pdbx_struct_oper_list.vector[1]            0.0000000000 
_pdbx_struct_oper_list.matrix[2][1]         0.0000000000 
_pdbx_struct_oper_list.matrix[2][2]         1.0000000000 
_pdbx_struct_oper_list.matrix[2][3]         0.0000000000 
_pdbx_struct_oper_list.vector[2]            0.0000000000 
_pdbx_struct_oper_list.matrix[3][1]         0.0000000000 
_pdbx_struct_oper_list.matrix[3][2]         0.0000000000 
_pdbx_struct_oper_list.matrix[3][3]         1.0000000000 
_pdbx_struct_oper_list.vector[3]            0.0000000000 
# 
loop_
_struct_conf.conf_type_id 
_struct_conf.id 
_struct_conf.pdbx_PDB_helix_id 
_struct_conf.beg_label_comp_id 
_struct_conf.beg_label_asym_id 
_struct_conf.beg_label_seq_id 
_struct_conf.pdbx_beg_PDB_ins_code 
_struct_conf.end_label_comp_id 
_struct_conf.end_label_asym_id 
_struct_conf.end_label_seq_id 
_struct_conf.pdbx_end_PDB_ins_code 
_struct_conf.beg_auth_comp_id 
_struct_conf.beg_auth_asym_id 
_struct_conf.beg_auth_seq_id 
_struct_conf.end_auth_comp_id 
_struct_conf.end_auth_asym_id 
_struct_conf.end_auth_seq_id 
_struct_conf.pdbx_PDB_helix_class 
_struct_conf.details 
_struct_conf.pdbx_PDB_helix_length 
HELX_P HELX_P1 1 ALA A 2  ? SER A 20  ? ALA A 2  SER A 20  1 ? 19 
HELX_P HELX_P2 2 CYS A 31 ? GLY A 45  ? CYS A 31 GLY A 45  1 ? 15 
HELX_P HELX_P3 3 ASP A 58 ? GLY A 71  ? ASP A 58 GLY A 71  1 ? 14 
HELX_P HELX_P4 4 CYS A 88 ? ARG A 97  ? CYS A 88 ARG A 97  1 ? 10 
HELX_P HELX_P5 5 GLU A 99 ? ALA A 107 ? GLU A 99 ALA A 107 1 ? 9  
# 
_struct_conf_type.id          HELX_P 
_struct_conf_type.criteria    ? 
_struct_conf_type.reference   ? 
# 
_struct_mon_prot_cis.pdbx_id                1 
_struct_mon_prot_cis.label_comp_id          VAL 
_struct_mon_prot_cis.label_seq_id           75 
_struct_mon_prot_cis.label_asym_id          A 
_struct_mon_prot_cis.label_alt_id           . 
_struct_mon_prot_cis.pdbx_PDB_ins_code      ? 
_struct_mon_prot_cis.auth_comp_id           VAL 
_struct_mon_prot_cis.auth_seq_id            75 
_struct_mon_prot_cis.auth_asym_id           A 
_struct_mon_prot_cis.pdbx_label_comp_id_2   PRO 
_struct_mon_prot_cis.pdbx_label_seq_id_2    76 
_struct_mon_prot_cis.pdbx_label_asym_id_2   A 
_struct_mon_prot_cis.pdbx_PDB_ins_code_2    ? 
_struct_mon_prot_cis.pdbx_auth_comp_id_2    PRO 
_struct_mon_prot_cis.pdbx_auth_seq_id_2     76 
_struct_mon_prot_cis.pdbx_auth_asym_id_2    A 
_struct_mon_prot_cis.pdbx_PDB_model_num     1 
_struct_mon_prot_cis.pdbx_omega_angle       -10.09 
# 
_struct_sheet.id               A 
_struct_sheet.type             ? 
_struct_sheet.number_strands   4 
_struct_sheet.details          ? 
# 
loop_
_struct_sheet_order.sheet_id 
_struct_sheet_order.range_id_1 
_struct_sheet_order.range_id_2 
_struct_sheet_order.offset 
_struct_sheet_order.sense 
A 1 2 ? parallel      
A 2 3 ? anti-parallel 
A 3 4 ? anti-parallel 
# 
loop_
_struct_sheet_range.sheet_id 
_struct_sheet_range.id 
_struct_sheet_range.beg_label_comp_id 
_struct_sheet_range.beg_label_asym_id 
_struct_sheet_range.beg_label_seq_id 
_struct_sheet_range.pdbx_beg_PDB_ins_code 
_struct_sheet_range.end_label_comp_id 
_struct_sheet_range.end_label_asym_id 
_struct_sheet_range.end_label_seq_id 
_struct_sheet_range.pdbx_end_PDB_ins_code 
_struct_sheet_range.beg_auth_comp_id 
_struct_sheet_range.beg_auth_asym_id 
_struct_sheet_range.beg_auth_seq_id 
_struct_sheet_range.end_auth_comp_id 
_struct_sheet_range.end_auth_asym_id 
_struct_sheet_range.end_auth_seq_id 
A 1 LYS A 49 ? GLU A 52 ? LYS A 49 GLU A 52 
A 2 VAL A 23 ? SER A 27 ? VAL A 23 SER A 27 
A 3 ASN A 77 ? ILE A 80 ? ASN A 77 ILE A 80 
A 4 LYS A 83 ? GLY A 87 ? LYS A 83 GLY A 87 
# 
loop_
_pdbx_struct_sheet_hbond.sheet_id 
_pdbx_struct_sheet_hbond.range_id_1 
_pdbx_struct_sheet_hbond.range_id_2 
_pdbx_struct_sheet_hbond.range_1_label_atom_id 
_pdbx_struct_sheet_hbond.range_1_label_comp_id 
_pdbx_struct_sheet_hbond.range_1_label_asym_id 
_pdbx_struct_sheet_hbond.range_1_label_seq_id 
_pdbx_struct_sheet_hbond.range_1_PDB_ins_code 
_pdbx_struct_sheet_hbond.range_1_auth_atom_id 
_pdbx_struct_sheet_hbond.range_1_auth_comp_id 
_pdbx_struct_sheet_hbond.range_1_auth_asym_id 
_pdbx_struct_sheet_hbond.range_1_auth_seq_id 
_pdbx_struct_sheet_hbond.range_2_label_atom_id 
_pdbx_struct_sheet_hbond.range_2_label_comp_id 
_pdbx_struct_sheet_hbond.range_2_label_asym_id 
_pdbx_struct_sheet_hbond.range_2_label_seq_id 
_pdbx_struct_sheet_hbond.range_2_PDB_ins_code 
_pdbx_struct_sheet_hbond.range_2_auth_atom_id 
_pdbx_struct_sheet_hbond.range_2_auth_comp_id 
_pdbx_struct_sheet_hbond.range_2_auth_asym_id 
_pdbx_struct_sheet_hbond.range_2_auth_seq_id 
A 1 2 O VAL A 51 ? O VAL A 51 N SER A 27 ? N SER A 27 
A 2 3 N VAL A 24 ? N VAL A 24 O PHE A 79 ? O PHE A 79 
A 3 4 N VAL A 78 ? N VAL A 78 O ILE A 85 ? O ILE A 85 
# 
loop_
_pdbx_validate_torsion.id 
_pdbx_validate_torsion.PDB_model_num 
_pdbx_validate_torsion.auth_comp_id 
_pdbx_validate_torsion.auth_asym_id 
_pdbx_validate_torsion.auth_seq_id 
_pdbx_validate_torsion.PDB_ins_code 
_pdbx_validate_torsion.label_alt_id 
_pdbx_validate_torsion.phi 
_pdbx_validate_torsion.psi 
1 1 ALA A 2   ? ? 138.18 -17.57 
2 1 GLN A 116 ? ? 70.90  155.44 
# 
_pdbx_nmr_ensemble.entry_id                             1Z7R 
_pdbx_nmr_ensemble.conformers_calculated_total_number   ? 
_pdbx_nmr_ensemble.conformers_submitted_total_number    1 
_pdbx_nmr_ensemble.conformer_selection_criteria         ? 
# 
_pdbx_nmr_representative.entry_id             1Z7R 
_pdbx_nmr_representative.conformer_id         ? 
_pdbx_nmr_representative.selection_criteria   'minimized average structure' 
# 
_pdbx_nmr_sample_details.solution_id      1 
_pdbx_nmr_sample_details.contents         
;1.1mM uniformly 13C/15N-labeled protein, 40mM potassium phosphate buffer,  90% H2O/10% D2O, 40mM DTT, 0.01% NaN3 and 0.01% DSS, protease inhibitor cocktail
;
_pdbx_nmr_sample_details.solvent_system   '90% H2O/10% D2O' 
# 
_pdbx_nmr_exptl_sample_conditions.conditions_id       1 
_pdbx_nmr_exptl_sample_conditions.temperature         293 
_pdbx_nmr_exptl_sample_conditions.pressure            ambient 
_pdbx_nmr_exptl_sample_conditions.pH                  6.4 
_pdbx_nmr_exptl_sample_conditions.ionic_strength      '40mM potassium phosphate' 
_pdbx_nmr_exptl_sample_conditions.pressure_units      . 
_pdbx_nmr_exptl_sample_conditions.temperature_units   K 
# 
loop_
_pdbx_nmr_exptl.experiment_id 
_pdbx_nmr_exptl.conditions_id 
_pdbx_nmr_exptl.type 
_pdbx_nmr_exptl.solution_id 
1 1 3D_15N-separated_NOESY                      1 
2 1 3D_13C-separated_NOESY                      1 
3 1 '3D_13C-separated_NOESY in aromatic region' 1 
# 
_pdbx_nmr_refine.entry_id           1Z7R 
_pdbx_nmr_refine.method             'molecular dynamics, simulated annealing' 
_pdbx_nmr_refine.details            'CYS 31 is present as the thiolate with a negative charge on the sulfur.' 
_pdbx_nmr_refine.software_ordinal   1 
# 
loop_
_pdbx_nmr_software.classification 
_pdbx_nmr_software.name 
_pdbx_nmr_software.version 
_pdbx_nmr_software.authors 
_pdbx_nmr_software.ordinal 
'structure solution' CYANA   1.0.6 'Guntert, P.'    1 
refinement           Amber   7     'Case, D. A.'    2 
'data analysis'      NMRView 5.2.2 'Johnson, B. A.' 3 
processing           NMRPipe 2.3   'Delaglio, F.'   4 
# 
loop_
_chem_comp_atom.comp_id 
_chem_comp_atom.atom_id 
_chem_comp_atom.type_symbol 
_chem_comp_atom.pdbx_aromatic_flag 
_chem_comp_atom.pdbx_stereo_config 
_chem_comp_atom.pdbx_ordinal 
ALA N    N N N 1   
ALA CA   C N S 2   
ALA C    C N N 3   
ALA O    O N N 4   
ALA CB   C N N 5   
ALA OXT  O N N 6   
ALA H    H N N 7   
ALA H2   H N N 8   
ALA HA   H N N 9   
ALA HB1  H N N 10  
ALA HB2  H N N 11  
ALA HB3  H N N 12  
ALA HXT  H N N 13  
ARG N    N N N 14  
ARG CA   C N S 15  
ARG C    C N N 16  
ARG O    O N N 17  
ARG CB   C N N 18  
ARG CG   C N N 19  
ARG CD   C N N 20  
ARG NE   N N N 21  
ARG CZ   C N N 22  
ARG NH1  N N N 23  
ARG NH2  N N N 24  
ARG OXT  O N N 25  
ARG H    H N N 26  
ARG H2   H N N 27  
ARG HA   H N N 28  
ARG HB2  H N N 29  
ARG HB3  H N N 30  
ARG HG2  H N N 31  
ARG HG3  H N N 32  
ARG HD2  H N N 33  
ARG HD3  H N N 34  
ARG HE   H N N 35  
ARG HH11 H N N 36  
ARG HH12 H N N 37  
ARG HH21 H N N 38  
ARG HH22 H N N 39  
ARG HXT  H N N 40  
ASN N    N N N 41  
ASN CA   C N S 42  
ASN C    C N N 43  
ASN O    O N N 44  
ASN CB   C N N 45  
ASN CG   C N N 46  
ASN OD1  O N N 47  
ASN ND2  N N N 48  
ASN OXT  O N N 49  
ASN H    H N N 50  
ASN H2   H N N 51  
ASN HA   H N N 52  
ASN HB2  H N N 53  
ASN HB3  H N N 54  
ASN HD21 H N N 55  
ASN HD22 H N N 56  
ASN HXT  H N N 57  
ASP N    N N N 58  
ASP CA   C N S 59  
ASP C    C N N 60  
ASP O    O N N 61  
ASP CB   C N N 62  
ASP CG   C N N 63  
ASP OD1  O N N 64  
ASP OD2  O N N 65  
ASP OXT  O N N 66  
ASP H    H N N 67  
ASP H2   H N N 68  
ASP HA   H N N 69  
ASP HB2  H N N 70  
ASP HB3  H N N 71  
ASP HD2  H N N 72  
ASP HXT  H N N 73  
CYS N    N N N 74  
CYS CA   C N R 75  
CYS C    C N N 76  
CYS O    O N N 77  
CYS CB   C N N 78  
CYS SG   S N N 79  
CYS OXT  O N N 80  
CYS H    H N N 81  
CYS H2   H N N 82  
CYS HA   H N N 83  
CYS HB2  H N N 84  
CYS HB3  H N N 85  
CYS HG   H N N 86  
CYS HXT  H N N 87  
GLN N    N N N 88  
GLN CA   C N S 89  
GLN C    C N N 90  
GLN O    O N N 91  
GLN CB   C N N 92  
GLN CG   C N N 93  
GLN CD   C N N 94  
GLN OE1  O N N 95  
GLN NE2  N N N 96  
GLN OXT  O N N 97  
GLN H    H N N 98  
GLN H2   H N N 99  
GLN HA   H N N 100 
GLN HB2  H N N 101 
GLN HB3  H N N 102 
GLN HG2  H N N 103 
GLN HG3  H N N 104 
GLN HE21 H N N 105 
GLN HE22 H N N 106 
GLN HXT  H N N 107 
GLU N    N N N 108 
GLU CA   C N S 109 
GLU C    C N N 110 
GLU O    O N N 111 
GLU CB   C N N 112 
GLU CG   C N N 113 
GLU CD   C N N 114 
GLU OE1  O N N 115 
GLU OE2  O N N 116 
GLU OXT  O N N 117 
GLU H    H N N 118 
GLU H2   H N N 119 
GLU HA   H N N 120 
GLU HB2  H N N 121 
GLU HB3  H N N 122 
GLU HG2  H N N 123 
GLU HG3  H N N 124 
GLU HE2  H N N 125 
GLU HXT  H N N 126 
GLY N    N N N 127 
GLY CA   C N N 128 
GLY C    C N N 129 
GLY O    O N N 130 
GLY OXT  O N N 131 
GLY H    H N N 132 
GLY H2   H N N 133 
GLY HA2  H N N 134 
GLY HA3  H N N 135 
GLY HXT  H N N 136 
HIS N    N N N 137 
HIS CA   C N S 138 
HIS C    C N N 139 
HIS O    O N N 140 
HIS CB   C N N 141 
HIS CG   C Y N 142 
HIS ND1  N Y N 143 
HIS CD2  C Y N 144 
HIS CE1  C Y N 145 
HIS NE2  N Y N 146 
HIS OXT  O N N 147 
HIS H    H N N 148 
HIS H2   H N N 149 
HIS HA   H N N 150 
HIS HB2  H N N 151 
HIS HB3  H N N 152 
HIS HD1  H N N 153 
HIS HD2  H N N 154 
HIS HE1  H N N 155 
HIS HE2  H N N 156 
HIS HXT  H N N 157 
ILE N    N N N 158 
ILE CA   C N S 159 
ILE C    C N N 160 
ILE O    O N N 161 
ILE CB   C N S 162 
ILE CG1  C N N 163 
ILE CG2  C N N 164 
ILE CD1  C N N 165 
ILE OXT  O N N 166 
ILE H    H N N 167 
ILE H2   H N N 168 
ILE HA   H N N 169 
ILE HB   H N N 170 
ILE HG12 H N N 171 
ILE HG13 H N N 172 
ILE HG21 H N N 173 
ILE HG22 H N N 174 
ILE HG23 H N N 175 
ILE HD11 H N N 176 
ILE HD12 H N N 177 
ILE HD13 H N N 178 
ILE HXT  H N N 179 
LEU N    N N N 180 
LEU CA   C N S 181 
LEU C    C N N 182 
LEU O    O N N 183 
LEU CB   C N N 184 
LEU CG   C N N 185 
LEU CD1  C N N 186 
LEU CD2  C N N 187 
LEU OXT  O N N 188 
LEU H    H N N 189 
LEU H2   H N N 190 
LEU HA   H N N 191 
LEU HB2  H N N 192 
LEU HB3  H N N 193 
LEU HG   H N N 194 
LEU HD11 H N N 195 
LEU HD12 H N N 196 
LEU HD13 H N N 197 
LEU HD21 H N N 198 
LEU HD22 H N N 199 
LEU HD23 H N N 200 
LEU HXT  H N N 201 
LYS N    N N N 202 
LYS CA   C N S 203 
LYS C    C N N 204 
LYS O    O N N 205 
LYS CB   C N N 206 
LYS CG   C N N 207 
LYS CD   C N N 208 
LYS CE   C N N 209 
LYS NZ   N N N 210 
LYS OXT  O N N 211 
LYS H    H N N 212 
LYS H2   H N N 213 
LYS HA   H N N 214 
LYS HB2  H N N 215 
LYS HB3  H N N 216 
LYS HG2  H N N 217 
LYS HG3  H N N 218 
LYS HD2  H N N 219 
LYS HD3  H N N 220 
LYS HE2  H N N 221 
LYS HE3  H N N 222 
LYS HZ1  H N N 223 
LYS HZ2  H N N 224 
LYS HZ3  H N N 225 
LYS HXT  H N N 226 
MET N    N N N 227 
MET CA   C N S 228 
MET C    C N N 229 
MET O    O N N 230 
MET CB   C N N 231 
MET CG   C N N 232 
MET SD   S N N 233 
MET CE   C N N 234 
MET OXT  O N N 235 
MET H    H N N 236 
MET H2   H N N 237 
MET HA   H N N 238 
MET HB2  H N N 239 
MET HB3  H N N 240 
MET HG2  H N N 241 
MET HG3  H N N 242 
MET HE1  H N N 243 
MET HE2  H N N 244 
MET HE3  H N N 245 
MET HXT  H N N 246 
PHE N    N N N 247 
PHE CA   C N S 248 
PHE C    C N N 249 
PHE O    O N N 250 
PHE CB   C N N 251 
PHE CG   C Y N 252 
PHE CD1  C Y N 253 
PHE CD2  C Y N 254 
PHE CE1  C Y N 255 
PHE CE2  C Y N 256 
PHE CZ   C Y N 257 
PHE OXT  O N N 258 
PHE H    H N N 259 
PHE H2   H N N 260 
PHE HA   H N N 261 
PHE HB2  H N N 262 
PHE HB3  H N N 263 
PHE HD1  H N N 264 
PHE HD2  H N N 265 
PHE HE1  H N N 266 
PHE HE2  H N N 267 
PHE HZ   H N N 268 
PHE HXT  H N N 269 
PRO N    N N N 270 
PRO CA   C N S 271 
PRO C    C N N 272 
PRO O    O N N 273 
PRO CB   C N N 274 
PRO CG   C N N 275 
PRO CD   C N N 276 
PRO OXT  O N N 277 
PRO H    H N N 278 
PRO HA   H N N 279 
PRO HB2  H N N 280 
PRO HB3  H N N 281 
PRO HG2  H N N 282 
PRO HG3  H N N 283 
PRO HD2  H N N 284 
PRO HD3  H N N 285 
PRO HXT  H N N 286 
SER N    N N N 287 
SER CA   C N S 288 
SER C    C N N 289 
SER O    O N N 290 
SER CB   C N N 291 
SER OG   O N N 292 
SER OXT  O N N 293 
SER H    H N N 294 
SER H2   H N N 295 
SER HA   H N N 296 
SER HB2  H N N 297 
SER HB3  H N N 298 
SER HG   H N N 299 
SER HXT  H N N 300 
THR N    N N N 301 
THR CA   C N S 302 
THR C    C N N 303 
THR O    O N N 304 
THR CB   C N R 305 
THR OG1  O N N 306 
THR CG2  C N N 307 
THR OXT  O N N 308 
THR H    H N N 309 
THR H2   H N N 310 
THR HA   H N N 311 
THR HB   H N N 312 
THR HG1  H N N 313 
THR HG21 H N N 314 
THR HG22 H N N 315 
THR HG23 H N N 316 
THR HXT  H N N 317 
TRP N    N N N 318 
TRP CA   C N S 319 
TRP C    C N N 320 
TRP O    O N N 321 
TRP CB   C N N 322 
TRP CG   C Y N 323 
TRP CD1  C Y N 324 
TRP CD2  C Y N 325 
TRP NE1  N Y N 326 
TRP CE2  C Y N 327 
TRP CE3  C Y N 328 
TRP CZ2  C Y N 329 
TRP CZ3  C Y N 330 
TRP CH2  C Y N 331 
TRP OXT  O N N 332 
TRP H    H N N 333 
TRP H2   H N N 334 
TRP HA   H N N 335 
TRP HB2  H N N 336 
TRP HB3  H N N 337 
TRP HD1  H N N 338 
TRP HE1  H N N 339 
TRP HE3  H N N 340 
TRP HZ2  H N N 341 
TRP HZ3  H N N 342 
TRP HH2  H N N 343 
TRP HXT  H N N 344 
TYR N    N N N 345 
TYR CA   C N S 346 
TYR C    C N N 347 
TYR O    O N N 348 
TYR CB   C N N 349 
TYR CG   C Y N 350 
TYR CD1  C Y N 351 
TYR CD2  C Y N 352 
TYR CE1  C Y N 353 
TYR CE2  C Y N 354 
TYR CZ   C Y N 355 
TYR OH   O N N 356 
TYR OXT  O N N 357 
TYR H    H N N 358 
TYR H2   H N N 359 
TYR HA   H N N 360 
TYR HB2  H N N 361 
TYR HB3  H N N 362 
TYR HD1  H N N 363 
TYR HD2  H N N 364 
TYR HE1  H N N 365 
TYR HE2  H N N 366 
TYR HH   H N N 367 
TYR HXT  H N N 368 
VAL N    N N N 369 
VAL CA   C N S 370 
VAL C    C N N 371 
VAL O    O N N 372 
VAL CB   C N N 373 
VAL CG1  C N N 374 
VAL CG2  C N N 375 
VAL OXT  O N N 376 
VAL H    H N N 377 
VAL H2   H N N 378 
VAL HA   H N N 379 
VAL HB   H N N 380 
VAL HG11 H N N 381 
VAL HG12 H N N 382 
VAL HG13 H N N 383 
VAL HG21 H N N 384 
VAL HG22 H N N 385 
VAL HG23 H N N 386 
VAL HXT  H N N 387 
# 
loop_
_chem_comp_bond.comp_id 
_chem_comp_bond.atom_id_1 
_chem_comp_bond.atom_id_2 
_chem_comp_bond.value_order 
_chem_comp_bond.pdbx_aromatic_flag 
_chem_comp_bond.pdbx_stereo_config 
_chem_comp_bond.pdbx_ordinal 
ALA N   CA   sing N N 1   
ALA N   H    sing N N 2   
ALA N   H2   sing N N 3   
ALA CA  C    sing N N 4   
ALA CA  CB   sing N N 5   
ALA CA  HA   sing N N 6   
ALA C   O    doub N N 7   
ALA C   OXT  sing N N 8   
ALA CB  HB1  sing N N 9   
ALA CB  HB2  sing N N 10  
ALA CB  HB3  sing N N 11  
ALA OXT HXT  sing N N 12  
ARG N   CA   sing N N 13  
ARG N   H    sing N N 14  
ARG N   H2   sing N N 15  
ARG CA  C    sing N N 16  
ARG CA  CB   sing N N 17  
ARG CA  HA   sing N N 18  
ARG C   O    doub N N 19  
ARG C   OXT  sing N N 20  
ARG CB  CG   sing N N 21  
ARG CB  HB2  sing N N 22  
ARG CB  HB3  sing N N 23  
ARG CG  CD   sing N N 24  
ARG CG  HG2  sing N N 25  
ARG CG  HG3  sing N N 26  
ARG CD  NE   sing N N 27  
ARG CD  HD2  sing N N 28  
ARG CD  HD3  sing N N 29  
ARG NE  CZ   sing N N 30  
ARG NE  HE   sing N N 31  
ARG CZ  NH1  sing N N 32  
ARG CZ  NH2  doub N N 33  
ARG NH1 HH11 sing N N 34  
ARG NH1 HH12 sing N N 35  
ARG NH2 HH21 sing N N 36  
ARG NH2 HH22 sing N N 37  
ARG OXT HXT  sing N N 38  
ASN N   CA   sing N N 39  
ASN N   H    sing N N 40  
ASN N   H2   sing N N 41  
ASN CA  C    sing N N 42  
ASN CA  CB   sing N N 43  
ASN CA  HA   sing N N 44  
ASN C   O    doub N N 45  
ASN C   OXT  sing N N 46  
ASN CB  CG   sing N N 47  
ASN CB  HB2  sing N N 48  
ASN CB  HB3  sing N N 49  
ASN CG  OD1  doub N N 50  
ASN CG  ND2  sing N N 51  
ASN ND2 HD21 sing N N 52  
ASN ND2 HD22 sing N N 53  
ASN OXT HXT  sing N N 54  
ASP N   CA   sing N N 55  
ASP N   H    sing N N 56  
ASP N   H2   sing N N 57  
ASP CA  C    sing N N 58  
ASP CA  CB   sing N N 59  
ASP CA  HA   sing N N 60  
ASP C   O    doub N N 61  
ASP C   OXT  sing N N 62  
ASP CB  CG   sing N N 63  
ASP CB  HB2  sing N N 64  
ASP CB  HB3  sing N N 65  
ASP CG  OD1  doub N N 66  
ASP CG  OD2  sing N N 67  
ASP OD2 HD2  sing N N 68  
ASP OXT HXT  sing N N 69  
CYS N   CA   sing N N 70  
CYS N   H    sing N N 71  
CYS N   H2   sing N N 72  
CYS CA  C    sing N N 73  
CYS CA  CB   sing N N 74  
CYS CA  HA   sing N N 75  
CYS C   O    doub N N 76  
CYS C   OXT  sing N N 77  
CYS CB  SG   sing N N 78  
CYS CB  HB2  sing N N 79  
CYS CB  HB3  sing N N 80  
CYS SG  HG   sing N N 81  
CYS OXT HXT  sing N N 82  
GLN N   CA   sing N N 83  
GLN N   H    sing N N 84  
GLN N   H2   sing N N 85  
GLN CA  C    sing N N 86  
GLN CA  CB   sing N N 87  
GLN CA  HA   sing N N 88  
GLN C   O    doub N N 89  
GLN C   OXT  sing N N 90  
GLN CB  CG   sing N N 91  
GLN CB  HB2  sing N N 92  
GLN CB  HB3  sing N N 93  
GLN CG  CD   sing N N 94  
GLN CG  HG2  sing N N 95  
GLN CG  HG3  sing N N 96  
GLN CD  OE1  doub N N 97  
GLN CD  NE2  sing N N 98  
GLN NE2 HE21 sing N N 99  
GLN NE2 HE22 sing N N 100 
GLN OXT HXT  sing N N 101 
GLU N   CA   sing N N 102 
GLU N   H    sing N N 103 
GLU N   H2   sing N N 104 
GLU CA  C    sing N N 105 
GLU CA  CB   sing N N 106 
GLU CA  HA   sing N N 107 
GLU C   O    doub N N 108 
GLU C   OXT  sing N N 109 
GLU CB  CG   sing N N 110 
GLU CB  HB2  sing N N 111 
GLU CB  HB3  sing N N 112 
GLU CG  CD   sing N N 113 
GLU CG  HG2  sing N N 114 
GLU CG  HG3  sing N N 115 
GLU CD  OE1  doub N N 116 
GLU CD  OE2  sing N N 117 
GLU OE2 HE2  sing N N 118 
GLU OXT HXT  sing N N 119 
GLY N   CA   sing N N 120 
GLY N   H    sing N N 121 
GLY N   H2   sing N N 122 
GLY CA  C    sing N N 123 
GLY CA  HA2  sing N N 124 
GLY CA  HA3  sing N N 125 
GLY C   O    doub N N 126 
GLY C   OXT  sing N N 127 
GLY OXT HXT  sing N N 128 
HIS N   CA   sing N N 129 
HIS N   H    sing N N 130 
HIS N   H2   sing N N 131 
HIS CA  C    sing N N 132 
HIS CA  CB   sing N N 133 
HIS CA  HA   sing N N 134 
HIS C   O    doub N N 135 
HIS C   OXT  sing N N 136 
HIS CB  CG   sing N N 137 
HIS CB  HB2  sing N N 138 
HIS CB  HB3  sing N N 139 
HIS CG  ND1  sing Y N 140 
HIS CG  CD2  doub Y N 141 
HIS ND1 CE1  doub Y N 142 
HIS ND1 HD1  sing N N 143 
HIS CD2 NE2  sing Y N 144 
HIS CD2 HD2  sing N N 145 
HIS CE1 NE2  sing Y N 146 
HIS CE1 HE1  sing N N 147 
HIS NE2 HE2  sing N N 148 
HIS OXT HXT  sing N N 149 
ILE N   CA   sing N N 150 
ILE N   H    sing N N 151 
ILE N   H2   sing N N 152 
ILE CA  C    sing N N 153 
ILE CA  CB   sing N N 154 
ILE CA  HA   sing N N 155 
ILE C   O    doub N N 156 
ILE C   OXT  sing N N 157 
ILE CB  CG1  sing N N 158 
ILE CB  CG2  sing N N 159 
ILE CB  HB   sing N N 160 
ILE CG1 CD1  sing N N 161 
ILE CG1 HG12 sing N N 162 
ILE CG1 HG13 sing N N 163 
ILE CG2 HG21 sing N N 164 
ILE CG2 HG22 sing N N 165 
ILE CG2 HG23 sing N N 166 
ILE CD1 HD11 sing N N 167 
ILE CD1 HD12 sing N N 168 
ILE CD1 HD13 sing N N 169 
ILE OXT HXT  sing N N 170 
LEU N   CA   sing N N 171 
LEU N   H    sing N N 172 
LEU N   H2   sing N N 173 
LEU CA  C    sing N N 174 
LEU CA  CB   sing N N 175 
LEU CA  HA   sing N N 176 
LEU C   O    doub N N 177 
LEU C   OXT  sing N N 178 
LEU CB  CG   sing N N 179 
LEU CB  HB2  sing N N 180 
LEU CB  HB3  sing N N 181 
LEU CG  CD1  sing N N 182 
LEU CG  CD2  sing N N 183 
LEU CG  HG   sing N N 184 
LEU CD1 HD11 sing N N 185 
LEU CD1 HD12 sing N N 186 
LEU CD1 HD13 sing N N 187 
LEU CD2 HD21 sing N N 188 
LEU CD2 HD22 sing N N 189 
LEU CD2 HD23 sing N N 190 
LEU OXT HXT  sing N N 191 
LYS N   CA   sing N N 192 
LYS N   H    sing N N 193 
LYS N   H2   sing N N 194 
LYS CA  C    sing N N 195 
LYS CA  CB   sing N N 196 
LYS CA  HA   sing N N 197 
LYS C   O    doub N N 198 
LYS C   OXT  sing N N 199 
LYS CB  CG   sing N N 200 
LYS CB  HB2  sing N N 201 
LYS CB  HB3  sing N N 202 
LYS CG  CD   sing N N 203 
LYS CG  HG2  sing N N 204 
LYS CG  HG3  sing N N 205 
LYS CD  CE   sing N N 206 
LYS CD  HD2  sing N N 207 
LYS CD  HD3  sing N N 208 
LYS CE  NZ   sing N N 209 
LYS CE  HE2  sing N N 210 
LYS CE  HE3  sing N N 211 
LYS NZ  HZ1  sing N N 212 
LYS NZ  HZ2  sing N N 213 
LYS NZ  HZ3  sing N N 214 
LYS OXT HXT  sing N N 215 
MET N   CA   sing N N 216 
MET N   H    sing N N 217 
MET N   H2   sing N N 218 
MET CA  C    sing N N 219 
MET CA  CB   sing N N 220 
MET CA  HA   sing N N 221 
MET C   O    doub N N 222 
MET C   OXT  sing N N 223 
MET CB  CG   sing N N 224 
MET CB  HB2  sing N N 225 
MET CB  HB3  sing N N 226 
MET CG  SD   sing N N 227 
MET CG  HG2  sing N N 228 
MET CG  HG3  sing N N 229 
MET SD  CE   sing N N 230 
MET CE  HE1  sing N N 231 
MET CE  HE2  sing N N 232 
MET CE  HE3  sing N N 233 
MET OXT HXT  sing N N 234 
PHE N   CA   sing N N 235 
PHE N   H    sing N N 236 
PHE N   H2   sing N N 237 
PHE CA  C    sing N N 238 
PHE CA  CB   sing N N 239 
PHE CA  HA   sing N N 240 
PHE C   O    doub N N 241 
PHE C   OXT  sing N N 242 
PHE CB  CG   sing N N 243 
PHE CB  HB2  sing N N 244 
PHE CB  HB3  sing N N 245 
PHE CG  CD1  doub Y N 246 
PHE CG  CD2  sing Y N 247 
PHE CD1 CE1  sing Y N 248 
PHE CD1 HD1  sing N N 249 
PHE CD2 CE2  doub Y N 250 
PHE CD2 HD2  sing N N 251 
PHE CE1 CZ   doub Y N 252 
PHE CE1 HE1  sing N N 253 
PHE CE2 CZ   sing Y N 254 
PHE CE2 HE2  sing N N 255 
PHE CZ  HZ   sing N N 256 
PHE OXT HXT  sing N N 257 
PRO N   CA   sing N N 258 
PRO N   CD   sing N N 259 
PRO N   H    sing N N 260 
PRO CA  C    sing N N 261 
PRO CA  CB   sing N N 262 
PRO CA  HA   sing N N 263 
PRO C   O    doub N N 264 
PRO C   OXT  sing N N 265 
PRO CB  CG   sing N N 266 
PRO CB  HB2  sing N N 267 
PRO CB  HB3  sing N N 268 
PRO CG  CD   sing N N 269 
PRO CG  HG2  sing N N 270 
PRO CG  HG3  sing N N 271 
PRO CD  HD2  sing N N 272 
PRO CD  HD3  sing N N 273 
PRO OXT HXT  sing N N 274 
SER N   CA   sing N N 275 
SER N   H    sing N N 276 
SER N   H2   sing N N 277 
SER CA  C    sing N N 278 
SER CA  CB   sing N N 279 
SER CA  HA   sing N N 280 
SER C   O    doub N N 281 
SER C   OXT  sing N N 282 
SER CB  OG   sing N N 283 
SER CB  HB2  sing N N 284 
SER CB  HB3  sing N N 285 
SER OG  HG   sing N N 286 
SER OXT HXT  sing N N 287 
THR N   CA   sing N N 288 
THR N   H    sing N N 289 
THR N   H2   sing N N 290 
THR CA  C    sing N N 291 
THR CA  CB   sing N N 292 
THR CA  HA   sing N N 293 
THR C   O    doub N N 294 
THR C   OXT  sing N N 295 
THR CB  OG1  sing N N 296 
THR CB  CG2  sing N N 297 
THR CB  HB   sing N N 298 
THR OG1 HG1  sing N N 299 
THR CG2 HG21 sing N N 300 
THR CG2 HG22 sing N N 301 
THR CG2 HG23 sing N N 302 
THR OXT HXT  sing N N 303 
TRP N   CA   sing N N 304 
TRP N   H    sing N N 305 
TRP N   H2   sing N N 306 
TRP CA  C    sing N N 307 
TRP CA  CB   sing N N 308 
TRP CA  HA   sing N N 309 
TRP C   O    doub N N 310 
TRP C   OXT  sing N N 311 
TRP CB  CG   sing N N 312 
TRP CB  HB2  sing N N 313 
TRP CB  HB3  sing N N 314 
TRP CG  CD1  doub Y N 315 
TRP CG  CD2  sing Y N 316 
TRP CD1 NE1  sing Y N 317 
TRP CD1 HD1  sing N N 318 
TRP CD2 CE2  doub Y N 319 
TRP CD2 CE3  sing Y N 320 
TRP NE1 CE2  sing Y N 321 
TRP NE1 HE1  sing N N 322 
TRP CE2 CZ2  sing Y N 323 
TRP CE3 CZ3  doub Y N 324 
TRP CE3 HE3  sing N N 325 
TRP CZ2 CH2  doub Y N 326 
TRP CZ2 HZ2  sing N N 327 
TRP CZ3 CH2  sing Y N 328 
TRP CZ3 HZ3  sing N N 329 
TRP CH2 HH2  sing N N 330 
TRP OXT HXT  sing N N 331 
TYR N   CA   sing N N 332 
TYR N   H    sing N N 333 
TYR N   H2   sing N N 334 
TYR CA  C    sing N N 335 
TYR CA  CB   sing N N 336 
TYR CA  HA   sing N N 337 
TYR C   O    doub N N 338 
TYR C   OXT  sing N N 339 
TYR CB  CG   sing N N 340 
TYR CB  HB2  sing N N 341 
TYR CB  HB3  sing N N 342 
TYR CG  CD1  doub Y N 343 
TYR CG  CD2  sing Y N 344 
TYR CD1 CE1  sing Y N 345 
TYR CD1 HD1  sing N N 346 
TYR CD2 CE2  doub Y N 347 
TYR CD2 HD2  sing N N 348 
TYR CE1 CZ   doub Y N 349 
TYR CE1 HE1  sing N N 350 
TYR CE2 CZ   sing Y N 351 
TYR CE2 HE2  sing N N 352 
TYR CZ  OH   sing N N 353 
TYR OH  HH   sing N N 354 
TYR OXT HXT  sing N N 355 
VAL N   CA   sing N N 356 
VAL N   H    sing N N 357 
VAL N   H2   sing N N 358 
VAL CA  C    sing N N 359 
VAL CA  CB   sing N N 360 
VAL CA  HA   sing N N 361 
VAL C   O    doub N N 362 
VAL C   OXT  sing N N 363 
VAL CB  CG1  sing N N 364 
VAL CB  CG2  sing N N 365 
VAL CB  HB   sing N N 366 
VAL CG1 HG11 sing N N 367 
VAL CG1 HG12 sing N N 368 
VAL CG1 HG13 sing N N 369 
VAL CG2 HG21 sing N N 370 
VAL CG2 HG22 sing N N 371 
VAL CG2 HG23 sing N N 372 
VAL OXT HXT  sing N N 373 
# 
loop_
_pdbx_nmr_spectrometer.spectrometer_id 
_pdbx_nmr_spectrometer.model 
_pdbx_nmr_spectrometer.manufacturer 
_pdbx_nmr_spectrometer.field_strength 
_pdbx_nmr_spectrometer.type 
1 AVANCE Bruker 500 ? 
2 AVANCE Bruker 600 ? 
# 
_atom_sites.entry_id                    1Z7R 
_atom_sites.fract_transf_matrix[1][1]   1.000000 
_atom_sites.fract_transf_matrix[1][2]   0.000000 
_atom_sites.fract_transf_matrix[1][3]   0.000000 
_atom_sites.fract_transf_matrix[2][1]   0.000000 
_atom_sites.fract_transf_matrix[2][2]   1.000000 
_atom_sites.fract_transf_matrix[2][3]   0.000000 
_atom_sites.fract_transf_matrix[3][1]   0.000000 
_atom_sites.fract_transf_matrix[3][2]   0.000000 
_atom_sites.fract_transf_matrix[3][3]   1.000000 
_atom_sites.fract_transf_vector[1]      0.00000 
_atom_sites.fract_transf_vector[2]      0.00000 
_atom_sites.fract_transf_vector[3]      0.00000 
# 
loop_
_atom_type.symbol 
C 
H 
N 
O 
S 
# 
loop_
_atom_site.group_PDB 
_atom_site.id 
_atom_site.type_symbol 
_atom_site.label_atom_id 
_atom_site.label_alt_id 
_atom_site.label_comp_id 
_atom_site.label_asym_id 
_atom_site.label_entity_id 
_atom_site.label_seq_id 
_atom_site.pdbx_PDB_ins_code 
_atom_site.Cartn_x 
_atom_site.Cartn_y 
_atom_site.Cartn_z 
_atom_site.occupancy 
_atom_site.B_iso_or_equiv 
_atom_site.pdbx_formal_charge 
_atom_site.auth_seq_id 
_atom_site.auth_comp_id 
_atom_site.auth_asym_id 
_atom_site.auth_atom_id 
_atom_site.pdbx_PDB_model_num 
ATOM 1    N N    . MET A 1 1   ? 27.263  -6.257  -10.648 1.00 10.00 ? 1   MET A N    1 
ATOM 2    C CA   . MET A 1 1   ? 26.331  -5.122  -10.871 1.00 10.00 ? 1   MET A CA   1 
ATOM 3    C C    . MET A 1 1   ? 26.132  -4.275  -9.604  1.00 10.00 ? 1   MET A C    1 
ATOM 4    O O    . MET A 1 1   ? 26.637  -3.152  -9.592  1.00 10.00 ? 1   MET A O    1 
ATOM 5    C CB   . MET A 1 1   ? 25.033  -5.507  -11.628 1.00 10.00 ? 1   MET A CB   1 
ATOM 6    C CG   . MET A 1 1   ? 24.131  -6.608  -11.038 1.00 10.00 ? 1   MET A CG   1 
ATOM 7    S SD   . MET A 1 1   ? 23.080  -7.450  -12.267 1.00 10.00 ? 1   MET A SD   1 
ATOM 8    C CE   . MET A 1 1   ? 21.860  -6.169  -12.684 1.00 10.00 ? 1   MET A CE   1 
ATOM 9    H H1   . MET A 1 1   ? 28.130  -5.912  -10.266 1.00 10.00 ? 1   MET A H1   1 
ATOM 10   H H2   . MET A 1 1   ? 26.880  -6.929  -10.003 1.00 10.00 ? 1   MET A H2   1 
ATOM 11   H H3   . MET A 1 1   ? 27.465  -6.720  -11.520 1.00 10.00 ? 1   MET A H3   1 
ATOM 12   H HA   . MET A 1 1   ? 26.853  -4.453  -11.558 1.00 10.00 ? 1   MET A HA   1 
ATOM 13   H HB2  . MET A 1 1   ? 24.431  -4.607  -11.764 1.00 10.00 ? 1   MET A HB2  1 
ATOM 14   H HB3  . MET A 1 1   ? 25.332  -5.833  -12.626 1.00 10.00 ? 1   MET A HB3  1 
ATOM 15   H HG2  . MET A 1 1   ? 24.754  -7.377  -10.583 1.00 10.00 ? 1   MET A HG2  1 
ATOM 16   H HG3  . MET A 1 1   ? 23.494  -6.184  -10.263 1.00 10.00 ? 1   MET A HG3  1 
ATOM 17   H HE1  . MET A 1 1   ? 22.322  -5.183  -12.674 1.00 10.00 ? 1   MET A HE1  1 
ATOM 18   H HE2  . MET A 1 1   ? 21.046  -6.196  -11.961 1.00 10.00 ? 1   MET A HE2  1 
ATOM 19   H HE3  . MET A 1 1   ? 21.452  -6.364  -13.675 1.00 10.00 ? 1   MET A HE3  1 
ATOM 20   N N    . ALA A 1 2   ? 25.435  -4.788  -8.569  1.00 10.00 ? 2   ALA A N    1 
ATOM 21   C CA   . ALA A 1 2   ? 25.093  -4.200  -7.250  1.00 10.00 ? 2   ALA A CA   1 
ATOM 22   C C    . ALA A 1 2   ? 23.645  -4.525  -6.867  1.00 10.00 ? 2   ALA A C    1 
ATOM 23   O O    . ALA A 1 2   ? 23.275  -4.414  -5.698  1.00 10.00 ? 2   ALA A O    1 
ATOM 24   C CB   . ALA A 1 2   ? 25.302  -2.680  -7.126  1.00 10.00 ? 2   ALA A CB   1 
ATOM 25   H H    . ALA A 1 2   ? 25.114  -5.742  -8.661  1.00 10.00 ? 2   ALA A H    1 
ATOM 26   H HA   . ALA A 1 2   ? 25.733  -4.674  -6.503  1.00 10.00 ? 2   ALA A HA   1 
ATOM 27   H HB1  . ALA A 1 2   ? 24.743  -2.159  -7.904  1.00 10.00 ? 2   ALA A HB1  1 
ATOM 28   H HB2  . ALA A 1 2   ? 26.361  -2.432  -7.192  1.00 10.00 ? 2   ALA A HB2  1 
ATOM 29   H HB3  . ALA A 1 2   ? 24.941  -2.340  -6.153  1.00 10.00 ? 2   ALA A HB3  1 
ATOM 30   N N    . SER A 1 3   ? 22.819  -4.927  -7.834  1.00 10.00 ? 3   SER A N    1 
ATOM 31   C CA   . SER A 1 3   ? 21.382  -5.068  -7.677  1.00 10.00 ? 3   SER A CA   1 
ATOM 32   C C    . SER A 1 3   ? 20.933  -5.996  -6.553  1.00 10.00 ? 3   SER A C    1 
ATOM 33   O O    . SER A 1 3   ? 19.852  -5.767  -6.035  1.00 10.00 ? 3   SER A O    1 
ATOM 34   C CB   . SER A 1 3   ? 20.770  -5.465  -9.020  1.00 10.00 ? 3   SER A CB   1 
ATOM 35   O OG   . SER A 1 3   ? 21.248  -4.580  -10.024 1.00 10.00 ? 3   SER A OG   1 
ATOM 36   H H    . SER A 1 3   ? 23.132  -4.891  -8.793  1.00 10.00 ? 3   SER A H    1 
ATOM 37   H HA   . SER A 1 3   ? 20.996  -4.085  -7.425  1.00 10.00 ? 3   SER A HA   1 
ATOM 38   H HB2  . SER A 1 3   ? 21.064  -6.486  -9.268  1.00 10.00 ? 3   SER A HB2  1 
ATOM 39   H HB3  . SER A 1 3   ? 19.681  -5.413  -8.962  1.00 10.00 ? 3   SER A HB3  1 
ATOM 40   H HG   . SER A 1 3   ? 20.735  -3.758  -9.973  1.00 10.00 ? 3   SER A HG   1 
ATOM 41   N N    . LYS A 1 4   ? 21.714  -6.982  -6.099  1.00 10.00 ? 4   LYS A N    1 
ATOM 42   C CA   . LYS A 1 4   ? 21.324  -7.748  -4.905  1.00 10.00 ? 4   LYS A CA   1 
ATOM 43   C C    . LYS A 1 4   ? 21.298  -6.830  -3.678  1.00 10.00 ? 4   LYS A C    1 
ATOM 44   O O    . LYS A 1 4   ? 20.296  -6.790  -2.959  1.00 10.00 ? 4   LYS A O    1 
ATOM 45   C CB   . LYS A 1 4   ? 22.226  -8.984  -4.734  1.00 10.00 ? 4   LYS A CB   1 
ATOM 46   C CG   . LYS A 1 4   ? 21.932  -9.761  -3.435  1.00 10.00 ? 4   LYS A CG   1 
ATOM 47   C CD   . LYS A 1 4   ? 22.246  -11.264 -3.519  1.00 10.00 ? 4   LYS A CD   1 
ATOM 48   C CE   . LYS A 1 4   ? 23.659  -11.577 -4.035  1.00 10.00 ? 4   LYS A CE   1 
ATOM 49   N NZ   . LYS A 1 4   ? 23.924  -13.038 -4.080  1.00 10.00 ? 4   LYS A NZ   1 
ATOM 50   H H    . LYS A 1 4   ? 22.611  -7.138  -6.532  1.00 10.00 ? 4   LYS A H    1 
ATOM 51   H HA   . LYS A 1 4   ? 20.302  -8.104  -5.053  1.00 10.00 ? 4   LYS A HA   1 
ATOM 52   H HB2  . LYS A 1 4   ? 22.051  -9.639  -5.589  1.00 10.00 ? 4   LYS A HB2  1 
ATOM 53   H HB3  . LYS A 1 4   ? 23.275  -8.683  -4.736  1.00 10.00 ? 4   LYS A HB3  1 
ATOM 54   H HG2  . LYS A 1 4   ? 22.513  -9.319  -2.623  1.00 10.00 ? 4   LYS A HG2  1 
ATOM 55   H HG3  . LYS A 1 4   ? 20.875  -9.663  -3.183  1.00 10.00 ? 4   LYS A HG3  1 
ATOM 56   H HD2  . LYS A 1 4   ? 22.123  -11.694 -2.523  1.00 10.00 ? 4   LYS A HD2  1 
ATOM 57   H HD3  . LYS A 1 4   ? 21.515  -11.731 -4.182  1.00 10.00 ? 4   LYS A HD3  1 
ATOM 58   H HE2  . LYS A 1 4   ? 23.768  -11.163 -5.040  1.00 10.00 ? 4   LYS A HE2  1 
ATOM 59   H HE3  . LYS A 1 4   ? 24.393  -11.093 -3.386  1.00 10.00 ? 4   LYS A HE3  1 
ATOM 60   H HZ1  . LYS A 1 4   ? 24.836  -13.225 -4.470  1.00 10.00 ? 4   LYS A HZ1  1 
ATOM 61   H HZ2  . LYS A 1 4   ? 23.897  -13.445 -3.158  1.00 10.00 ? 4   LYS A HZ2  1 
ATOM 62   H HZ3  . LYS A 1 4   ? 23.245  -13.516 -4.655  1.00 10.00 ? 4   LYS A HZ3  1 
ATOM 63   N N    . GLN A 1 5   ? 22.363  -6.054  -3.461  1.00 10.00 ? 5   GLN A N    1 
ATOM 64   C CA   . GLN A 1 5   ? 22.427  -5.128  -2.339  1.00 10.00 ? 5   GLN A CA   1 
ATOM 65   C C    . GLN A 1 5   ? 21.412  -4.000  -2.536  1.00 10.00 ? 5   GLN A C    1 
ATOM 66   O O    . GLN A 1 5   ? 20.762  -3.604  -1.573  1.00 10.00 ? 5   GLN A O    1 
ATOM 67   C CB   . GLN A 1 5   ? 23.852  -4.570  -2.179  1.00 10.00 ? 5   GLN A CB   1 
ATOM 68   C CG   . GLN A 1 5   ? 24.034  -3.885  -0.815  1.00 10.00 ? 5   GLN A CG   1 
ATOM 69   C CD   . GLN A 1 5   ? 25.361  -3.127  -0.710  1.00 10.00 ? 5   GLN A CD   1 
ATOM 70   O OE1  . GLN A 1 5   ? 26.437  -3.671  -0.947  1.00 10.00 ? 5   GLN A OE1  1 
ATOM 71   N NE2  . GLN A 1 5   ? 25.319  -1.853  -0.352  1.00 10.00 ? 5   GLN A NE2  1 
ATOM 72   H H    . GLN A 1 5   ? 23.116  -6.036  -4.135  1.00 10.00 ? 5   GLN A H    1 
ATOM 73   H HA   . GLN A 1 5   ? 22.164  -5.677  -1.433  1.00 10.00 ? 5   GLN A HA   1 
ATOM 74   H HB2  . GLN A 1 5   ? 24.570  -5.387  -2.255  1.00 10.00 ? 5   GLN A HB2  1 
ATOM 75   H HB3  . GLN A 1 5   ? 24.054  -3.853  -2.978  1.00 10.00 ? 5   GLN A HB3  1 
ATOM 76   H HG2  . GLN A 1 5   ? 23.216  -3.183  -0.647  1.00 10.00 ? 5   GLN A HG2  1 
ATOM 77   H HG3  . GLN A 1 5   ? 23.992  -4.636  -0.024  1.00 10.00 ? 5   GLN A HG3  1 
ATOM 78   H HE21 . GLN A 1 5   ? 24.432  -1.409  -0.155  1.00 10.00 ? 5   GLN A HE21 1 
ATOM 79   H HE22 . GLN A 1 5   ? 26.170  -1.315  -0.269  1.00 10.00 ? 5   GLN A HE22 1 
ATOM 80   N N    . GLU A 1 6   ? 21.244  -3.479  -3.755  1.00 10.00 ? 6   GLU A N    1 
ATOM 81   C CA   . GLU A 1 6   ? 20.322  -2.366  -3.975  1.00 10.00 ? 6   GLU A CA   1 
ATOM 82   C C    . GLU A 1 6   ? 18.867  -2.830  -3.886  1.00 10.00 ? 6   GLU A C    1 
ATOM 83   O O    . GLU A 1 6   ? 18.027  -2.066  -3.422  1.00 10.00 ? 6   GLU A O    1 
ATOM 84   C CB   . GLU A 1 6   ? 20.596  -1.646  -5.301  1.00 10.00 ? 6   GLU A CB   1 
ATOM 85   C CG   . GLU A 1 6   ? 21.837  -0.748  -5.210  1.00 10.00 ? 6   GLU A CG   1 
ATOM 86   C CD   . GLU A 1 6   ? 21.947  0.189   -6.425  1.00 10.00 ? 6   GLU A CD   1 
ATOM 87   O OE1  . GLU A 1 6   ? 21.200  1.193   -6.488  1.00 10.00 ? 6   GLU A OE1  1 
ATOM 88   O OE2  . GLU A 1 6   ? 22.798  -0.047  -7.311  1.00 10.00 ? 6   GLU A OE2  1 
ATOM 89   H H    . GLU A 1 6   ? 21.792  -3.828  -4.535  1.00 10.00 ? 6   GLU A H    1 
ATOM 90   H HA   . GLU A 1 6   ? 20.466  -1.643  -3.170  1.00 10.00 ? 6   GLU A HA   1 
ATOM 91   H HB2  . GLU A 1 6   ? 20.717  -2.369  -6.105  1.00 10.00 ? 6   GLU A HB2  1 
ATOM 92   H HB3  . GLU A 1 6   ? 19.735  -1.016  -5.529  1.00 10.00 ? 6   GLU A HB3  1 
ATOM 93   H HG2  . GLU A 1 6   ? 21.769  -0.139  -4.305  1.00 10.00 ? 6   GLU A HG2  1 
ATOM 94   H HG3  . GLU A 1 6   ? 22.729  -1.372  -5.126  1.00 10.00 ? 6   GLU A HG3  1 
ATOM 95   N N    . LEU A 1 7   ? 18.557  -4.073  -4.260  1.00 10.00 ? 7   LEU A N    1 
ATOM 96   C CA   . LEU A 1 7   ? 17.237  -4.662  -4.070  1.00 10.00 ? 7   LEU A CA   1 
ATOM 97   C C    . LEU A 1 7   ? 16.974  -4.844  -2.581  1.00 10.00 ? 7   LEU A C    1 
ATOM 98   O O    . LEU A 1 7   ? 15.870  -4.559  -2.133  1.00 10.00 ? 7   LEU A O    1 
ATOM 99   C CB   . LEU A 1 7   ? 17.150  -6.011  -4.798  1.00 10.00 ? 7   LEU A CB   1 
ATOM 100  C CG   . LEU A 1 7   ? 15.756  -6.655  -4.803  1.00 10.00 ? 7   LEU A CG   1 
ATOM 101  C CD1  . LEU A 1 7   ? 14.815  -5.886  -5.738  1.00 10.00 ? 7   LEU A CD1  1 
ATOM 102  C CD2  . LEU A 1 7   ? 15.880  -8.099  -5.299  1.00 10.00 ? 7   LEU A CD2  1 
ATOM 103  H H    . LEU A 1 7   ? 19.272  -4.663  -4.670  1.00 10.00 ? 7   LEU A H    1 
ATOM 104  H HA   . LEU A 1 7   ? 16.495  -3.980  -4.483  1.00 10.00 ? 7   LEU A HA   1 
ATOM 105  H HB2  . LEU A 1 7   ? 17.441  -5.866  -5.837  1.00 10.00 ? 7   LEU A HB2  1 
ATOM 106  H HB3  . LEU A 1 7   ? 17.859  -6.699  -4.333  1.00 10.00 ? 7   LEU A HB3  1 
ATOM 107  H HG   . LEU A 1 7   ? 15.337  -6.672  -3.798  1.00 10.00 ? 7   LEU A HG   1 
ATOM 108  H HD11 . LEU A 1 7   ? 13.875  -6.426  -5.830  1.00 10.00 ? 7   LEU A HD11 1 
ATOM 109  H HD12 . LEU A 1 7   ? 14.620  -4.891  -5.336  1.00 10.00 ? 7   LEU A HD12 1 
ATOM 110  H HD13 . LEU A 1 7   ? 15.261  -5.788  -6.728  1.00 10.00 ? 7   LEU A HD13 1 
ATOM 111  H HD21 . LEU A 1 7   ? 16.316  -8.117  -6.299  1.00 10.00 ? 7   LEU A HD21 1 
ATOM 112  H HD22 . LEU A 1 7   ? 16.522  -8.663  -4.621  1.00 10.00 ? 7   LEU A HD22 1 
ATOM 113  H HD23 . LEU A 1 7   ? 14.900  -8.570  -5.321  1.00 10.00 ? 7   LEU A HD23 1 
ATOM 114  N N    . ASP A 1 8   ? 17.970  -5.278  -1.801  1.00 10.00 ? 8   ASP A N    1 
ATOM 115  C CA   . ASP A 1 8   ? 17.830  -5.375  -0.348  1.00 10.00 ? 8   ASP A CA   1 
ATOM 116  C C    . ASP A 1 8   ? 17.665  -3.996  0.299   1.00 10.00 ? 8   ASP A C    1 
ATOM 117  O O    . ASP A 1 8   ? 16.844  -3.832  1.201   1.00 10.00 ? 8   ASP A O    1 
ATOM 118  C CB   . ASP A 1 8   ? 19.028  -6.109  0.261   1.00 10.00 ? 8   ASP A CB   1 
ATOM 119  C CG   . ASP A 1 8   ? 18.919  -6.162  1.794   1.00 10.00 ? 8   ASP A CG   1 
ATOM 120  O OD1  . ASP A 1 8   ? 18.123  -6.974  2.317   1.00 10.00 ? 8   ASP A OD1  1 
ATOM 121  O OD2  . ASP A 1 8   ? 19.659  -5.424  2.483   1.00 10.00 ? 8   ASP A OD2  1 
ATOM 122  H H    . ASP A 1 8   ? 18.850  -5.569  -2.222  1.00 10.00 ? 8   ASP A H    1 
ATOM 123  H HA   . ASP A 1 8   ? 16.931  -5.951  -0.131  1.00 10.00 ? 8   ASP A HA   1 
ATOM 124  H HB2  . ASP A 1 8   ? 19.067  -7.124  -0.140  1.00 10.00 ? 8   ASP A HB2  1 
ATOM 125  H HB3  . ASP A 1 8   ? 19.951  -5.601  -0.023  1.00 10.00 ? 8   ASP A HB3  1 
ATOM 126  N N    . ALA A 1 9   ? 18.382  -2.978  -0.183  1.00 10.00 ? 9   ALA A N    1 
ATOM 127  C CA   . ALA A 1 9   ? 18.223  -1.613  0.301   1.00 10.00 ? 9   ALA A CA   1 
ATOM 128  C C    . ALA A 1 9   ? 16.838  -1.072  -0.063  1.00 10.00 ? 9   ALA A C    1 
ATOM 129  O O    . ALA A 1 9   ? 16.176  -0.456  0.770   1.00 10.00 ? 9   ALA A O    1 
ATOM 130  C CB   . ALA A 1 9   ? 19.328  -0.717  -0.269  1.00 10.00 ? 9   ALA A CB   1 
ATOM 131  H H    . ALA A 1 9   ? 19.082  -3.162  -0.894  1.00 10.00 ? 9   ALA A H    1 
ATOM 132  H HA   . ALA A 1 9   ? 18.311  -1.632  1.387   1.00 10.00 ? 9   ALA A HA   1 
ATOM 133  H HB1  . ALA A 1 9   ? 19.247  -0.657  -1.353  1.00 10.00 ? 9   ALA A HB1  1 
ATOM 134  H HB2  . ALA A 1 9   ? 19.228  0.287   0.147   1.00 10.00 ? 9   ALA A HB2  1 
ATOM 135  H HB3  . ALA A 1 9   ? 20.307  -1.114  0.002   1.00 10.00 ? 9   ALA A HB3  1 
ATOM 136  N N    . ALA A 1 10  ? 16.371  -1.333  -1.286  1.00 10.00 ? 10  ALA A N    1 
ATOM 137  C CA   . ALA A 1 10  ? 15.041  -0.962  -1.739  1.00 10.00 ? 10  ALA A CA   1 
ATOM 138  C C    . ALA A 1 10  ? 13.963  -1.727  -0.964  1.00 10.00 ? 10  ALA A C    1 
ATOM 139  O O    . ALA A 1 10  ? 12.914  -1.160  -0.678  1.00 10.00 ? 10  ALA A O    1 
ATOM 140  C CB   . ALA A 1 10  ? 14.933  -1.205  -3.245  1.00 10.00 ? 10  ALA A CB   1 
ATOM 141  H H    . ALA A 1 10  ? 16.974  -1.806  -1.950  1.00 10.00 ? 10  ALA A H    1 
ATOM 142  H HA   . ALA A 1 10  ? 14.898  0.103   -1.556  1.00 10.00 ? 10  ALA A HA   1 
ATOM 143  H HB1  . ALA A 1 10  ? 15.162  -2.245  -3.479  1.00 10.00 ? 10  ALA A HB1  1 
ATOM 144  H HB2  . ALA A 1 10  ? 13.923  -0.982  -3.575  1.00 10.00 ? 10  ALA A HB2  1 
ATOM 145  H HB3  . ALA A 1 10  ? 15.630  -0.557  -3.777  1.00 10.00 ? 10  ALA A HB3  1 
ATOM 146  N N    . LEU A 1 11  ? 14.207  -2.980  -0.571  1.00 10.00 ? 11  LEU A N    1 
ATOM 147  C CA   . LEU A 1 11  ? 13.323  -3.741  0.306   1.00 10.00 ? 11  LEU A CA   1 
ATOM 148  C C    . LEU A 1 11  ? 13.251  -3.082  1.675   1.00 10.00 ? 11  LEU A C    1 
ATOM 149  O O    . LEU A 1 11  ? 12.159  -2.892  2.200   1.00 10.00 ? 11  LEU A O    1 
ATOM 150  C CB   . LEU A 1 11  ? 13.817  -5.195  0.413   1.00 10.00 ? 11  LEU A CB   1 
ATOM 151  C CG   . LEU A 1 11  ? 13.036  -6.061  1.421   1.00 10.00 ? 11  LEU A CG   1 
ATOM 152  C CD1  . LEU A 1 11  ? 11.585  -6.239  0.978   1.00 10.00 ? 11  LEU A CD1  1 
ATOM 153  C CD2  . LEU A 1 11  ? 13.717  -7.427  1.545   1.00 10.00 ? 11  LEU A CD2  1 
ATOM 154  H H    . LEU A 1 11  ? 15.046  -3.439  -0.910  1.00 10.00 ? 11  LEU A H    1 
ATOM 155  H HA   . LEU A 1 11  ? 12.319  -3.734  -0.112  1.00 10.00 ? 11  LEU A HA   1 
ATOM 156  H HB2  . LEU A 1 11  ? 13.767  -5.658  -0.574  1.00 10.00 ? 11  LEU A HB2  1 
ATOM 157  H HB3  . LEU A 1 11  ? 14.858  -5.191  0.721   1.00 10.00 ? 11  LEU A HB3  1 
ATOM 158  H HG   . LEU A 1 11  ? 13.051  -5.597  2.407   1.00 10.00 ? 11  LEU A HG   1 
ATOM 159  H HD11 . LEU A 1 11  ? 11.050  -5.290  1.034   1.00 10.00 ? 11  LEU A HD11 1 
ATOM 160  H HD12 . LEU A 1 11  ? 11.570  -6.600  -0.049  1.00 10.00 ? 11  LEU A HD12 1 
ATOM 161  H HD13 . LEU A 1 11  ? 11.077  -6.958  1.618   1.00 10.00 ? 11  LEU A HD13 1 
ATOM 162  H HD21 . LEU A 1 11  ? 13.171  -8.058  2.246   1.00 10.00 ? 11  LEU A HD21 1 
ATOM 163  H HD22 . LEU A 1 11  ? 13.752  -7.918  0.573   1.00 10.00 ? 11  LEU A HD22 1 
ATOM 164  H HD23 . LEU A 1 11  ? 14.736  -7.297  1.912   1.00 10.00 ? 11  LEU A HD23 1 
ATOM 165  N N    . LYS A 1 12  ? 14.391  -2.699  2.251   1.00 10.00 ? 12  LYS A N    1 
ATOM 166  C CA   . LYS A 1 12  ? 14.425  -2.010  3.536   1.00 10.00 ? 12  LYS A CA   1 
ATOM 167  C C    . LYS A 1 12  ? 13.677  -0.678  3.446   1.00 10.00 ? 12  LYS A C    1 
ATOM 168  O O    . LYS A 1 12  ? 12.859  -0.378  4.317   1.00 10.00 ? 12  LYS A O    1 
ATOM 169  C CB   . LYS A 1 12  ? 15.897  -1.877  3.958   1.00 10.00 ? 12  LYS A CB   1 
ATOM 170  C CG   . LYS A 1 12  ? 16.115  -1.215  5.324   1.00 10.00 ? 12  LYS A CG   1 
ATOM 171  C CD   . LYS A 1 12  ? 17.581  -1.403  5.741   1.00 10.00 ? 12  LYS A CD   1 
ATOM 172  C CE   . LYS A 1 12  ? 17.899  -0.652  7.039   1.00 10.00 ? 12  LYS A CE   1 
ATOM 173  N NZ   . LYS A 1 12  ? 19.273  -0.940  7.522   1.00 10.00 ? 12  LYS A NZ   1 
ATOM 174  H H    . LYS A 1 12  ? 15.272  -2.920  1.794   1.00 10.00 ? 12  LYS A H    1 
ATOM 175  H HA   . LYS A 1 12  ? 13.899  -2.634  4.258   1.00 10.00 ? 12  LYS A HA   1 
ATOM 176  H HB2  . LYS A 1 12  ? 16.324  -2.881  3.989   1.00 10.00 ? 12  LYS A HB2  1 
ATOM 177  H HB3  . LYS A 1 12  ? 16.442  -1.305  3.207   1.00 10.00 ? 12  LYS A HB3  1 
ATOM 178  H HG2  . LYS A 1 12  ? 15.882  -0.151  5.254   1.00 10.00 ? 12  LYS A HG2  1 
ATOM 179  H HG3  . LYS A 1 12  ? 15.464  -1.678  6.067   1.00 10.00 ? 12  LYS A HG3  1 
ATOM 180  H HD2  . LYS A 1 12  ? 17.770  -2.469  5.884   1.00 10.00 ? 12  LYS A HD2  1 
ATOM 181  H HD3  . LYS A 1 12  ? 18.234  -1.035  4.947   1.00 10.00 ? 12  LYS A HD3  1 
ATOM 182  H HE2  . LYS A 1 12  ? 17.791  0.420   6.859   1.00 10.00 ? 12  LYS A HE2  1 
ATOM 183  H HE3  . LYS A 1 12  ? 17.176  -0.944  7.804   1.00 10.00 ? 12  LYS A HE3  1 
ATOM 184  H HZ1  . LYS A 1 12  ? 19.965  -0.694  6.831   1.00 10.00 ? 12  LYS A HZ1  1 
ATOM 185  H HZ2  . LYS A 1 12  ? 19.475  -0.412  8.359   1.00 10.00 ? 12  LYS A HZ2  1 
ATOM 186  H HZ3  . LYS A 1 12  ? 19.384  -1.917  7.747   1.00 10.00 ? 12  LYS A HZ3  1 
ATOM 187  N N    . LYS A 1 13  ? 13.884  0.083   2.367   1.00 10.00 ? 13  LYS A N    1 
ATOM 188  C CA   . LYS A 1 13  ? 13.135  1.304   2.089   1.00 10.00 ? 13  LYS A CA   1 
ATOM 189  C C    . LYS A 1 13  ? 11.640  0.988   2.009   1.00 10.00 ? 13  LYS A C    1 
ATOM 190  O O    . LYS A 1 13  ? 10.851  1.661   2.662   1.00 10.00 ? 13  LYS A O    1 
ATOM 191  C CB   . LYS A 1 13  ? 13.661  1.945   0.791   1.00 10.00 ? 13  LYS A CB   1 
ATOM 192  C CG   . LYS A 1 13  ? 13.149  3.373   0.537   1.00 10.00 ? 13  LYS A CG   1 
ATOM 193  C CD   . LYS A 1 13  ? 13.962  4.433   1.292   1.00 10.00 ? 13  LYS A CD   1 
ATOM 194  C CE   . LYS A 1 13  ? 13.446  5.837   0.948   1.00 10.00 ? 13  LYS A CE   1 
ATOM 195  N NZ   . LYS A 1 13  ? 14.335  6.907   1.468   1.00 10.00 ? 13  LYS A NZ   1 
ATOM 196  H H    . LYS A 1 13  ? 14.599  -0.201  1.704   1.00 10.00 ? 13  LYS A H    1 
ATOM 197  H HA   . LYS A 1 13  ? 13.293  1.991   2.923   1.00 10.00 ? 13  LYS A HA   1 
ATOM 198  H HB2  . LYS A 1 13  ? 14.753  1.964   0.808   1.00 10.00 ? 13  LYS A HB2  1 
ATOM 199  H HB3  . LYS A 1 13  ? 13.364  1.322   -0.051  1.00 10.00 ? 13  LYS A HB3  1 
ATOM 200  H HG2  . LYS A 1 13  ? 13.238  3.578   -0.531  1.00 10.00 ? 13  LYS A HG2  1 
ATOM 201  H HG3  . LYS A 1 13  ? 12.096  3.448   0.809   1.00 10.00 ? 13  LYS A HG3  1 
ATOM 202  H HD2  . LYS A 1 13  ? 13.885  4.264   2.367   1.00 10.00 ? 13  LYS A HD2  1 
ATOM 203  H HD3  . LYS A 1 13  ? 15.010  4.350   0.992   1.00 10.00 ? 13  LYS A HD3  1 
ATOM 204  H HE2  . LYS A 1 13  ? 13.373  5.930   -0.138  1.00 10.00 ? 13  LYS A HE2  1 
ATOM 205  H HE3  . LYS A 1 13  ? 12.443  5.957   1.365   1.00 10.00 ? 13  LYS A HE3  1 
ATOM 206  H HZ1  . LYS A 1 13  ? 15.256  6.848   1.059   1.00 10.00 ? 13  LYS A HZ1  1 
ATOM 207  H HZ2  . LYS A 1 13  ? 13.965  7.820   1.247   1.00 10.00 ? 13  LYS A HZ2  1 
ATOM 208  H HZ3  . LYS A 1 13  ? 14.432  6.852   2.471   1.00 10.00 ? 13  LYS A HZ3  1 
ATOM 209  N N    . ALA A 1 14  ? 11.240  -0.038  1.253   1.00 10.00 ? 14  ALA A N    1 
ATOM 210  C CA   . ALA A 1 14  ? 9.842   -0.417  1.095   1.00 10.00 ? 14  ALA A CA   1 
ATOM 211  C C    . ALA A 1 14  ? 9.218   -0.819  2.431   1.00 10.00 ? 14  ALA A C    1 
ATOM 212  O O    . ALA A 1 14  ? 8.100   -0.401  2.708   1.00 10.00 ? 14  ALA A O    1 
ATOM 213  C CB   . ALA A 1 14  ? 9.697   -1.551  0.076   1.00 10.00 ? 14  ALA A CB   1 
ATOM 214  H H    . ALA A 1 14  ? 11.926  -0.546  0.706   1.00 10.00 ? 14  ALA A H    1 
ATOM 215  H HA   . ALA A 1 14  ? 9.300   0.447   0.714   1.00 10.00 ? 14  ALA A HA   1 
ATOM 216  H HB1  . ALA A 1 14  ? 10.184  -2.456  0.439   1.00 10.00 ? 14  ALA A HB1  1 
ATOM 217  H HB2  . ALA A 1 14  ? 8.637   -1.751  -0.073  1.00 10.00 ? 14  ALA A HB2  1 
ATOM 218  H HB3  . ALA A 1 14  ? 10.138  -1.259  -0.876  1.00 10.00 ? 14  ALA A HB3  1 
ATOM 219  N N    . LYS A 1 15  ? 9.915   -1.586  3.273   1.00 10.00 ? 15  LYS A N    1 
ATOM 220  C CA   . LYS A 1 15  ? 9.423   -1.968  4.596   1.00 10.00 ? 15  LYS A CA   1 
ATOM 221  C C    . LYS A 1 15  ? 9.203   -0.733  5.459   1.00 10.00 ? 15  LYS A C    1 
ATOM 222  O O    . LYS A 1 15  ? 8.166   -0.626  6.115   1.00 10.00 ? 15  LYS A O    1 
ATOM 223  C CB   . LYS A 1 15  ? 10.403  -2.936  5.280   1.00 10.00 ? 15  LYS A CB   1 
ATOM 224  C CG   . LYS A 1 15  ? 10.316  -4.358  4.709   1.00 10.00 ? 15  LYS A CG   1 
ATOM 225  C CD   . LYS A 1 15  ? 11.351  -5.282  5.364   1.00 10.00 ? 15  LYS A CD   1 
ATOM 226  C CE   . LYS A 1 15  ? 11.163  -6.723  4.870   1.00 10.00 ? 15  LYS A CE   1 
ATOM 227  N NZ   . LYS A 1 15  ? 12.092  -7.671  5.539   1.00 10.00 ? 15  LYS A NZ   1 
ATOM 228  H H    . LYS A 1 15  ? 10.818  -1.943  2.974   1.00 10.00 ? 15  LYS A H    1 
ATOM 229  H HA   . LYS A 1 15  ? 8.459   -2.461  4.482   1.00 10.00 ? 15  LYS A HA   1 
ATOM 230  H HB2  . LYS A 1 15  ? 11.421  -2.556  5.184   1.00 10.00 ? 15  LYS A HB2  1 
ATOM 231  H HB3  . LYS A 1 15  ? 10.155  -2.982  6.341   1.00 10.00 ? 15  LYS A HB3  1 
ATOM 232  H HG2  . LYS A 1 15  ? 9.320   -4.748  4.913   1.00 10.00 ? 15  LYS A HG2  1 
ATOM 233  H HG3  . LYS A 1 15  ? 10.474  -4.342  3.630   1.00 10.00 ? 15  LYS A HG3  1 
ATOM 234  H HD2  . LYS A 1 15  ? 12.355  -4.932  5.115   1.00 10.00 ? 15  LYS A HD2  1 
ATOM 235  H HD3  . LYS A 1 15  ? 11.221  -5.250  6.447   1.00 10.00 ? 15  LYS A HD3  1 
ATOM 236  H HE2  . LYS A 1 15  ? 10.132  -7.029  5.066   1.00 10.00 ? 15  LYS A HE2  1 
ATOM 237  H HE3  . LYS A 1 15  ? 11.322  -6.749  3.790   1.00 10.00 ? 15  LYS A HE3  1 
ATOM 238  H HZ1  . LYS A 1 15  ? 11.938  -7.690  6.537   1.00 10.00 ? 15  LYS A HZ1  1 
ATOM 239  H HZ2  . LYS A 1 15  ? 13.057  -7.424  5.376   1.00 10.00 ? 15  LYS A HZ2  1 
ATOM 240  H HZ3  . LYS A 1 15  ? 11.953  -8.612  5.198   1.00 10.00 ? 15  LYS A HZ3  1 
ATOM 241  N N    . GLU A 1 16  ? 10.150  0.205   5.455   1.00 10.00 ? 16  GLU A N    1 
ATOM 242  C CA   . GLU A 1 16  ? 10.030  1.429   6.230   1.00 10.00 ? 16  GLU A CA   1 
ATOM 243  C C    . GLU A 1 16  ? 8.853   2.264   5.711   1.00 10.00 ? 16  GLU A C    1 
ATOM 244  O O    . GLU A 1 16  ? 8.010   2.692   6.500   1.00 10.00 ? 16  GLU A O    1 
ATOM 245  C CB   . GLU A 1 16  ? 11.370  2.179   6.197   1.00 10.00 ? 16  GLU A CB   1 
ATOM 246  C CG   . GLU A 1 16  ? 11.353  3.425   7.091   1.00 10.00 ? 16  GLU A CG   1 
ATOM 247  C CD   . GLU A 1 16  ? 12.770  3.981   7.315   1.00 10.00 ? 16  GLU A CD   1 
ATOM 248  O OE1  . GLU A 1 16  ? 13.311  3.837   8.435   1.00 10.00 ? 16  GLU A OE1  1 
ATOM 249  O OE2  . GLU A 1 16  ? 13.352  4.585   6.385   1.00 10.00 ? 16  GLU A OE2  1 
ATOM 250  H H    . GLU A 1 16  ? 11.001  0.057   4.921   1.00 10.00 ? 16  GLU A H    1 
ATOM 251  H HA   . GLU A 1 16  ? 9.819   1.153   7.265   1.00 10.00 ? 16  GLU A HA   1 
ATOM 252  H HB2  . GLU A 1 16  ? 12.147  1.503   6.557   1.00 10.00 ? 16  GLU A HB2  1 
ATOM 253  H HB3  . GLU A 1 16  ? 11.611  2.468   5.174   1.00 10.00 ? 16  GLU A HB3  1 
ATOM 254  H HG2  . GLU A 1 16  ? 10.725  4.191   6.629   1.00 10.00 ? 16  GLU A HG2  1 
ATOM 255  H HG3  . GLU A 1 16  ? 10.909  3.163   8.054   1.00 10.00 ? 16  GLU A HG3  1 
ATOM 256  N N    . LEU A 1 17  ? 8.731   2.431   4.389   1.00 10.00 ? 17  LEU A N    1 
ATOM 257  C CA   . LEU A 1 17  ? 7.622   3.143   3.755   1.00 10.00 ? 17  LEU A CA   1 
ATOM 258  C C    . LEU A 1 17  ? 6.294   2.494   4.139   1.00 10.00 ? 17  LEU A C    1 
ATOM 259  O O    . LEU A 1 17  ? 5.389   3.191   4.590   1.00 10.00 ? 17  LEU A O    1 
ATOM 260  C CB   . LEU A 1 17  ? 7.784   3.156   2.222   1.00 10.00 ? 17  LEU A CB   1 
ATOM 261  C CG   . LEU A 1 17  ? 8.863   4.122   1.697   1.00 10.00 ? 17  LEU A CG   1 
ATOM 262  C CD1  . LEU A 1 17  ? 9.163   3.827   0.224   1.00 10.00 ? 17  LEU A CD1  1 
ATOM 263  C CD2  . LEU A 1 17  ? 8.438   5.590   1.837   1.00 10.00 ? 17  LEU A CD2  1 
ATOM 264  H H    . LEU A 1 17  ? 9.455   2.046   3.789   1.00 10.00 ? 17  LEU A H    1 
ATOM 265  H HA   . LEU A 1 17  ? 7.610   4.167   4.127   1.00 10.00 ? 17  LEU A HA   1 
ATOM 266  H HB2  . LEU A 1 17  ? 8.017   2.144   1.892   1.00 10.00 ? 17  LEU A HB2  1 
ATOM 267  H HB3  . LEU A 1 17  ? 6.828   3.430   1.772   1.00 10.00 ? 17  LEU A HB3  1 
ATOM 268  H HG   . LEU A 1 17  ? 9.782   3.975   2.259   1.00 10.00 ? 17  LEU A HG   1 
ATOM 269  H HD11 . LEU A 1 17  ? 9.520   2.803   0.117   1.00 10.00 ? 17  LEU A HD11 1 
ATOM 270  H HD12 . LEU A 1 17  ? 8.264   3.961   -0.374  1.00 10.00 ? 17  LEU A HD12 1 
ATOM 271  H HD13 . LEU A 1 17  ? 9.938   4.502   -0.142  1.00 10.00 ? 17  LEU A HD13 1 
ATOM 272  H HD21 . LEU A 1 17  ? 7.509   5.767   1.296   1.00 10.00 ? 17  LEU A HD21 1 
ATOM 273  H HD22 . LEU A 1 17  ? 8.306   5.847   2.887   1.00 10.00 ? 17  LEU A HD22 1 
ATOM 274  H HD23 . LEU A 1 17  ? 9.216   6.238   1.429   1.00 10.00 ? 17  LEU A HD23 1 
ATOM 275  N N    . ALA A 1 18  ? 6.203   1.165   4.032   1.00 10.00 ? 18  ALA A N    1 
ATOM 276  C CA   . ALA A 1 18  ? 5.034   0.362   4.375   1.00 10.00 ? 18  ALA A CA   1 
ATOM 277  C C    . ALA A 1 18  ? 4.645   0.477   5.855   1.00 10.00 ? 18  ALA A C    1 
ATOM 278  O O    . ALA A 1 18  ? 3.519   0.126   6.210   1.00 10.00 ? 18  ALA A O    1 
ATOM 279  C CB   . ALA A 1 18  ? 5.298   -1.105  4.020   1.00 10.00 ? 18  ALA A CB   1 
ATOM 280  H H    . ALA A 1 18  ? 7.007   0.661   3.673   1.00 10.00 ? 18  ALA A H    1 
ATOM 281  H HA   . ALA A 1 18  ? 4.197   0.707   3.771   1.00 10.00 ? 18  ALA A HA   1 
ATOM 282  H HB1  . ALA A 1 18  ? 5.534   -1.205  2.960   1.00 10.00 ? 18  ALA A HB1  1 
ATOM 283  H HB2  . ALA A 1 18  ? 6.130   -1.489  4.611   1.00 10.00 ? 18  ALA A HB2  1 
ATOM 284  H HB3  . ALA A 1 18  ? 4.410   -1.696  4.240   1.00 10.00 ? 18  ALA A HB3  1 
ATOM 285  N N    . SER A 1 19  ? 5.545   0.970   6.709   1.00 10.00 ? 19  SER A N    1 
ATOM 286  C CA   . SER A 1 19  ? 5.346   1.107   8.146   1.00 10.00 ? 19  SER A CA   1 
ATOM 287  C C    . SER A 1 19  ? 5.241   2.583   8.568   1.00 10.00 ? 19  SER A C    1 
ATOM 288  O O    . SER A 1 19  ? 5.016   2.867   9.746   1.00 10.00 ? 19  SER A O    1 
ATOM 289  C CB   . SER A 1 19  ? 6.504   0.402   8.870   1.00 10.00 ? 19  SER A CB   1 
ATOM 290  O OG   . SER A 1 19  ? 6.698   -0.916  8.383   1.00 10.00 ? 19  SER A OG   1 
ATOM 291  H H    . SER A 1 19  ? 6.460   1.223   6.354   1.00 10.00 ? 19  SER A H    1 
ATOM 292  H HA   . SER A 1 19  ? 4.417   0.612   8.433   1.00 10.00 ? 19  SER A HA   1 
ATOM 293  H HB2  . SER A 1 19  ? 7.423   0.972   8.722   1.00 10.00 ? 19  SER A HB2  1 
ATOM 294  H HB3  . SER A 1 19  ? 6.286   0.364   9.938   1.00 10.00 ? 19  SER A HB3  1 
ATOM 295  H HG   . SER A 1 19  ? 7.178   -0.838  7.534   1.00 10.00 ? 19  SER A HG   1 
ATOM 296  N N    . SER A 1 20  ? 5.386   3.528   7.631   1.00 10.00 ? 20  SER A N    1 
ATOM 297  C CA   . SER A 1 20  ? 5.377   4.960   7.917   1.00 10.00 ? 20  SER A CA   1 
ATOM 298  C C    . SER A 1 20  ? 3.959   5.505   8.167   1.00 10.00 ? 20  SER A C    1 
ATOM 299  O O    . SER A 1 20  ? 3.820   6.628   8.657   1.00 10.00 ? 20  SER A O    1 
ATOM 300  C CB   . SER A 1 20  ? 6.051   5.699   6.756   1.00 10.00 ? 20  SER A CB   1 
ATOM 301  O OG   . SER A 1 20  ? 7.416   5.334   6.636   1.00 10.00 ? 20  SER A OG   1 
ATOM 302  H H    . SER A 1 20  ? 5.545   3.248   6.668   1.00 10.00 ? 20  SER A H    1 
ATOM 303  H HA   . SER A 1 20  ? 5.962   5.137   8.820   1.00 10.00 ? 20  SER A HA   1 
ATOM 304  H HB2  . SER A 1 20  ? 5.529   5.471   5.827   1.00 10.00 ? 20  SER A HB2  1 
ATOM 305  H HB3  . SER A 1 20  ? 5.992   6.775   6.932   1.00 10.00 ? 20  SER A HB3  1 
ATOM 306  H HG   . SER A 1 20  ? 7.488   4.359   6.642   1.00 10.00 ? 20  SER A HG   1 
ATOM 307  N N    . ALA A 1 21  ? 2.909   4.736   7.854   1.00 10.00 ? 21  ALA A N    1 
ATOM 308  C CA   . ALA A 1 21  ? 1.510   5.077   8.098   1.00 10.00 ? 21  ALA A CA   1 
ATOM 309  C C    . ALA A 1 21  ? 0.717   3.777   8.298   1.00 10.00 ? 21  ALA A C    1 
ATOM 310  O O    . ALA A 1 21  ? 1.190   2.718   7.874   1.00 10.00 ? 21  ALA A O    1 
ATOM 311  C CB   . ALA A 1 21  ? 0.972   5.859   6.890   1.00 10.00 ? 21  ALA A CB   1 
ATOM 312  H H    . ALA A 1 21  ? 3.069   3.805   7.488   1.00 10.00 ? 21  ALA A H    1 
ATOM 313  H HA   . ALA A 1 21  ? 1.433   5.691   8.996   1.00 10.00 ? 21  ALA A HA   1 
ATOM 314  H HB1  . ALA A 1 21  ? 1.518   6.796   6.788   1.00 10.00 ? 21  ALA A HB1  1 
ATOM 315  H HB2  . ALA A 1 21  ? 1.093   5.265   5.986   1.00 10.00 ? 21  ALA A HB2  1 
ATOM 316  H HB3  . ALA A 1 21  ? -0.087  6.084   7.012   1.00 10.00 ? 21  ALA A HB3  1 
ATOM 317  N N    . PRO A 1 22  ? -0.490  3.827   8.895   1.00 10.00 ? 22  PRO A N    1 
ATOM 318  C CA   . PRO A 1 22  ? -1.311  2.637   9.108   1.00 10.00 ? 22  PRO A CA   1 
ATOM 319  C C    . PRO A 1 22  ? -1.865  2.041   7.808   1.00 10.00 ? 22  PRO A C    1 
ATOM 320  O O    . PRO A 1 22  ? -2.325  0.900   7.831   1.00 10.00 ? 22  PRO A O    1 
ATOM 321  C CB   . PRO A 1 22  ? -2.432  3.077   10.056  1.00 10.00 ? 22  PRO A CB   1 
ATOM 322  C CG   . PRO A 1 22  ? -2.572  4.570   9.768   1.00 10.00 ? 22  PRO A CG   1 
ATOM 323  C CD   . PRO A 1 22  ? -1.127  4.988   9.504   1.00 10.00 ? 22  PRO A CD   1 
ATOM 324  H HA   . PRO A 1 22  ? -0.713  1.871   9.603   1.00 10.00 ? 22  PRO A HA   1 
ATOM 325  H HB2  . PRO A 1 22  ? -3.363  2.538   9.881   1.00 10.00 ? 22  PRO A HB2  1 
ATOM 326  H HB3  . PRO A 1 22  ? -2.107  2.938   11.089  1.00 10.00 ? 22  PRO A HB3  1 
ATOM 327  H HG2  . PRO A 1 22  ? -3.163  4.721   8.864   1.00 10.00 ? 22  PRO A HG2  1 
ATOM 328  H HG3  . PRO A 1 22  ? -3.004  5.111   10.610  1.00 10.00 ? 22  PRO A HG3  1 
ATOM 329  H HD2  . PRO A 1 22  ? -1.112  5.865   8.859   1.00 10.00 ? 22  PRO A HD2  1 
ATOM 330  H HD3  . PRO A 1 22  ? -0.632  5.214   10.450  1.00 10.00 ? 22  PRO A HD3  1 
ATOM 331  N N    . VAL A 1 23  ? -1.817  2.762   6.684   1.00 10.00 ? 23  VAL A N    1 
ATOM 332  C CA   . VAL A 1 23  ? -2.187  2.275   5.359   1.00 10.00 ? 23  VAL A CA   1 
ATOM 333  C C    . VAL A 1 23  ? -1.196  2.906   4.389   1.00 10.00 ? 23  VAL A C    1 
ATOM 334  O O    . VAL A 1 23  ? -0.892  4.095   4.525   1.00 10.00 ? 23  VAL A O    1 
ATOM 335  C CB   . VAL A 1 23  ? -3.631  2.685   5.000   1.00 10.00 ? 23  VAL A CB   1 
ATOM 336  C CG1  . VAL A 1 23  ? -4.052  2.168   3.615   1.00 10.00 ? 23  VAL A CG1  1 
ATOM 337  C CG2  . VAL A 1 23  ? -4.657  2.235   6.043   1.00 10.00 ? 23  VAL A CG2  1 
ATOM 338  H H    . VAL A 1 23  ? -1.418  3.689   6.706   1.00 10.00 ? 23  VAL A H    1 
ATOM 339  H HA   . VAL A 1 23  ? -2.098  1.191   5.335   1.00 10.00 ? 23  VAL A HA   1 
ATOM 340  H HB   . VAL A 1 23  ? -3.673  3.769   4.974   1.00 10.00 ? 23  VAL A HB   1 
ATOM 341  H HG11 . VAL A 1 23  ? -3.449  2.634   2.836   1.00 10.00 ? 23  VAL A HG11 1 
ATOM 342  H HG12 . VAL A 1 23  ? -3.922  1.089   3.552   1.00 10.00 ? 23  VAL A HG12 1 
ATOM 343  H HG13 . VAL A 1 23  ? -5.097  2.414   3.426   1.00 10.00 ? 23  VAL A HG13 1 
ATOM 344  H HG21 . VAL A 1 23  ? -4.433  2.717   6.991   1.00 10.00 ? 23  VAL A HG21 1 
ATOM 345  H HG22 . VAL A 1 23  ? -5.653  2.546   5.735   1.00 10.00 ? 23  VAL A HG22 1 
ATOM 346  H HG23 . VAL A 1 23  ? -4.625  1.156   6.174   1.00 10.00 ? 23  VAL A HG23 1 
ATOM 347  N N    . VAL A 1 24  ? -0.704  2.144   3.414   1.00 10.00 ? 24  VAL A N    1 
ATOM 348  C CA   . VAL A 1 24  ? 0.278   2.616   2.445   1.00 10.00 ? 24  VAL A CA   1 
ATOM 349  C C    . VAL A 1 24  ? -0.102  2.040   1.079   1.00 10.00 ? 24  VAL A C    1 
ATOM 350  O O    . VAL A 1 24  ? -0.489  0.873   0.981   1.00 10.00 ? 24  VAL A O    1 
ATOM 351  C CB   . VAL A 1 24  ? 1.711   2.228   2.885   1.00 10.00 ? 24  VAL A CB   1 
ATOM 352  C CG1  . VAL A 1 24  ? 2.767   2.884   1.980   1.00 10.00 ? 24  VAL A CG1  1 
ATOM 353  C CG2  . VAL A 1 24  ? 1.998   2.638   4.340   1.00 10.00 ? 24  VAL A CG2  1 
ATOM 354  H H    . VAL A 1 24  ? -1.016  1.180   3.325   1.00 10.00 ? 24  VAL A H    1 
ATOM 355  H HA   . VAL A 1 24  ? 0.221   3.701   2.397   1.00 10.00 ? 24  VAL A HA   1 
ATOM 356  H HB   . VAL A 1 24  ? 1.826   1.148   2.817   1.00 10.00 ? 24  VAL A HB   1 
ATOM 357  H HG11 . VAL A 1 24  ? 2.666   3.969   2.002   1.00 10.00 ? 24  VAL A HG11 1 
ATOM 358  H HG12 . VAL A 1 24  ? 3.768   2.617   2.318   1.00 10.00 ? 24  VAL A HG12 1 
ATOM 359  H HG13 . VAL A 1 24  ? 2.659   2.531   0.954   1.00 10.00 ? 24  VAL A HG13 1 
ATOM 360  H HG21 . VAL A 1 24  ? 3.034   2.441   4.590   1.00 10.00 ? 24  VAL A HG21 1 
ATOM 361  H HG22 . VAL A 1 24  ? 1.806   3.698   4.478   1.00 10.00 ? 24  VAL A HG22 1 
ATOM 362  H HG23 . VAL A 1 24  ? 1.383   2.062   5.030   1.00 10.00 ? 24  VAL A HG23 1 
ATOM 363  N N    . VAL A 1 25  ? 0.004   2.865   0.035   1.00 10.00 ? 25  VAL A N    1 
ATOM 364  C CA   . VAL A 1 25  ? -0.434  2.554   -1.318  1.00 10.00 ? 25  VAL A CA   1 
ATOM 365  C C    . VAL A 1 25  ? 0.753   2.784   -2.257  1.00 10.00 ? 25  VAL A C    1 
ATOM 366  O O    . VAL A 1 25  ? 0.989   3.906   -2.720  1.00 10.00 ? 25  VAL A O    1 
ATOM 367  C CB   . VAL A 1 25  ? -1.672  3.407   -1.685  1.00 10.00 ? 25  VAL A CB   1 
ATOM 368  C CG1  . VAL A 1 25  ? -2.219  3.012   -3.066  1.00 10.00 ? 25  VAL A CG1  1 
ATOM 369  C CG2  . VAL A 1 25  ? -2.807  3.275   -0.655  1.00 10.00 ? 25  VAL A CG2  1 
ATOM 370  H H    . VAL A 1 25  ? 0.226   3.838   0.217   1.00 10.00 ? 25  VAL A H    1 
ATOM 371  H HA   . VAL A 1 25  ? -0.718  1.502   -1.375  1.00 10.00 ? 25  VAL A HA   1 
ATOM 372  H HB   . VAL A 1 25  ? -1.385  4.458   -1.720  1.00 10.00 ? 25  VAL A HB   1 
ATOM 373  H HG11 . VAL A 1 25  ? -3.093  3.617   -3.311  1.00 10.00 ? 25  VAL A HG11 1 
ATOM 374  H HG12 . VAL A 1 25  ? -1.460  3.186   -3.825  1.00 10.00 ? 25  VAL A HG12 1 
ATOM 375  H HG13 . VAL A 1 25  ? -2.490  1.957   -3.078  1.00 10.00 ? 25  VAL A HG13 1 
ATOM 376  H HG21 . VAL A 1 25  ? -2.486  3.658   0.314   1.00 10.00 ? 25  VAL A HG21 1 
ATOM 377  H HG22 . VAL A 1 25  ? -3.663  3.867   -0.977  1.00 10.00 ? 25  VAL A HG22 1 
ATOM 378  H HG23 . VAL A 1 25  ? -3.106  2.232   -0.552  1.00 10.00 ? 25  VAL A HG23 1 
ATOM 379  N N    . PHE A 1 26  ? 1.535   1.733   -2.512  1.00 10.00 ? 26  PHE A N    1 
ATOM 380  C CA   . PHE A 1 26  ? 2.548   1.776   -3.559  1.00 10.00 ? 26  PHE A CA   1 
ATOM 381  C C    . PHE A 1 26  ? 1.760   1.853   -4.864  1.00 10.00 ? 26  PHE A C    1 
ATOM 382  O O    . PHE A 1 26  ? 0.864   1.036   -5.090  1.00 10.00 ? 26  PHE A O    1 
ATOM 383  C CB   . PHE A 1 26  ? 3.465   0.551   -3.468  1.00 10.00 ? 26  PHE A CB   1 
ATOM 384  C CG   . PHE A 1 26  ? 4.257   0.495   -2.172  1.00 10.00 ? 26  PHE A CG   1 
ATOM 385  C CD1  . PHE A 1 26  ? 5.448   1.234   -2.033  1.00 10.00 ? 26  PHE A CD1  1 
ATOM 386  C CD2  . PHE A 1 26  ? 3.779   -0.263  -1.085  1.00 10.00 ? 26  PHE A CD2  1 
ATOM 387  C CE1  . PHE A 1 26  ? 6.153   1.223   -0.814  1.00 10.00 ? 26  PHE A CE1  1 
ATOM 388  C CE2  . PHE A 1 26  ? 4.485   -0.277  0.130   1.00 10.00 ? 26  PHE A CE2  1 
ATOM 389  C CZ   . PHE A 1 26  ? 5.671   0.466   0.266   1.00 10.00 ? 26  PHE A CZ   1 
ATOM 390  H H    . PHE A 1 26  ? 1.247   0.814   -2.187  1.00 10.00 ? 26  PHE A H    1 
ATOM 391  H HA   . PHE A 1 26  ? 3.148   2.678   -3.445  1.00 10.00 ? 26  PHE A HA   1 
ATOM 392  H HB2  . PHE A 1 26  ? 2.862   -0.352  -3.565  1.00 10.00 ? 26  PHE A HB2  1 
ATOM 393  H HB3  . PHE A 1 26  ? 4.161   0.574   -4.306  1.00 10.00 ? 26  PHE A HB3  1 
ATOM 394  H HD1  . PHE A 1 26  ? 5.820   1.823   -2.859  1.00 10.00 ? 26  PHE A HD1  1 
ATOM 395  H HD2  . PHE A 1 26  ? 2.863   -0.829  -1.178  1.00 10.00 ? 26  PHE A HD2  1 
ATOM 396  H HE1  . PHE A 1 26  ? 7.064   1.797   -0.704  1.00 10.00 ? 26  PHE A HE1  1 
ATOM 397  H HE2  . PHE A 1 26  ? 4.117   -0.860  0.964   1.00 10.00 ? 26  PHE A HE2  1 
ATOM 398  H HZ   . PHE A 1 26  ? 6.209   0.454   1.201   1.00 10.00 ? 26  PHE A HZ   1 
ATOM 399  N N    . SER A 1 27  ? 2.045   2.847   -5.698  1.00 10.00 ? 27  SER A N    1 
ATOM 400  C CA   . SER A 1 27  ? 1.224   3.197   -6.851  1.00 10.00 ? 27  SER A CA   1 
ATOM 401  C C    . SER A 1 27  ? 2.067   3.883   -7.930  1.00 10.00 ? 27  SER A C    1 
ATOM 402  O O    . SER A 1 27  ? 3.291   3.946   -7.817  1.00 10.00 ? 27  SER A O    1 
ATOM 403  C CB   . SER A 1 27  ? 0.096   4.111   -6.333  1.00 10.00 ? 27  SER A CB   1 
ATOM 404  O OG   . SER A 1 27  ? 0.560   5.055   -5.384  1.00 10.00 ? 27  SER A OG   1 
ATOM 405  H H    . SER A 1 27  ? 2.800   3.492   -5.482  1.00 10.00 ? 27  SER A H    1 
ATOM 406  H HA   . SER A 1 27  ? 0.779   2.302   -7.283  1.00 10.00 ? 27  SER A HA   1 
ATOM 407  H HB2  . SER A 1 27  ? -0.364  4.649   -7.159  1.00 10.00 ? 27  SER A HB2  1 
ATOM 408  H HB3  . SER A 1 27  ? -0.668  3.492   -5.868  1.00 10.00 ? 27  SER A HB3  1 
ATOM 409  H HG   . SER A 1 27  ? 0.726   4.598   -4.543  1.00 10.00 ? 27  SER A HG   1 
ATOM 410  N N    . LYS A 1 28  ? 1.428   4.420   -8.975  1.00 10.00 ? 28  LYS A N    1 
ATOM 411  C CA   . LYS A 1 28  ? 2.057   5.289   -9.969  1.00 10.00 ? 28  LYS A CA   1 
ATOM 412  C C    . LYS A 1 28  ? 1.150   6.497   -10.204 1.00 10.00 ? 28  LYS A C    1 
ATOM 413  O O    . LYS A 1 28  ? 0.018   6.548   -9.720  1.00 10.00 ? 28  LYS A O    1 
ATOM 414  C CB   . LYS A 1 28  ? 2.390   4.515   -11.261 1.00 10.00 ? 28  LYS A CB   1 
ATOM 415  C CG   . LYS A 1 28  ? 3.603   3.598   -11.053 1.00 10.00 ? 28  LYS A CG   1 
ATOM 416  C CD   . LYS A 1 28  ? 4.045   2.889   -12.338 1.00 10.00 ? 28  LYS A CD   1 
ATOM 417  C CE   . LYS A 1 28  ? 5.223   1.966   -11.993 1.00 10.00 ? 28  LYS A CE   1 
ATOM 418  N NZ   . LYS A 1 28  ? 5.769   1.251   -13.171 1.00 10.00 ? 28  LYS A NZ   1 
ATOM 419  H H    . LYS A 1 28  ? 0.416   4.371   -9.014  1.00 10.00 ? 28  LYS A H    1 
ATOM 420  H HA   . LYS A 1 28  ? 2.988   5.677   -9.555  1.00 10.00 ? 28  LYS A HA   1 
ATOM 421  H HB2  . LYS A 1 28  ? 1.528   3.923   -11.566 1.00 10.00 ? 28  LYS A HB2  1 
ATOM 422  H HB3  . LYS A 1 28  ? 2.628   5.219   -12.060 1.00 10.00 ? 28  LYS A HB3  1 
ATOM 423  H HG2  . LYS A 1 28  ? 4.436   4.198   -10.686 1.00 10.00 ? 28  LYS A HG2  1 
ATOM 424  H HG3  . LYS A 1 28  ? 3.356   2.845   -10.305 1.00 10.00 ? 28  LYS A HG3  1 
ATOM 425  H HD2  . LYS A 1 28  ? 3.215   2.302   -12.737 1.00 10.00 ? 28  LYS A HD2  1 
ATOM 426  H HD3  . LYS A 1 28  ? 4.353   3.631   -13.077 1.00 10.00 ? 28  LYS A HD3  1 
ATOM 427  H HE2  . LYS A 1 28  ? 6.017   2.562   -11.537 1.00 10.00 ? 28  LYS A HE2  1 
ATOM 428  H HE3  . LYS A 1 28  ? 4.888   1.234   -11.254 1.00 10.00 ? 28  LYS A HE3  1 
ATOM 429  H HZ1  . LYS A 1 28  ? 6.496   0.611   -12.860 1.00 10.00 ? 28  LYS A HZ1  1 
ATOM 430  H HZ2  . LYS A 1 28  ? 5.058   0.711   -13.642 1.00 10.00 ? 28  LYS A HZ2  1 
ATOM 431  H HZ3  . LYS A 1 28  ? 6.177   1.890   -13.838 1.00 10.00 ? 28  LYS A HZ3  1 
ATOM 432  N N    . THR A 1 29  ? 1.678   7.481   -10.921 1.00 10.00 ? 29  THR A N    1 
ATOM 433  C CA   . THR A 1 29  ? 1.119   8.813   -11.100 1.00 10.00 ? 29  THR A CA   1 
ATOM 434  C C    . THR A 1 29  ? -0.196  8.887   -11.885 1.00 10.00 ? 29  THR A C    1 
ATOM 435  O O    . THR A 1 29  ? -0.909  9.884   -11.733 1.00 10.00 ? 29  THR A O    1 
ATOM 436  C CB   . THR A 1 29  ? 2.196   9.652   -11.821 1.00 10.00 ? 29  THR A CB   1 
ATOM 437  O OG1  . THR A 1 29  ? 2.844   8.868   -12.809 1.00 10.00 ? 29  THR A OG1  1 
ATOM 438  C CG2  . THR A 1 29  ? 3.281   10.141  -10.862 1.00 10.00 ? 29  THR A CG2  1 
ATOM 439  H H    . THR A 1 29  ? 2.570   7.350   -11.380 1.00 10.00 ? 29  THR A H    1 
ATOM 440  H HA   . THR A 1 29  ? 0.935   9.245   -10.115 1.00 10.00 ? 29  THR A HA   1 
ATOM 441  H HB   . THR A 1 29  ? 1.731   10.521  -12.288 1.00 10.00 ? 29  THR A HB   1 
ATOM 442  H HG1  . THR A 1 29  ? 3.412   9.454   -13.335 1.00 10.00 ? 29  THR A HG1  1 
ATOM 443  H HG21 . THR A 1 29  ? 4.012   10.719  -11.424 1.00 10.00 ? 29  THR A HG21 1 
ATOM 444  H HG22 . THR A 1 29  ? 2.839   10.790  -10.108 1.00 10.00 ? 29  THR A HG22 1 
ATOM 445  H HG23 . THR A 1 29  ? 3.776   9.302   -10.374 1.00 10.00 ? 29  THR A HG23 1 
ATOM 446  N N    . TYR A 1 30  ? -0.549  7.879   -12.695 1.00 10.00 ? 30  TYR A N    1 
ATOM 447  C CA   . TYR A 1 30  ? -1.657  8.001   -13.648 1.00 10.00 ? 30  TYR A CA   1 
ATOM 448  C C    . TYR A 1 30  ? -2.684  6.864   -13.618 1.00 10.00 ? 30  TYR A C    1 
ATOM 449  O O    . TYR A 1 30  ? -3.803  7.077   -14.092 1.00 10.00 ? 30  TYR A O    1 
ATOM 450  C CB   . TYR A 1 30  ? -1.055  8.140   -15.059 1.00 10.00 ? 30  TYR A CB   1 
ATOM 451  C CG   . TYR A 1 30  ? -0.226  6.945   -15.505 1.00 10.00 ? 30  TYR A CG   1 
ATOM 452  C CD1  . TYR A 1 30  ? 1.158   6.899   -15.238 1.00 10.00 ? 30  TYR A CD1  1 
ATOM 453  C CD2  . TYR A 1 30  ? -0.848  5.854   -16.143 1.00 10.00 ? 30  TYR A CD2  1 
ATOM 454  C CE1  . TYR A 1 30  ? 1.913   5.769   -15.597 1.00 10.00 ? 30  TYR A CE1  1 
ATOM 455  C CE2  . TYR A 1 30  ? -0.103  4.714   -16.491 1.00 10.00 ? 30  TYR A CE2  1 
ATOM 456  C CZ   . TYR A 1 30  ? 1.286   4.666   -16.220 1.00 10.00 ? 30  TYR A CZ   1 
ATOM 457  O OH   . TYR A 1 30  ? 2.029   3.573   -16.555 1.00 10.00 ? 30  TYR A OH   1 
ATOM 458  H H    . TYR A 1 30  ? 0.070   7.088   -12.794 1.00 10.00 ? 30  TYR A H    1 
ATOM 459  H HA   . TYR A 1 30  ? -2.210  8.919   -13.446 1.00 10.00 ? 30  TYR A HA   1 
ATOM 460  H HB2  . TYR A 1 30  ? -1.866  8.296   -15.771 1.00 10.00 ? 30  TYR A HB2  1 
ATOM 461  H HB3  . TYR A 1 30  ? -0.430  9.034   -15.087 1.00 10.00 ? 30  TYR A HB3  1 
ATOM 462  H HD1  . TYR A 1 30  ? 1.646   7.726   -14.744 1.00 10.00 ? 30  TYR A HD1  1 
ATOM 463  H HD2  . TYR A 1 30  ? -1.912  5.874   -16.340 1.00 10.00 ? 30  TYR A HD2  1 
ATOM 464  H HE1  . TYR A 1 30  ? 2.973   5.743   -15.382 1.00 10.00 ? 30  TYR A HE1  1 
ATOM 465  H HE2  . TYR A 1 30  ? -0.609  3.865   -16.931 1.00 10.00 ? 30  TYR A HE2  1 
ATOM 466  H HH   . TYR A 1 30  ? 1.508   2.871   -16.977 1.00 10.00 ? 30  TYR A HH   1 
ATOM 467  N N    . CYS A 1 31  ? -2.342  5.678   -13.104 1.00 10.00 ? 31  CYS A N    1 
ATOM 468  C CA   . CYS A 1 31  ? -3.181  4.495   -13.230 1.00 10.00 ? 31  CYS A CA   1 
ATOM 469  C C    . CYS A 1 31  ? -4.563  4.696   -12.589 1.00 10.00 ? 31  CYS A C    1 
ATOM 470  O O    . CYS A 1 31  ? -4.679  5.058   -11.411 1.00 10.00 ? 31  CYS A O    1 
ATOM 471  C CB   . CYS A 1 31  ? -2.446  3.295   -12.622 1.00 10.00 ? 31  CYS A CB   1 
ATOM 472  S SG   . CYS A 1 31  ? -0.743  3.166   -13.249 1.00 10.00 ? 31  CYS A SG   1 
ATOM 473  H H    . CYS A 1 31  ? -1.398  5.507   -12.794 1.00 10.00 ? 31  CYS A H    1 
ATOM 474  H HA   . CYS A 1 31  ? -3.316  4.303   -14.296 1.00 10.00 ? 31  CYS A HA   1 
ATOM 475  H HB2  . CYS A 1 31  ? -2.427  3.416   -11.540 1.00 10.00 ? 31  CYS A HB2  1 
ATOM 476  H HB3  . CYS A 1 31  ? -3.000  2.386   -12.868 1.00 10.00 ? 31  CYS A HB3  1 
ATOM 477  N N    . GLY A 1 32  ? -5.607  4.375   -13.357 1.00 10.00 ? 32  GLY A N    1 
ATOM 478  C CA   . GLY A 1 32  ? -6.990  4.426   -12.904 1.00 10.00 ? 32  GLY A CA   1 
ATOM 479  C C    . GLY A 1 32  ? -7.213  3.543   -11.680 1.00 10.00 ? 32  GLY A C    1 
ATOM 480  O O    . GLY A 1 32  ? -7.959  3.925   -10.782 1.00 10.00 ? 32  GLY A O    1 
ATOM 481  H H    . GLY A 1 32  ? -5.439  4.088   -14.311 1.00 10.00 ? 32  GLY A H    1 
ATOM 482  H HA2  . GLY A 1 32  ? -7.250  5.456   -12.660 1.00 10.00 ? 32  GLY A HA2  1 
ATOM 483  H HA3  . GLY A 1 32  ? -7.639  4.079   -13.709 1.00 10.00 ? 32  GLY A HA3  1 
ATOM 484  N N    . TYR A 1 33  ? -6.524  2.400   -11.592 1.00 10.00 ? 33  TYR A N    1 
ATOM 485  C CA   . TYR A 1 33  ? -6.586  1.522   -10.428 1.00 10.00 ? 33  TYR A CA   1 
ATOM 486  C C    . TYR A 1 33  ? -5.995  2.187   -9.180  1.00 10.00 ? 33  TYR A C    1 
ATOM 487  O O    . TYR A 1 33  ? -6.544  2.028   -8.088  1.00 10.00 ? 33  TYR A O    1 
ATOM 488  C CB   . TYR A 1 33  ? -5.869  0.202   -10.735 1.00 10.00 ? 33  TYR A CB   1 
ATOM 489  C CG   . TYR A 1 33  ? -6.549  -0.634  -11.804 1.00 10.00 ? 33  TYR A CG   1 
ATOM 490  C CD1  . TYR A 1 33  ? -5.992  -0.730  -13.094 1.00 10.00 ? 33  TYR A CD1  1 
ATOM 491  C CD2  . TYR A 1 33  ? -7.745  -1.318  -11.506 1.00 10.00 ? 33  TYR A CD2  1 
ATOM 492  C CE1  . TYR A 1 33  ? -6.626  -1.504  -14.083 1.00 10.00 ? 33  TYR A CE1  1 
ATOM 493  C CE2  . TYR A 1 33  ? -8.379  -2.102  -12.487 1.00 10.00 ? 33  TYR A CE2  1 
ATOM 494  C CZ   . TYR A 1 33  ? -7.821  -2.196  -13.784 1.00 10.00 ? 33  TYR A CZ   1 
ATOM 495  O OH   . TYR A 1 33  ? -8.420  -2.950  -14.749 1.00 10.00 ? 33  TYR A OH   1 
ATOM 496  H H    . TYR A 1 33  ? -5.949  2.119   -12.373 1.00 10.00 ? 33  TYR A H    1 
ATOM 497  H HA   . TYR A 1 33  ? -7.632  1.296   -10.227 1.00 10.00 ? 33  TYR A HA   1 
ATOM 498  H HB2  . TYR A 1 33  ? -4.837  0.408   -11.028 1.00 10.00 ? 33  TYR A HB2  1 
ATOM 499  H HB3  . TYR A 1 33  ? -5.832  -0.384  -9.819  1.00 10.00 ? 33  TYR A HB3  1 
ATOM 500  H HD1  . TYR A 1 33  ? -5.072  -0.213  -13.333 1.00 10.00 ? 33  TYR A HD1  1 
ATOM 501  H HD2  . TYR A 1 33  ? -8.179  -1.251  -10.518 1.00 10.00 ? 33  TYR A HD2  1 
ATOM 502  H HE1  . TYR A 1 33  ? -6.191  -1.572  -15.071 1.00 10.00 ? 33  TYR A HE1  1 
ATOM 503  H HE2  . TYR A 1 33  ? -9.288  -2.636  -12.242 1.00 10.00 ? 33  TYR A HE2  1 
ATOM 504  H HH   . TYR A 1 33  ? -9.231  -3.390  -14.446 1.00 10.00 ? 33  TYR A HH   1 
ATOM 505  N N    . CYS A 1 34  ? -4.904  2.951   -9.319  1.00 10.00 ? 34  CYS A N    1 
ATOM 506  C CA   . CYS A 1 34  ? -4.324  3.685   -8.197  1.00 10.00 ? 34  CYS A CA   1 
ATOM 507  C C    . CYS A 1 34  ? -5.302  4.766   -7.736  1.00 10.00 ? 34  CYS A C    1 
ATOM 508  O O    . CYS A 1 34  ? -5.565  4.875   -6.536  1.00 10.00 ? 34  CYS A O    1 
ATOM 509  C CB   . CYS A 1 34  ? -2.961  4.282   -8.579  1.00 10.00 ? 34  CYS A CB   1 
ATOM 510  S SG   . CYS A 1 34  ? -1.757  2.952   -8.889  1.00 10.00 ? 34  CYS A SG   1 
ATOM 511  H H    . CYS A 1 34  ? -4.554  3.146   -10.247 1.00 10.00 ? 34  CYS A H    1 
ATOM 512  H HA   . CYS A 1 34  ? -4.177  3.001   -7.360  1.00 10.00 ? 34  CYS A HA   1 
ATOM 513  H HB2  . CYS A 1 34  ? -3.055  4.914   -9.465  1.00 10.00 ? 34  CYS A HB2  1 
ATOM 514  H HB3  . CYS A 1 34  ? -2.606  4.903   -7.756  1.00 10.00 ? 34  CYS A HB3  1 
ATOM 515  H HG   . CYS A 1 34  ? -2.428  2.337   -9.872  1.00 10.00 ? 34  CYS A HG   1 
ATOM 516  N N    . ASN A 1 35  ? -5.901  5.507   -8.680  1.00 10.00 ? 35  ASN A N    1 
ATOM 517  C CA   . ASN A 1 35  ? -6.987  6.432   -8.352  1.00 10.00 ? 35  ASN A CA   1 
ATOM 518  C C    . ASN A 1 35  ? -8.117  5.701   -7.622  1.00 10.00 ? 35  ASN A C    1 
ATOM 519  O O    . ASN A 1 35  ? -8.551  6.169   -6.578  1.00 10.00 ? 35  ASN A O    1 
ATOM 520  C CB   . ASN A 1 35  ? -7.507  7.162   -9.600  1.00 10.00 ? 35  ASN A CB   1 
ATOM 521  C CG   . ASN A 1 35  ? -8.809  7.913   -9.310  1.00 10.00 ? 35  ASN A CG   1 
ATOM 522  O OD1  . ASN A 1 35  ? -8.840  8.883   -8.558  1.00 10.00 ? 35  ASN A OD1  1 
ATOM 523  N ND2  . ASN A 1 35  ? -9.914  7.477   -9.892  1.00 10.00 ? 35  ASN A ND2  1 
ATOM 524  H H    . ASN A 1 35  ? -5.626  5.387   -9.653  1.00 10.00 ? 35  ASN A H    1 
ATOM 525  H HA   . ASN A 1 35  ? -6.601  7.189   -7.668  1.00 10.00 ? 35  ASN A HA   1 
ATOM 526  H HB2  . ASN A 1 35  ? -6.755  7.875   -9.941  1.00 10.00 ? 35  ASN A HB2  1 
ATOM 527  H HB3  . ASN A 1 35  ? -7.673  6.446   -10.402 1.00 10.00 ? 35  ASN A HB3  1 
ATOM 528  H HD21 . ASN A 1 35  ? -9.890  6.685   -10.521 1.00 10.00 ? 35  ASN A HD21 1 
ATOM 529  H HD22 . ASN A 1 35  ? -10.788 7.965   -9.753  1.00 10.00 ? 35  ASN A HD22 1 
ATOM 530  N N    . ARG A 1 36  ? -8.557  4.532   -8.100  1.00 10.00 ? 36  ARG A N    1 
ATOM 531  C CA   . ARG A 1 36  ? -9.613  3.752   -7.450  1.00 10.00 ? 36  ARG A CA   1 
ATOM 532  C C    . ARG A 1 36  ? -9.277  3.472   -5.992  1.00 10.00 ? 36  ARG A C    1 
ATOM 533  O O    . ARG A 1 36  ? -10.122 3.721   -5.138  1.00 10.00 ? 36  ARG A O    1 
ATOM 534  C CB   . ARG A 1 36  ? -9.876  2.437   -8.210  1.00 10.00 ? 36  ARG A CB   1 
ATOM 535  C CG   . ARG A 1 36  ? -11.253 2.423   -8.881  1.00 10.00 ? 36  ARG A CG   1 
ATOM 536  C CD   . ARG A 1 36  ? -11.447 1.112   -9.655  1.00 10.00 ? 36  ARG A CD   1 
ATOM 537  N NE   . ARG A 1 36  ? -12.514 1.235   -10.663 1.00 10.00 ? 36  ARG A NE   1 
ATOM 538  C CZ   . ARG A 1 36  ? -12.511 0.678   -11.884 1.00 10.00 ? 36  ARG A CZ   1 
ATOM 539  N NH1  . ARG A 1 36  ? -11.551 -0.172  -12.243 1.00 10.00 ? 36  ARG A NH1  1 
ATOM 540  N NH2  . ARG A 1 36  ? -13.473 0.981   -12.748 1.00 10.00 ? 36  ARG A NH2  1 
ATOM 541  H H    . ARG A 1 36  ? -8.182  4.194   -8.982  1.00 10.00 ? 36  ARG A H    1 
ATOM 542  H HA   . ARG A 1 36  ? -10.520 4.359   -7.455  1.00 10.00 ? 36  ARG A HA   1 
ATOM 543  H HB2  . ARG A 1 36  ? -9.116  2.301   -8.977  1.00 10.00 ? 36  ARG A HB2  1 
ATOM 544  H HB3  . ARG A 1 36  ? -9.811  1.589   -7.525  1.00 10.00 ? 36  ARG A HB3  1 
ATOM 545  H HG2  . ARG A 1 36  ? -12.036 2.516   -8.125  1.00 10.00 ? 36  ARG A HG2  1 
ATOM 546  H HG3  . ARG A 1 36  ? -11.317 3.266   -9.571  1.00 10.00 ? 36  ARG A HG3  1 
ATOM 547  H HD2  . ARG A 1 36  ? -10.508 0.864   -10.150 1.00 10.00 ? 36  ARG A HD2  1 
ATOM 548  H HD3  . ARG A 1 36  ? -11.693 0.310   -8.955  1.00 10.00 ? 36  ARG A HD3  1 
ATOM 549  H HE   . ARG A 1 36  ? -13.290 1.833   -10.407 1.00 10.00 ? 36  ARG A HE   1 
ATOM 550  H HH11 . ARG A 1 36  ? -10.826 -0.432  -11.591 1.00 10.00 ? 36  ARG A HH11 1 
ATOM 551  H HH12 . ARG A 1 36  ? -11.522 -0.593  -13.161 1.00 10.00 ? 36  ARG A HH12 1 
ATOM 552  H HH21 . ARG A 1 36  ? -14.207 1.634   -12.507 1.00 10.00 ? 36  ARG A HH21 1 
ATOM 553  H HH22 . ARG A 1 36  ? -13.498 0.593   -13.680 1.00 10.00 ? 36  ARG A HH22 1 
ATOM 554  N N    . VAL A 1 37  ? -8.069  2.993   -5.687  1.00 10.00 ? 37  VAL A N    1 
ATOM 555  C CA   . VAL A 1 37  ? -7.688  2.713   -4.302  1.00 10.00 ? 37  VAL A CA   1 
ATOM 556  C C    . VAL A 1 37  ? -7.722  3.994   -3.468  1.00 10.00 ? 37  VAL A C    1 
ATOM 557  O O    . VAL A 1 37  ? -8.313  3.992   -2.386  1.00 10.00 ? 37  VAL A O    1 
ATOM 558  C CB   . VAL A 1 37  ? -6.319  2.010   -4.254  1.00 10.00 ? 37  VAL A CB   1 
ATOM 559  C CG1  . VAL A 1 37  ? -5.770  1.880   -2.828  1.00 10.00 ? 37  VAL A CG1  1 
ATOM 560  C CG2  . VAL A 1 37  ? -6.470  0.601   -4.839  1.00 10.00 ? 37  VAL A CG2  1 
ATOM 561  H H    . VAL A 1 37  ? -7.410  2.787   -6.432  1.00 10.00 ? 37  VAL A H    1 
ATOM 562  H HA   . VAL A 1 37  ? -8.435  2.040   -3.878  1.00 10.00 ? 37  VAL A HA   1 
ATOM 563  H HB   . VAL A 1 37  ? -5.597  2.569   -4.852  1.00 10.00 ? 37  VAL A HB   1 
ATOM 564  H HG11 . VAL A 1 37  ? -6.481  1.352   -2.190  1.00 10.00 ? 37  VAL A HG11 1 
ATOM 565  H HG12 . VAL A 1 37  ? -4.828  1.340   -2.847  1.00 10.00 ? 37  VAL A HG12 1 
ATOM 566  H HG13 . VAL A 1 37  ? -5.573  2.866   -2.406  1.00 10.00 ? 37  VAL A HG13 1 
ATOM 567  H HG21 . VAL A 1 37  ? -5.544  0.042   -4.713  1.00 10.00 ? 37  VAL A HG21 1 
ATOM 568  H HG22 . VAL A 1 37  ? -7.272  0.076   -4.325  1.00 10.00 ? 37  VAL A HG22 1 
ATOM 569  H HG23 . VAL A 1 37  ? -6.714  0.657   -5.898  1.00 10.00 ? 37  VAL A HG23 1 
ATOM 570  N N    . LYS A 1 38  ? -7.141  5.090   -3.966  1.00 10.00 ? 38  LYS A N    1 
ATOM 571  C CA   . LYS A 1 38  ? -7.191  6.375   -3.265  1.00 10.00 ? 38  LYS A CA   1 
ATOM 572  C C    . LYS A 1 38  ? -8.638  6.761   -2.959  1.00 10.00 ? 38  LYS A C    1 
ATOM 573  O O    . LYS A 1 38  ? -8.956  7.078   -1.814  1.00 10.00 ? 38  LYS A O    1 
ATOM 574  C CB   . LYS A 1 38  ? -6.523  7.476   -4.098  1.00 10.00 ? 38  LYS A CB   1 
ATOM 575  C CG   . LYS A 1 38  ? -5.002  7.322   -4.245  1.00 10.00 ? 38  LYS A CG   1 
ATOM 576  C CD   . LYS A 1 38  ? -4.513  8.354   -5.271  1.00 10.00 ? 38  LYS A CD   1 
ATOM 577  C CE   . LYS A 1 38  ? -2.986  8.458   -5.304  1.00 10.00 ? 38  LYS A CE   1 
ATOM 578  N NZ   . LYS A 1 38  ? -2.540  9.474   -6.288  1.00 10.00 ? 38  LYS A NZ   1 
ATOM 579  H H    . LYS A 1 38  ? -6.641  5.026   -4.850  1.00 10.00 ? 38  LYS A H    1 
ATOM 580  H HA   . LYS A 1 38  ? -6.666  6.280   -2.313  1.00 10.00 ? 38  LYS A HA   1 
ATOM 581  H HB2  . LYS A 1 38  ? -6.980  7.502   -5.087  1.00 10.00 ? 38  LYS A HB2  1 
ATOM 582  H HB3  . LYS A 1 38  ? -6.724  8.435   -3.618  1.00 10.00 ? 38  LYS A HB3  1 
ATOM 583  H HG2  . LYS A 1 38  ? -4.529  7.501   -3.279  1.00 10.00 ? 38  LYS A HG2  1 
ATOM 584  H HG3  . LYS A 1 38  ? -4.743  6.316   -4.583  1.00 10.00 ? 38  LYS A HG3  1 
ATOM 585  H HD2  . LYS A 1 38  ? -4.878  8.068   -6.259  1.00 10.00 ? 38  LYS A HD2  1 
ATOM 586  H HD3  . LYS A 1 38  ? -4.925  9.331   -5.014  1.00 10.00 ? 38  LYS A HD3  1 
ATOM 587  H HE2  . LYS A 1 38  ? -2.639  8.745   -4.310  1.00 10.00 ? 38  LYS A HE2  1 
ATOM 588  H HE3  . LYS A 1 38  ? -2.556  7.484   -5.550  1.00 10.00 ? 38  LYS A HE3  1 
ATOM 589  H HZ1  . LYS A 1 38  ? -2.734  9.185   -7.236  1.00 10.00 ? 38  LYS A HZ1  1 
ATOM 590  H HZ2  . LYS A 1 38  ? -2.987  10.364  -6.129  1.00 10.00 ? 38  LYS A HZ2  1 
ATOM 591  H HZ3  . LYS A 1 38  ? -1.534  9.643   -6.215  1.00 10.00 ? 38  LYS A HZ3  1 
ATOM 592  N N    . GLN A 1 39  ? -9.527  6.711   -3.953  1.00 10.00 ? 39  GLN A N    1 
ATOM 593  C CA   . GLN A 1 39  ? -10.929 7.089   -3.799  1.00 10.00 ? 39  GLN A CA   1 
ATOM 594  C C    . GLN A 1 39  ? -11.619 6.165   -2.791  1.00 10.00 ? 39  GLN A C    1 
ATOM 595  O O    . GLN A 1 39  ? -12.405 6.635   -1.971  1.00 10.00 ? 39  GLN A O    1 
ATOM 596  C CB   . GLN A 1 39  ? -11.650 7.023   -5.158  1.00 10.00 ? 39  GLN A CB   1 
ATOM 597  C CG   . GLN A 1 39  ? -11.100 7.978   -6.236  1.00 10.00 ? 39  GLN A CG   1 
ATOM 598  C CD   . GLN A 1 39  ? -11.586 9.425   -6.186  1.00 10.00 ? 39  GLN A CD   1 
ATOM 599  O OE1  . GLN A 1 39  ? -12.485 9.802   -5.436  1.00 10.00 ? 39  GLN A OE1  1 
ATOM 600  N NE2  . GLN A 1 39  ? -10.986 10.271  -7.008  1.00 10.00 ? 39  GLN A NE2  1 
ATOM 601  H H    . GLN A 1 39  ? -9.210  6.424   -4.875  1.00 10.00 ? 39  GLN A H    1 
ATOM 602  H HA   . GLN A 1 39  ? -10.979 8.111   -3.420  1.00 10.00 ? 39  GLN A HA   1 
ATOM 603  H HB2  . GLN A 1 39  ? -11.562 6.006   -5.540  1.00 10.00 ? 39  GLN A HB2  1 
ATOM 604  H HB3  . GLN A 1 39  ? -12.713 7.220   -5.013  1.00 10.00 ? 39  GLN A HB3  1 
ATOM 605  H HG2  . GLN A 1 39  ? -10.017 8.012   -6.177  1.00 10.00 ? 39  GLN A HG2  1 
ATOM 606  H HG3  . GLN A 1 39  ? -11.361 7.571   -7.214  1.00 10.00 ? 39  GLN A HG3  1 
ATOM 607  H HE21 . GLN A 1 39  ? -10.227 9.933   -7.601  1.00 10.00 ? 39  GLN A HE21 1 
ATOM 608  H HE22 . GLN A 1 39  ? -11.265 11.240  -7.047  1.00 10.00 ? 39  GLN A HE22 1 
ATOM 609  N N    . LEU A 1 40  ? -11.347 4.857   -2.834  1.00 10.00 ? 40  LEU A N    1 
ATOM 610  C CA   . LEU A 1 40  ? -11.947 3.863   -1.944  1.00 10.00 ? 40  LEU A CA   1 
ATOM 611  C C    . LEU A 1 40  ? -11.597 4.194   -0.491  1.00 10.00 ? 40  LEU A C    1 
ATOM 612  O O    . LEU A 1 40  ? -12.485 4.301   0.353   1.00 10.00 ? 40  LEU A O    1 
ATOM 613  C CB   . LEU A 1 40  ? -11.431 2.464   -2.341  1.00 10.00 ? 40  LEU A CB   1 
ATOM 614  C CG   . LEU A 1 40  ? -12.195 1.277   -1.723  1.00 10.00 ? 40  LEU A CG   1 
ATOM 615  C CD1  . LEU A 1 40  ? -13.577 1.109   -2.364  1.00 10.00 ? 40  LEU A CD1  1 
ATOM 616  C CD2  . LEU A 1 40  ? -11.383 -0.001  -1.932  1.00 10.00 ? 40  LEU A CD2  1 
ATOM 617  H H    . LEU A 1 40  ? -10.715 4.518   -3.552  1.00 10.00 ? 40  LEU A H    1 
ATOM 618  H HA   . LEU A 1 40  ? -13.030 3.897   -2.065  1.00 10.00 ? 40  LEU A HA   1 
ATOM 619  H HB2  . LEU A 1 40  ? -11.485 2.362   -3.426  1.00 10.00 ? 40  LEU A HB2  1 
ATOM 620  H HB3  . LEU A 1 40  ? -10.380 2.392   -2.061  1.00 10.00 ? 40  LEU A HB3  1 
ATOM 621  H HG   . LEU A 1 40  ? -12.319 1.408   -0.651  1.00 10.00 ? 40  LEU A HG   1 
ATOM 622  H HD11 . LEU A 1 40  ? -13.490 1.056   -3.450  1.00 10.00 ? 40  LEU A HD11 1 
ATOM 623  H HD12 . LEU A 1 40  ? -14.038 0.190   -2.006  1.00 10.00 ? 40  LEU A HD12 1 
ATOM 624  H HD13 . LEU A 1 40  ? -14.220 1.946   -2.094  1.00 10.00 ? 40  LEU A HD13 1 
ATOM 625  H HD21 . LEU A 1 40  ? -10.418 0.092   -1.434  1.00 10.00 ? 40  LEU A HD21 1 
ATOM 626  H HD22 . LEU A 1 40  ? -11.914 -0.845  -1.493  1.00 10.00 ? 40  LEU A HD22 1 
ATOM 627  H HD23 . LEU A 1 40  ? -11.224 -0.180  -2.995  1.00 10.00 ? 40  LEU A HD23 1 
ATOM 628  N N    . LEU A 1 41  ? -10.307 4.417   -0.219  1.00 10.00 ? 41  LEU A N    1 
ATOM 629  C CA   . LEU A 1 41  ? -9.796  4.726   1.113   1.00 10.00 ? 41  LEU A CA   1 
ATOM 630  C C    . LEU A 1 41  ? -10.299 6.087   1.597   1.00 10.00 ? 41  LEU A C    1 
ATOM 631  O O    . LEU A 1 41  ? -10.661 6.233   2.766   1.00 10.00 ? 41  LEU A O    1 
ATOM 632  C CB   . LEU A 1 41  ? -8.259  4.704   1.093   1.00 10.00 ? 41  LEU A CB   1 
ATOM 633  C CG   . LEU A 1 41  ? -7.658  3.294   0.935   1.00 10.00 ? 41  LEU A CG   1 
ATOM 634  C CD1  . LEU A 1 41  ? -6.154  3.415   0.685   1.00 10.00 ? 41  LEU A CD1  1 
ATOM 635  C CD2  . LEU A 1 41  ? -7.908  2.419   2.173   1.00 10.00 ? 41  LEU A CD2  1 
ATOM 636  H H    . LEU A 1 41  ? -9.636  4.344   -0.979  1.00 10.00 ? 41  LEU A H    1 
ATOM 637  H HA   . LEU A 1 41  ? -10.155 3.973   1.812   1.00 10.00 ? 41  LEU A HA   1 
ATOM 638  H HB2  . LEU A 1 41  ? -7.913  5.340   0.277   1.00 10.00 ? 41  LEU A HB2  1 
ATOM 639  H HB3  . LEU A 1 41  ? -7.892  5.133   2.025   1.00 10.00 ? 41  LEU A HB3  1 
ATOM 640  H HG   . LEU A 1 41  ? -8.103  2.801   0.072   1.00 10.00 ? 41  LEU A HG   1 
ATOM 641  H HD11 . LEU A 1 41  ? -5.717  2.427   0.541   1.00 10.00 ? 41  LEU A HD11 1 
ATOM 642  H HD12 . LEU A 1 41  ? -5.987  4.006   -0.216  1.00 10.00 ? 41  LEU A HD12 1 
ATOM 643  H HD13 . LEU A 1 41  ? -5.670  3.910   1.526   1.00 10.00 ? 41  LEU A HD13 1 
ATOM 644  H HD21 . LEU A 1 41  ? -7.528  2.912   3.068   1.00 10.00 ? 41  LEU A HD21 1 
ATOM 645  H HD22 . LEU A 1 41  ? -8.974  2.231   2.293   1.00 10.00 ? 41  LEU A HD22 1 
ATOM 646  H HD23 . LEU A 1 41  ? -7.408  1.458   2.053   1.00 10.00 ? 41  LEU A HD23 1 
ATOM 647  N N    . THR A 1 42  ? -10.362 7.073   0.704   1.00 10.00 ? 42  THR A N    1 
ATOM 648  C CA   . THR A 1 42  ? -10.875 8.399   1.018   1.00 10.00 ? 42  THR A CA   1 
ATOM 649  C C    . THR A 1 42  ? -12.344 8.306   1.444   1.00 10.00 ? 42  THR A C    1 
ATOM 650  O O    . THR A 1 42  ? -12.728 8.913   2.443   1.00 10.00 ? 42  THR A O    1 
ATOM 651  C CB   . THR A 1 42  ? -10.683 9.321   -0.200  1.00 10.00 ? 42  THR A CB   1 
ATOM 652  O OG1  . THR A 1 42  ? -9.313  9.372   -0.544  1.00 10.00 ? 42  THR A OG1  1 
ATOM 653  C CG2  . THR A 1 42  ? -11.159 10.753  0.046   1.00 10.00 ? 42  THR A CG2  1 
ATOM 654  H H    . THR A 1 42  ? -10.023 6.904   -0.237  1.00 10.00 ? 42  THR A H    1 
ATOM 655  H HA   . THR A 1 42  ? -10.304 8.801   1.855   1.00 10.00 ? 42  THR A HA   1 
ATOM 656  H HB   . THR A 1 42  ? -11.239 8.916   -1.047  1.00 10.00 ? 42  THR A HB   1 
ATOM 657  H HG1  . THR A 1 42  ? -9.118  8.541   -1.022  1.00 10.00 ? 42  THR A HG1  1 
ATOM 658  H HG21 . THR A 1 42  ? -10.937 11.365  -0.830  1.00 10.00 ? 42  THR A HG21 1 
ATOM 659  H HG22 . THR A 1 42  ? -12.239 10.760  0.208   1.00 10.00 ? 42  THR A HG22 1 
ATOM 660  H HG23 . THR A 1 42  ? -10.658 11.172  0.918   1.00 10.00 ? 42  THR A HG23 1 
ATOM 661  N N    . GLN A 1 43  ? -13.164 7.526   0.729   1.00 10.00 ? 43  GLN A N    1 
ATOM 662  C CA   . GLN A 1 43  ? -14.601 7.471   0.986   1.00 10.00 ? 43  GLN A CA   1 
ATOM 663  C C    . GLN A 1 43  ? -14.899 6.856   2.356   1.00 10.00 ? 43  GLN A C    1 
ATOM 664  O O    . GLN A 1 43  ? -15.811 7.321   3.040   1.00 10.00 ? 43  GLN A O    1 
ATOM 665  C CB   . GLN A 1 43  ? -15.315 6.684   -0.123  1.00 10.00 ? 43  GLN A CB   1 
ATOM 666  C CG   . GLN A 1 43  ? -15.501 7.531   -1.390  1.00 10.00 ? 43  GLN A CG   1 
ATOM 667  C CD   . GLN A 1 43  ? -15.930 6.667   -2.575  1.00 10.00 ? 43  GLN A CD   1 
ATOM 668  O OE1  . GLN A 1 43  ? -17.100 6.610   -2.945  1.00 10.00 ? 43  GLN A OE1  1 
ATOM 669  N NE2  . GLN A 1 43  ? -14.986 5.967   -3.181  1.00 10.00 ? 43  GLN A NE2  1 
ATOM 670  H H    . GLN A 1 43  ? -12.791 6.999   -0.058  1.00 10.00 ? 43  GLN A H    1 
ATOM 671  H HA   . GLN A 1 43  ? -14.982 8.495   0.990   1.00 10.00 ? 43  GLN A HA   1 
ATOM 672  H HB2  . GLN A 1 43  ? -14.746 5.781   -0.349  1.00 10.00 ? 43  GLN A HB2  1 
ATOM 673  H HB3  . GLN A 1 43  ? -16.302 6.379   0.230   1.00 10.00 ? 43  GLN A HB3  1 
ATOM 674  H HG2  . GLN A 1 43  ? -16.255 8.297   -1.203  1.00 10.00 ? 43  GLN A HG2  1 
ATOM 675  H HG3  . GLN A 1 43  ? -14.567 8.038   -1.640  1.00 10.00 ? 43  GLN A HG3  1 
ATOM 676  H HE21 . GLN A 1 43  ? -14.034 6.045   -2.835  1.00 10.00 ? 43  GLN A HE21 1 
ATOM 677  H HE22 . GLN A 1 43  ? -15.208 5.373   -3.967  1.00 10.00 ? 43  GLN A HE22 1 
ATOM 678  N N    . VAL A 1 44  ? -14.128 5.848   2.781   1.00 10.00 ? 44  VAL A N    1 
ATOM 679  C CA   . VAL A 1 44  ? -14.304 5.245   4.104   1.00 10.00 ? 44  VAL A CA   1 
ATOM 680  C C    . VAL A 1 44  ? -13.683 6.107   5.220   1.00 10.00 ? 44  VAL A C    1 
ATOM 681  O O    . VAL A 1 44  ? -13.896 5.820   6.399   1.00 10.00 ? 44  VAL A O    1 
ATOM 682  C CB   . VAL A 1 44  ? -13.812 3.781   4.119   1.00 10.00 ? 44  VAL A CB   1 
ATOM 683  C CG1  . VAL A 1 44  ? -14.582 2.945   3.086   1.00 10.00 ? 44  VAL A CG1  1 
ATOM 684  C CG2  . VAL A 1 44  ? -12.311 3.629   3.853   1.00 10.00 ? 44  VAL A CG2  1 
ATOM 685  H H    . VAL A 1 44  ? -13.409 5.472   2.174   1.00 10.00 ? 44  VAL A H    1 
ATOM 686  H HA   . VAL A 1 44  ? -15.377 5.214   4.304   1.00 10.00 ? 44  VAL A HA   1 
ATOM 687  H HB   . VAL A 1 44  ? -14.018 3.365   5.105   1.00 10.00 ? 44  VAL A HB   1 
ATOM 688  H HG11 . VAL A 1 44  ? -14.295 1.897   3.178   1.00 10.00 ? 44  VAL A HG11 1 
ATOM 689  H HG12 . VAL A 1 44  ? -15.654 3.035   3.268   1.00 10.00 ? 44  VAL A HG12 1 
ATOM 690  H HG13 . VAL A 1 44  ? -14.363 3.275   2.071   1.00 10.00 ? 44  VAL A HG13 1 
ATOM 691  H HG21 . VAL A 1 44  ? -11.739 4.171   4.604   1.00 10.00 ? 44  VAL A HG21 1 
ATOM 692  H HG22 . VAL A 1 44  ? -12.038 2.575   3.896   1.00 10.00 ? 44  VAL A HG22 1 
ATOM 693  H HG23 . VAL A 1 44  ? -12.071 4.010   2.867   1.00 10.00 ? 44  VAL A HG23 1 
ATOM 694  N N    . GLY A 1 45  ? -12.945 7.169   4.875   1.00 10.00 ? 45  GLY A N    1 
ATOM 695  C CA   . GLY A 1 45  ? -12.320 8.068   5.836   1.00 10.00 ? 45  GLY A CA   1 
ATOM 696  C C    . GLY A 1 45  ? -11.065 7.457   6.459   1.00 10.00 ? 45  GLY A C    1 
ATOM 697  O O    . GLY A 1 45  ? -10.758 7.745   7.617   1.00 10.00 ? 45  GLY A O    1 
ATOM 698  H H    . GLY A 1 45  ? -12.810 7.383   3.894   1.00 10.00 ? 45  GLY A H    1 
ATOM 699  H HA2  . GLY A 1 45  ? -12.040 8.986   5.319   1.00 10.00 ? 45  GLY A HA2  1 
ATOM 700  H HA3  . GLY A 1 45  ? -13.033 8.315   6.624   1.00 10.00 ? 45  GLY A HA3  1 
ATOM 701  N N    . ALA A 1 46  ? -10.363 6.581   5.732   1.00 10.00 ? 46  ALA A N    1 
ATOM 702  C CA   . ALA A 1 46  ? -9.092  6.039   6.178   1.00 10.00 ? 46  ALA A CA   1 
ATOM 703  C C    . ALA A 1 46  ? -8.001  7.095   6.012   1.00 10.00 ? 46  ALA A C    1 
ATOM 704  O O    . ALA A 1 46  ? -8.001  7.862   5.046   1.00 10.00 ? 46  ALA A O    1 
ATOM 705  C CB   . ALA A 1 46  ? -8.728  4.800   5.352   1.00 10.00 ? 46  ALA A CB   1 
ATOM 706  H H    . ALA A 1 46  ? -10.605 6.441   4.758   1.00 10.00 ? 46  ALA A H    1 
ATOM 707  H HA   . ALA A 1 46  ? -9.169  5.753   7.227   1.00 10.00 ? 46  ALA A HA   1 
ATOM 708  H HB1  . ALA A 1 46  ? -9.491  4.036   5.473   1.00 10.00 ? 46  ALA A HB1  1 
ATOM 709  H HB2  . ALA A 1 46  ? -8.647  5.066   4.298   1.00 10.00 ? 46  ALA A HB2  1 
ATOM 710  H HB3  . ALA A 1 46  ? -7.770  4.405   5.691   1.00 10.00 ? 46  ALA A HB3  1 
ATOM 711  N N    . SER A 1 47  ? -7.050  7.091   6.937   1.00 10.00 ? 47  SER A N    1 
ATOM 712  C CA   . SER A 1 47  ? -5.812  7.849   6.845   1.00 10.00 ? 47  SER A CA   1 
ATOM 713  C C    . SER A 1 47  ? -4.813  6.928   6.135   1.00 10.00 ? 47  SER A C    1 
ATOM 714  O O    . SER A 1 47  ? -4.680  5.767   6.534   1.00 10.00 ? 47  SER A O    1 
ATOM 715  C CB   . SER A 1 47  ? -5.325  8.210   8.257   1.00 10.00 ? 47  SER A CB   1 
ATOM 716  O OG   . SER A 1 47  ? -6.368  8.788   9.029   1.00 10.00 ? 47  SER A OG   1 
ATOM 717  H H    . SER A 1 47  ? -7.140  6.454   7.716   1.00 10.00 ? 47  SER A H    1 
ATOM 718  H HA   . SER A 1 47  ? -5.964  8.762   6.266   1.00 10.00 ? 47  SER A HA   1 
ATOM 719  H HB2  . SER A 1 47  ? -4.973  7.309   8.763   1.00 10.00 ? 47  SER A HB2  1 
ATOM 720  H HB3  . SER A 1 47  ? -4.493  8.911   8.179   1.00 10.00 ? 47  SER A HB3  1 
ATOM 721  H HG   . SER A 1 47  ? -6.987  8.073   9.252   1.00 10.00 ? 47  SER A HG   1 
ATOM 722  N N    . TYR A 1 48  ? -4.139  7.400   5.083   1.00 10.00 ? 48  TYR A N    1 
ATOM 723  C CA   . TYR A 1 48  ? -3.237  6.572   4.288   1.00 10.00 ? 48  TYR A CA   1 
ATOM 724  C C    . TYR A 1 48  ? -2.081  7.398   3.721   1.00 10.00 ? 48  TYR A C    1 
ATOM 725  O O    . TYR A 1 48  ? -2.170  8.624   3.606   1.00 10.00 ? 48  TYR A O    1 
ATOM 726  C CB   . TYR A 1 48  ? -4.018  5.851   3.169   1.00 10.00 ? 48  TYR A CB   1 
ATOM 727  C CG   . TYR A 1 48  ? -4.678  6.731   2.121   1.00 10.00 ? 48  TYR A CG   1 
ATOM 728  C CD1  . TYR A 1 48  ? -4.004  7.036   0.924   1.00 10.00 ? 48  TYR A CD1  1 
ATOM 729  C CD2  . TYR A 1 48  ? -5.989  7.207   2.320   1.00 10.00 ? 48  TYR A CD2  1 
ATOM 730  C CE1  . TYR A 1 48  ? -4.626  7.832   -0.054  1.00 10.00 ? 48  TYR A CE1  1 
ATOM 731  C CE2  . TYR A 1 48  ? -6.622  7.997   1.343   1.00 10.00 ? 48  TYR A CE2  1 
ATOM 732  C CZ   . TYR A 1 48  ? -5.934  8.321   0.151   1.00 10.00 ? 48  TYR A CZ   1 
ATOM 733  O OH   . TYR A 1 48  ? -6.510  9.106   -0.800  1.00 10.00 ? 48  TYR A OH   1 
ATOM 734  H H    . TYR A 1 48  ? -4.244  8.364   4.796   1.00 10.00 ? 48  TYR A H    1 
ATOM 735  H HA   . TYR A 1 48  ? -2.808  5.810   4.940   1.00 10.00 ? 48  TYR A HA   1 
ATOM 736  H HB2  . TYR A 1 48  ? -3.336  5.165   2.664   1.00 10.00 ? 48  TYR A HB2  1 
ATOM 737  H HB3  . TYR A 1 48  ? -4.795  5.239   3.628   1.00 10.00 ? 48  TYR A HB3  1 
ATOM 738  H HD1  . TYR A 1 48  ? -3.005  6.658   0.753   1.00 10.00 ? 48  TYR A HD1  1 
ATOM 739  H HD2  . TYR A 1 48  ? -6.520  6.958   3.226   1.00 10.00 ? 48  TYR A HD2  1 
ATOM 740  H HE1  . TYR A 1 48  ? -4.105  8.072   -0.968  1.00 10.00 ? 48  TYR A HE1  1 
ATOM 741  H HE2  . TYR A 1 48  ? -7.628  8.354   1.512   1.00 10.00 ? 48  TYR A HE2  1 
ATOM 742  H HH   . TYR A 1 48  ? -7.419  9.371   -0.574  1.00 10.00 ? 48  TYR A HH   1 
ATOM 743  N N    . LYS A 1 49  ? -1.006  6.704   3.344   1.00 10.00 ? 49  LYS A N    1 
ATOM 744  C CA   . LYS A 1 49  ? 0.169   7.233   2.659   1.00 10.00 ? 49  LYS A CA   1 
ATOM 745  C C    . LYS A 1 49  ? 0.178   6.654   1.250   1.00 10.00 ? 49  LYS A C    1 
ATOM 746  O O    . LYS A 1 49  ? -0.381  5.583   1.006   1.00 10.00 ? 49  LYS A O    1 
ATOM 747  C CB   . LYS A 1 49  ? 1.422   6.845   3.469   1.00 10.00 ? 49  LYS A CB   1 
ATOM 748  C CG   . LYS A 1 49  ? 2.767   7.287   2.867   1.00 10.00 ? 49  LYS A CG   1 
ATOM 749  C CD   . LYS A 1 49  ? 3.937   6.886   3.780   1.00 10.00 ? 49  LYS A CD   1 
ATOM 750  C CE   . LYS A 1 49  ? 5.303   7.262   3.181   1.00 10.00 ? 49  LYS A CE   1 
ATOM 751  N NZ   . LYS A 1 49  ? 5.540   8.730   3.137   1.00 10.00 ? 49  LYS A NZ   1 
ATOM 752  H H    . LYS A 1 49  ? -1.018  5.697   3.488   1.00 10.00 ? 49  LYS A H    1 
ATOM 753  H HA   . LYS A 1 49  ? 0.102   8.322   2.594   1.00 10.00 ? 49  LYS A HA   1 
ATOM 754  H HB2  . LYS A 1 49  ? 1.332   7.295   4.457   1.00 10.00 ? 49  LYS A HB2  1 
ATOM 755  H HB3  . LYS A 1 49  ? 1.438   5.761   3.584   1.00 10.00 ? 49  LYS A HB3  1 
ATOM 756  H HG2  . LYS A 1 49  ? 2.913   6.805   1.901   1.00 10.00 ? 49  LYS A HG2  1 
ATOM 757  H HG3  . LYS A 1 49  ? 2.756   8.370   2.732   1.00 10.00 ? 49  LYS A HG3  1 
ATOM 758  H HD2  . LYS A 1 49  ? 3.822   7.353   4.760   1.00 10.00 ? 49  LYS A HD2  1 
ATOM 759  H HD3  . LYS A 1 49  ? 3.914   5.802   3.916   1.00 10.00 ? 49  LYS A HD3  1 
ATOM 760  H HE2  . LYS A 1 49  ? 6.085   6.794   3.785   1.00 10.00 ? 49  LYS A HE2  1 
ATOM 761  H HE3  . LYS A 1 49  ? 5.373   6.846   2.172   1.00 10.00 ? 49  LYS A HE3  1 
ATOM 762  H HZ1  . LYS A 1 49  ? 6.456   8.934   2.763   1.00 10.00 ? 49  LYS A HZ1  1 
ATOM 763  H HZ2  . LYS A 1 49  ? 4.867   9.200   2.549   1.00 10.00 ? 49  LYS A HZ2  1 
ATOM 764  H HZ3  . LYS A 1 49  ? 5.496   9.140   4.058   1.00 10.00 ? 49  LYS A HZ3  1 
ATOM 765  N N    . VAL A 1 50  ? 0.840   7.337   0.327   1.00 10.00 ? 50  VAL A N    1 
ATOM 766  C CA   . VAL A 1 50  ? 0.937   6.943   -1.067  1.00 10.00 ? 50  VAL A CA   1 
ATOM 767  C C    . VAL A 1 50  ? 2.420   7.019   -1.432  1.00 10.00 ? 50  VAL A C    1 
ATOM 768  O O    . VAL A 1 50  ? 3.140   7.892   -0.937  1.00 10.00 ? 50  VAL A O    1 
ATOM 769  C CB   . VAL A 1 50  ? 0.063   7.886   -1.924  1.00 10.00 ? 50  VAL A CB   1 
ATOM 770  C CG1  . VAL A 1 50  ? -0.034  7.399   -3.371  1.00 10.00 ? 50  VAL A CG1  1 
ATOM 771  C CG2  . VAL A 1 50  ? -1.378  8.012   -1.402  1.00 10.00 ? 50  VAL A CG2  1 
ATOM 772  H H    . VAL A 1 50  ? 1.339   8.177   0.585   1.00 10.00 ? 50  VAL A H    1 
ATOM 773  H HA   . VAL A 1 50  ? 0.585   5.918   -1.191  1.00 10.00 ? 50  VAL A HA   1 
ATOM 774  H HB   . VAL A 1 50  ? 0.511   8.879   -1.914  1.00 10.00 ? 50  VAL A HB   1 
ATOM 775  H HG11 . VAL A 1 50  ? -0.525  8.153   -3.982  1.00 10.00 ? 50  VAL A HG11 1 
ATOM 776  H HG12 . VAL A 1 50  ? 0.958   7.234   -3.785  1.00 10.00 ? 50  VAL A HG12 1 
ATOM 777  H HG13 . VAL A 1 50  ? -0.595  6.465   -3.419  1.00 10.00 ? 50  VAL A HG13 1 
ATOM 778  H HG21 . VAL A 1 50  ? -1.392  8.488   -0.421  1.00 10.00 ? 50  VAL A HG21 1 
ATOM 779  H HG22 . VAL A 1 50  ? -1.962  8.637   -2.077  1.00 10.00 ? 50  VAL A HG22 1 
ATOM 780  H HG23 . VAL A 1 50  ? -1.837  7.024   -1.335  1.00 10.00 ? 50  VAL A HG23 1 
ATOM 781  N N    . VAL A 1 51  ? 2.874   6.116   -2.299  1.00 10.00 ? 51  VAL A N    1 
ATOM 782  C CA   . VAL A 1 51  ? 4.230   6.087   -2.824  1.00 10.00 ? 51  VAL A CA   1 
ATOM 783  C C    . VAL A 1 51  ? 4.063   5.954   -4.336  1.00 10.00 ? 51  VAL A C    1 
ATOM 784  O O    . VAL A 1 51  ? 3.945   4.845   -4.857  1.00 10.00 ? 51  VAL A O    1 
ATOM 785  C CB   . VAL A 1 51  ? 5.057   4.952   -2.177  1.00 10.00 ? 51  VAL A CB   1 
ATOM 786  C CG1  . VAL A 1 51  ? 6.511   4.991   -2.675  1.00 10.00 ? 51  VAL A CG1  1 
ATOM 787  C CG2  . VAL A 1 51  ? 5.064   5.026   -0.640  1.00 10.00 ? 51  VAL A CG2  1 
ATOM 788  H H    . VAL A 1 51  ? 2.237   5.409   -2.653  1.00 10.00 ? 51  VAL A H    1 
ATOM 789  H HA   . VAL A 1 51  ? 4.727   7.035   -2.610  1.00 10.00 ? 51  VAL A HA   1 
ATOM 790  H HB   . VAL A 1 51  ? 4.625   3.992   -2.455  1.00 10.00 ? 51  VAL A HB   1 
ATOM 791  H HG11 . VAL A 1 51  ? 7.051   4.122   -2.303  1.00 10.00 ? 51  VAL A HG11 1 
ATOM 792  H HG12 . VAL A 1 51  ? 6.537   4.958   -3.764  1.00 10.00 ? 51  VAL A HG12 1 
ATOM 793  H HG13 . VAL A 1 51  ? 7.004   5.901   -2.332  1.00 10.00 ? 51  VAL A HG13 1 
ATOM 794  H HG21 . VAL A 1 51  ? 4.058   4.870   -0.251  1.00 10.00 ? 51  VAL A HG21 1 
ATOM 795  H HG22 . VAL A 1 51  ? 5.703   4.242   -0.236  1.00 10.00 ? 51  VAL A HG22 1 
ATOM 796  H HG23 . VAL A 1 51  ? 5.430   5.999   -0.313  1.00 10.00 ? 51  VAL A HG23 1 
ATOM 797  N N    . GLU A 1 52  ? 3.964   7.090   -5.029  1.00 10.00 ? 52  GLU A N    1 
ATOM 798  C CA   . GLU A 1 52  ? 3.861   7.138   -6.482  1.00 10.00 ? 52  GLU A CA   1 
ATOM 799  C C    . GLU A 1 52  ? 5.253   6.856   -7.047  1.00 10.00 ? 52  GLU A C    1 
ATOM 800  O O    . GLU A 1 52  ? 6.088   7.752   -7.188  1.00 10.00 ? 52  GLU A O    1 
ATOM 801  C CB   . GLU A 1 52  ? 3.278   8.480   -6.955  1.00 10.00 ? 52  GLU A CB   1 
ATOM 802  C CG   . GLU A 1 52  ? 1.807   8.605   -6.528  1.00 10.00 ? 52  GLU A CG   1 
ATOM 803  C CD   . GLU A 1 52  ? 1.140   9.944   -6.882  1.00 10.00 ? 52  GLU A CD   1 
ATOM 804  O OE1  . GLU A 1 52  ? 1.620   10.689  -7.762  1.00 10.00 ? 52  GLU A OE1  1 
ATOM 805  O OE2  . GLU A 1 52  ? 0.090   10.246  -6.274  1.00 10.00 ? 52  GLU A OE2  1 
ATOM 806  H H    . GLU A 1 52  ? 4.054   7.971   -4.545  1.00 10.00 ? 52  GLU A H    1 
ATOM 807  H HA   . GLU A 1 52  ? 3.182   6.347   -6.807  1.00 10.00 ? 52  GLU A HA   1 
ATOM 808  H HB2  . GLU A 1 52  ? 3.857   9.304   -6.534  1.00 10.00 ? 52  GLU A HB2  1 
ATOM 809  H HB3  . GLU A 1 52  ? 3.334   8.520   -8.044  1.00 10.00 ? 52  GLU A HB3  1 
ATOM 810  H HG2  . GLU A 1 52  ? 1.237   7.793   -6.986  1.00 10.00 ? 52  GLU A HG2  1 
ATOM 811  H HG3  . GLU A 1 52  ? 1.755   8.488   -5.446  1.00 10.00 ? 52  GLU A HG3  1 
ATOM 812  N N    . LEU A 1 53  ? 5.517   5.578   -7.315  1.00 10.00 ? 53  LEU A N    1 
ATOM 813  C CA   . LEU A 1 53  ? 6.825   5.036   -7.660  1.00 10.00 ? 53  LEU A CA   1 
ATOM 814  C C    . LEU A 1 53  ? 7.434   5.736   -8.871  1.00 10.00 ? 53  LEU A C    1 
ATOM 815  O O    . LEU A 1 53  ? 8.646   5.916   -8.908  1.00 10.00 ? 53  LEU A O    1 
ATOM 816  C CB   . LEU A 1 53  ? 6.696   3.520   -7.914  1.00 10.00 ? 53  LEU A CB   1 
ATOM 817  C CG   . LEU A 1 53  ? 6.328   2.705   -6.655  1.00 10.00 ? 53  LEU A CG   1 
ATOM 818  C CD1  . LEU A 1 53  ? 5.895   1.290   -7.044  1.00 10.00 ? 53  LEU A CD1  1 
ATOM 819  C CD2  . LEU A 1 53  ? 7.505   2.604   -5.681  1.00 10.00 ? 53  LEU A CD2  1 
ATOM 820  H H    . LEU A 1 53  ? 4.769   4.906   -7.165  1.00 10.00 ? 53  LEU A H    1 
ATOM 821  H HA   . LEU A 1 53  ? 7.494   5.203   -6.816  1.00 10.00 ? 53  LEU A HA   1 
ATOM 822  H HB2  . LEU A 1 53  ? 5.933   3.364   -8.678  1.00 10.00 ? 53  LEU A HB2  1 
ATOM 823  H HB3  . LEU A 1 53  ? 7.641   3.144   -8.312  1.00 10.00 ? 53  LEU A HB3  1 
ATOM 824  H HG   . LEU A 1 53  ? 5.491   3.175   -6.143  1.00 10.00 ? 53  LEU A HG   1 
ATOM 825  H HD11 . LEU A 1 53  ? 5.656   0.711   -6.150  1.00 10.00 ? 53  LEU A HD11 1 
ATOM 826  H HD12 . LEU A 1 53  ? 5.008   1.343   -7.673  1.00 10.00 ? 53  LEU A HD12 1 
ATOM 827  H HD13 . LEU A 1 53  ? 6.693   0.791   -7.588  1.00 10.00 ? 53  LEU A HD13 1 
ATOM 828  H HD21 . LEU A 1 53  ? 7.855   3.593   -5.391  1.00 10.00 ? 53  LEU A HD21 1 
ATOM 829  H HD22 . LEU A 1 53  ? 7.192   2.077   -4.780  1.00 10.00 ? 53  LEU A HD22 1 
ATOM 830  H HD23 . LEU A 1 53  ? 8.314   2.056   -6.157  1.00 10.00 ? 53  LEU A HD23 1 
ATOM 831  N N    . ASP A 1 54  ? 6.624   6.171   -9.840  1.00 10.00 ? 54  ASP A N    1 
ATOM 832  C CA   . ASP A 1 54  ? 7.125   6.843   -11.041 1.00 10.00 ? 54  ASP A CA   1 
ATOM 833  C C    . ASP A 1 54  ? 7.815   8.180   -10.721 1.00 10.00 ? 54  ASP A C    1 
ATOM 834  O O    . ASP A 1 54  ? 8.711   8.598   -11.456 1.00 10.00 ? 54  ASP A O    1 
ATOM 835  C CB   . ASP A 1 54  ? 5.977   7.071   -12.030 1.00 10.00 ? 54  ASP A CB   1 
ATOM 836  C CG   . ASP A 1 54  ? 6.487   7.716   -13.332 1.00 10.00 ? 54  ASP A CG   1 
ATOM 837  O OD1  . ASP A 1 54  ? 6.233   8.918   -13.569 1.00 10.00 ? 54  ASP A OD1  1 
ATOM 838  O OD2  . ASP A 1 54  ? 7.120   7.007   -14.146 1.00 10.00 ? 54  ASP A OD2  1 
ATOM 839  H H    . ASP A 1 54  ? 5.633   6.013   -9.752  1.00 10.00 ? 54  ASP A H    1 
ATOM 840  H HA   . ASP A 1 54  ? 7.863   6.186   -11.511 1.00 10.00 ? 54  ASP A HA   1 
ATOM 841  H HB2  . ASP A 1 54  ? 5.506   6.112   -12.259 1.00 10.00 ? 54  ASP A HB2  1 
ATOM 842  H HB3  . ASP A 1 54  ? 5.226   7.710   -11.564 1.00 10.00 ? 54  ASP A HB3  1 
ATOM 843  N N    . GLU A 1 55  ? 7.442   8.834   -9.614  1.00 10.00 ? 55  GLU A N    1 
ATOM 844  C CA   . GLU A 1 55  ? 8.049   10.087  -9.158  1.00 10.00 ? 55  GLU A CA   1 
ATOM 845  C C    . GLU A 1 55  ? 9.164   9.839   -8.134  1.00 10.00 ? 55  GLU A C    1 
ATOM 846  O O    . GLU A 1 55  ? 9.991   10.727  -7.912  1.00 10.00 ? 55  GLU A O    1 
ATOM 847  C CB   . GLU A 1 55  ? 6.961   10.984  -8.535  1.00 10.00 ? 55  GLU A CB   1 
ATOM 848  C CG   . GLU A 1 55  ? 6.214   11.815  -9.586  1.00 10.00 ? 55  GLU A CG   1 
ATOM 849  C CD   . GLU A 1 55  ? 7.035   13.029  -10.060 1.00 10.00 ? 55  GLU A CD   1 
ATOM 850  O OE1  . GLU A 1 55  ? 7.000   14.090  -9.395  1.00 10.00 ? 55  GLU A OE1  1 
ATOM 851  O OE2  . GLU A 1 55  ? 7.708   12.947  -11.112 1.00 10.00 ? 55  GLU A OE2  1 
ATOM 852  H H    . GLU A 1 55  ? 6.756   8.410   -9.000  1.00 10.00 ? 55  GLU A H    1 
ATOM 853  H HA   . GLU A 1 55  ? 8.493   10.607  -10.008 1.00 10.00 ? 55  GLU A HA   1 
ATOM 854  H HB2  . GLU A 1 55  ? 6.244   10.363  -7.995  1.00 10.00 ? 55  GLU A HB2  1 
ATOM 855  H HB3  . GLU A 1 55  ? 7.407   11.667  -7.811  1.00 10.00 ? 55  GLU A HB3  1 
ATOM 856  H HG2  . GLU A 1 55  ? 5.967   11.177  -10.435 1.00 10.00 ? 55  GLU A HG2  1 
ATOM 857  H HG3  . GLU A 1 55  ? 5.277   12.165  -9.147  1.00 10.00 ? 55  GLU A HG3  1 
ATOM 858  N N    . LEU A 1 56  ? 9.198   8.663   -7.499  1.00 10.00 ? 56  LEU A N    1 
ATOM 859  C CA   . LEU A 1 56  ? 10.175  8.351   -6.462  1.00 10.00 ? 56  LEU A CA   1 
ATOM 860  C C    . LEU A 1 56  ? 11.576  8.254   -7.075  1.00 10.00 ? 56  LEU A C    1 
ATOM 861  O O    . LEU A 1 56  ? 11.758  7.662   -8.141  1.00 10.00 ? 56  LEU A O    1 
ATOM 862  C CB   . LEU A 1 56  ? 9.777   7.045   -5.753  1.00 10.00 ? 56  LEU A CB   1 
ATOM 863  C CG   . LEU A 1 56  ? 10.709  6.661   -4.587  1.00 10.00 ? 56  LEU A CG   1 
ATOM 864  C CD1  . LEU A 1 56  ? 10.710  7.696   -3.454  1.00 10.00 ? 56  LEU A CD1  1 
ATOM 865  C CD2  . LEU A 1 56  ? 10.280  5.307   -4.026  1.00 10.00 ? 56  LEU A CD2  1 
ATOM 866  H H    . LEU A 1 56  ? 8.540   7.945   -7.770  1.00 10.00 ? 56  LEU A H    1 
ATOM 867  H HA   . LEU A 1 56  ? 10.153  9.166   -5.738  1.00 10.00 ? 56  LEU A HA   1 
ATOM 868  H HB2  . LEU A 1 56  ? 8.759   7.145   -5.374  1.00 10.00 ? 56  LEU A HB2  1 
ATOM 869  H HB3  . LEU A 1 56  ? 9.790   6.239   -6.487  1.00 10.00 ? 56  LEU A HB3  1 
ATOM 870  H HG   . LEU A 1 56  ? 11.727  6.550   -4.957  1.00 10.00 ? 56  LEU A HG   1 
ATOM 871  H HD11 . LEU A 1 56  ? 9.694   7.857   -3.091  1.00 10.00 ? 56  LEU A HD11 1 
ATOM 872  H HD12 . LEU A 1 56  ? 11.122  8.644   -3.795  1.00 10.00 ? 56  LEU A HD12 1 
ATOM 873  H HD13 . LEU A 1 56  ? 11.329  7.340   -2.629  1.00 10.00 ? 56  LEU A HD13 1 
ATOM 874  H HD21 . LEU A 1 56  ? 9.269   5.366   -3.622  1.00 10.00 ? 56  LEU A HD21 1 
ATOM 875  H HD22 . LEU A 1 56  ? 10.306  4.560   -4.820  1.00 10.00 ? 56  LEU A HD22 1 
ATOM 876  H HD23 . LEU A 1 56  ? 10.965  5.000   -3.235  1.00 10.00 ? 56  LEU A HD23 1 
ATOM 877  N N    . SER A 1 57  ? 12.573  8.783   -6.363  1.00 10.00 ? 57  SER A N    1 
ATOM 878  C CA   . SER A 1 57  ? 13.962  8.889   -6.799  1.00 10.00 ? 57  SER A CA   1 
ATOM 879  C C    . SER A 1 57  ? 14.632  7.540   -7.115  1.00 10.00 ? 57  SER A C    1 
ATOM 880  O O    . SER A 1 57  ? 15.649  7.517   -7.809  1.00 10.00 ? 57  SER A O    1 
ATOM 881  C CB   . SER A 1 57  ? 14.749  9.631   -5.707  1.00 10.00 ? 57  SER A CB   1 
ATOM 882  O OG   . SER A 1 57  ? 14.011  10.745  -5.212  1.00 10.00 ? 57  SER A OG   1 
ATOM 883  H H    . SER A 1 57  ? 12.360  9.300   -5.520  1.00 10.00 ? 57  SER A H    1 
ATOM 884  H HA   . SER A 1 57  ? 13.982  9.496   -7.706  1.00 10.00 ? 57  SER A HA   1 
ATOM 885  H HB2  . SER A 1 57  ? 14.946  8.946   -4.880  1.00 10.00 ? 57  SER A HB2  1 
ATOM 886  H HB3  . SER A 1 57  ? 15.702  9.969   -6.115  1.00 10.00 ? 57  SER A HB3  1 
ATOM 887  H HG   . SER A 1 57  ? 14.564  11.199  -4.552  1.00 10.00 ? 57  SER A HG   1 
ATOM 888  N N    . ASP A 1 58  ? 14.072  6.421   -6.636  1.00 10.00 ? 58  ASP A N    1 
ATOM 889  C CA   . ASP A 1 58  ? 14.599  5.067   -6.843  1.00 10.00 ? 58  ASP A CA   1 
ATOM 890  C C    . ASP A 1 58  ? 13.473  4.118   -7.283  1.00 10.00 ? 58  ASP A C    1 
ATOM 891  O O    . ASP A 1 58  ? 13.528  2.908   -7.064  1.00 10.00 ? 58  ASP A O    1 
ATOM 892  C CB   . ASP A 1 58  ? 15.296  4.610   -5.552  1.00 10.00 ? 58  ASP A CB   1 
ATOM 893  C CG   . ASP A 1 58  ? 16.117  3.326   -5.740  1.00 10.00 ? 58  ASP A CG   1 
ATOM 894  O OD1  . ASP A 1 58  ? 16.806  3.190   -6.777  1.00 10.00 ? 58  ASP A OD1  1 
ATOM 895  O OD2  . ASP A 1 58  ? 16.151  2.496   -4.803  1.00 10.00 ? 58  ASP A OD2  1 
ATOM 896  H H    . ASP A 1 58  ? 13.248  6.497   -6.056  1.00 10.00 ? 58  ASP A H    1 
ATOM 897  H HA   . ASP A 1 58  ? 15.340  5.090   -7.642  1.00 10.00 ? 58  ASP A HA   1 
ATOM 898  H HB2  . ASP A 1 58  ? 15.973  5.400   -5.219  1.00 10.00 ? 58  ASP A HB2  1 
ATOM 899  H HB3  . ASP A 1 58  ? 14.543  4.466   -4.773  1.00 10.00 ? 58  ASP A HB3  1 
ATOM 900  N N    . GLY A 1 59  ? 12.413  4.695   -7.862  1.00 10.00 ? 59  GLY A N    1 
ATOM 901  C CA   . GLY A 1 59  ? 11.139  4.063   -8.180  1.00 10.00 ? 59  GLY A CA   1 
ATOM 902  C C    . GLY A 1 59  ? 11.243  2.668   -8.777  1.00 10.00 ? 59  GLY A C    1 
ATOM 903  O O    . GLY A 1 59  ? 10.618  1.746   -8.260  1.00 10.00 ? 59  GLY A O    1 
ATOM 904  H H    . GLY A 1 59  ? 12.461  5.692   -8.043  1.00 10.00 ? 59  GLY A H    1 
ATOM 905  H HA2  . GLY A 1 59  ? 10.520  4.026   -7.285  1.00 10.00 ? 59  GLY A HA2  1 
ATOM 906  H HA3  . GLY A 1 59  ? 10.651  4.689   -8.921  1.00 10.00 ? 59  GLY A HA3  1 
ATOM 907  N N    . SER A 1 60  ? 12.033  2.493   -9.835  1.00 10.00 ? 60  SER A N    1 
ATOM 908  C CA   . SER A 1 60  ? 12.145  1.216   -10.533 1.00 10.00 ? 60  SER A CA   1 
ATOM 909  C C    . SER A 1 60  ? 12.698  0.105   -9.631  1.00 10.00 ? 60  SER A C    1 
ATOM 910  O O    . SER A 1 60  ? 12.187  -1.018  -9.644  1.00 10.00 ? 60  SER A O    1 
ATOM 911  C CB   . SER A 1 60  ? 13.026  1.402   -11.775 1.00 10.00 ? 60  SER A CB   1 
ATOM 912  O OG   . SER A 1 60  ? 12.638  2.564   -12.499 1.00 10.00 ? 60  SER A OG   1 
ATOM 913  H H    . SER A 1 60  ? 12.452  3.298   -10.280 1.00 10.00 ? 60  SER A H    1 
ATOM 914  H HA   . SER A 1 60  ? 11.148  0.918   -10.858 1.00 10.00 ? 60  SER A HA   1 
ATOM 915  H HB2  . SER A 1 60  ? 14.067  1.507   -11.466 1.00 10.00 ? 60  SER A HB2  1 
ATOM 916  H HB3  . SER A 1 60  ? 12.936  0.521   -12.412 1.00 10.00 ? 60  SER A HB3  1 
ATOM 917  H HG   . SER A 1 60  ? 13.209  2.632   -13.285 1.00 10.00 ? 60  SER A HG   1 
ATOM 918  N N    . GLN A 1 61  ? 13.714  0.401   -8.815  1.00 10.00 ? 61  GLN A N    1 
ATOM 919  C CA   . GLN A 1 61  ? 14.285  -0.594  -7.910  1.00 10.00 ? 61  GLN A CA   1 
ATOM 920  C C    . GLN A 1 61  ? 13.345  -0.826  -6.727  1.00 10.00 ? 61  GLN A C    1 
ATOM 921  O O    . GLN A 1 61  ? 13.220  -1.956  -6.262  1.00 10.00 ? 61  GLN A O    1 
ATOM 922  C CB   . GLN A 1 61  ? 15.680  -0.182  -7.423  1.00 10.00 ? 61  GLN A CB   1 
ATOM 923  C CG   . GLN A 1 61  ? 16.679  -0.006  -8.578  1.00 10.00 ? 61  GLN A CG   1 
ATOM 924  C CD   . GLN A 1 61  ? 18.128  0.033   -8.084  1.00 10.00 ? 61  GLN A CD   1 
ATOM 925  O OE1  . GLN A 1 61  ? 18.901  -0.891  -8.321  1.00 10.00 ? 61  GLN A OE1  1 
ATOM 926  N NE2  . GLN A 1 61  ? 18.530  1.084   -7.393  1.00 10.00 ? 61  GLN A NE2  1 
ATOM 927  H H    . GLN A 1 61  ? 14.025  1.361   -8.738  1.00 10.00 ? 61  GLN A H    1 
ATOM 928  H HA   . GLN A 1 61  ? 14.385  -1.537  -8.449  1.00 10.00 ? 61  GLN A HA   1 
ATOM 929  H HB2  . GLN A 1 61  ? 15.609  0.745   -6.861  1.00 10.00 ? 61  GLN A HB2  1 
ATOM 930  H HB3  . GLN A 1 61  ? 16.053  -0.962  -6.757  1.00 10.00 ? 61  GLN A HB3  1 
ATOM 931  H HG2  . GLN A 1 61  ? 16.570  -0.839  -9.275  1.00 10.00 ? 61  GLN A HG2  1 
ATOM 932  H HG3  . GLN A 1 61  ? 16.454  0.918   -9.114  1.00 10.00 ? 61  GLN A HG3  1 
ATOM 933  H HE21 . GLN A 1 61  ? 17.870  1.841   -7.177  1.00 10.00 ? 61  GLN A HE21 1 
ATOM 934  H HE22 . GLN A 1 61  ? 19.495  1.142   -7.056  1.00 10.00 ? 61  GLN A HE22 1 
ATOM 935  N N    . LEU A 1 62  ? 12.637  0.210   -6.272  1.00 10.00 ? 62  LEU A N    1 
ATOM 936  C CA   . LEU A 1 62  ? 11.615  0.095   -5.240  1.00 10.00 ? 62  LEU A CA   1 
ATOM 937  C C    . LEU A 1 62  ? 10.488  -0.825  -5.729  1.00 10.00 ? 62  LEU A C    1 
ATOM 938  O O    . LEU A 1 62  ? 10.098  -1.749  -5.019  1.00 10.00 ? 62  LEU A O    1 
ATOM 939  C CB   . LEU A 1 62  ? 11.138  1.513   -4.868  1.00 10.00 ? 62  LEU A CB   1 
ATOM 940  C CG   . LEU A 1 62  ? 10.604  1.705   -3.437  1.00 10.00 ? 62  LEU A CG   1 
ATOM 941  C CD1  . LEU A 1 62  ? 9.516   0.709   -3.040  1.00 10.00 ? 62  LEU A CD1  1 
ATOM 942  C CD2  . LEU A 1 62  ? 11.741  1.650   -2.414  1.00 10.00 ? 62  LEU A CD2  1 
ATOM 943  H H    . LEU A 1 62  ? 12.809  1.132   -6.662  1.00 10.00 ? 62  LEU A H    1 
ATOM 944  H HA   . LEU A 1 62  ? 12.064  -0.367  -4.366  1.00 10.00 ? 62  LEU A HA   1 
ATOM 945  H HB2  . LEU A 1 62  ? 11.969  2.211   -4.988  1.00 10.00 ? 62  LEU A HB2  1 
ATOM 946  H HB3  . LEU A 1 62  ? 10.377  1.825   -5.577  1.00 10.00 ? 62  LEU A HB3  1 
ATOM 947  H HG   . LEU A 1 62  ? 10.173  2.701   -3.386  1.00 10.00 ? 62  LEU A HG   1 
ATOM 948  H HD11 . LEU A 1 62  ? 8.752   0.663   -3.814  1.00 10.00 ? 62  LEU A HD11 1 
ATOM 949  H HD12 . LEU A 1 62  ? 9.949   -0.279  -2.907  1.00 10.00 ? 62  LEU A HD12 1 
ATOM 950  H HD13 . LEU A 1 62  ? 9.053   1.021   -2.104  1.00 10.00 ? 62  LEU A HD13 1 
ATOM 951  H HD21 . LEU A 1 62  ? 12.195  0.661   -2.398  1.00 10.00 ? 62  LEU A HD21 1 
ATOM 952  H HD22 . LEU A 1 62  ? 12.505  2.385   -2.673  1.00 10.00 ? 62  LEU A HD22 1 
ATOM 953  H HD23 . LEU A 1 62  ? 11.352  1.879   -1.423  1.00 10.00 ? 62  LEU A HD23 1 
ATOM 954  N N    . GLN A 1 63  ? 10.019  -0.654  -6.970  1.00 10.00 ? 63  GLN A N    1 
ATOM 955  C CA   . GLN A 1 63  ? 9.026   -1.539  -7.568  1.00 10.00 ? 63  GLN A CA   1 
ATOM 956  C C    . GLN A 1 63  ? 9.582   -2.962  -7.680  1.00 10.00 ? 63  GLN A C    1 
ATOM 957  O O    . GLN A 1 63  ? 8.866   -3.922  -7.400  1.00 10.00 ? 63  GLN A O    1 
ATOM 958  C CB   . GLN A 1 63  ? 8.581   -1.020  -8.948  1.00 10.00 ? 63  GLN A CB   1 
ATOM 959  C CG   . GLN A 1 63  ? 7.288   -1.738  -9.375  1.00 10.00 ? 63  GLN A CG   1 
ATOM 960  C CD   . GLN A 1 63  ? 6.799   -1.407  -10.784 1.00 10.00 ? 63  GLN A CD   1 
ATOM 961  O OE1  . GLN A 1 63  ? 7.261   -0.489  -11.458 1.00 10.00 ? 63  GLN A OE1  1 
ATOM 962  N NE2  . GLN A 1 63  ? 5.834   -2.173  -11.258 1.00 10.00 ? 63  GLN A NE2  1 
ATOM 963  H H    . GLN A 1 63  ? 10.360  0.125   -7.523  1.00 10.00 ? 63  GLN A H    1 
ATOM 964  H HA   . GLN A 1 63  ? 8.161   -1.554  -6.905  1.00 10.00 ? 63  GLN A HA   1 
ATOM 965  H HB2  . GLN A 1 63  ? 8.394   0.053   -8.900  1.00 10.00 ? 63  GLN A HB2  1 
ATOM 966  H HB3  . GLN A 1 63  ? 9.367   -1.201  -9.683  1.00 10.00 ? 63  GLN A HB3  1 
ATOM 967  H HG2  . GLN A 1 63  ? 7.448   -2.816  -9.333  1.00 10.00 ? 63  GLN A HG2  1 
ATOM 968  H HG3  . GLN A 1 63  ? 6.493   -1.498  -8.667  1.00 10.00 ? 63  GLN A HG3  1 
ATOM 969  H HE21 . GLN A 1 63  ? 5.462   -2.918  -10.662 1.00 10.00 ? 63  GLN A HE21 1 
ATOM 970  H HE22 . GLN A 1 63  ? 5.484   -2.058  -12.194 1.00 10.00 ? 63  GLN A HE22 1 
ATOM 971  N N    . SER A 1 64  ? 10.854  -3.112  -8.059  1.00 10.00 ? 64  SER A N    1 
ATOM 972  C CA   . SER A 1 64  ? 11.495  -4.419  -8.136  1.00 10.00 ? 64  SER A CA   1 
ATOM 973  C C    . SER A 1 64  ? 11.527  -5.088  -6.755  1.00 10.00 ? 64  SER A C    1 
ATOM 974  O O    . SER A 1 64  ? 11.273  -6.288  -6.656  1.00 10.00 ? 64  SER A O    1 
ATOM 975  C CB   . SER A 1 64  ? 12.901  -4.285  -8.733  1.00 10.00 ? 64  SER A CB   1 
ATOM 976  O OG   . SER A 1 64  ? 12.862  -3.656  -10.006 1.00 10.00 ? 64  SER A OG   1 
ATOM 977  H H    . SER A 1 64  ? 11.391  -2.292  -8.317  1.00 10.00 ? 64  SER A H    1 
ATOM 978  H HA   . SER A 1 64  ? 10.903  -5.052  -8.798  1.00 10.00 ? 64  SER A HA   1 
ATOM 979  H HB2  . SER A 1 64  ? 13.538  -3.709  -8.062  1.00 10.00 ? 64  SER A HB2  1 
ATOM 980  H HB3  . SER A 1 64  ? 13.331  -5.281  -8.841  1.00 10.00 ? 64  SER A HB3  1 
ATOM 981  H HG   . SER A 1 64  ? 12.594  -2.725  -9.889  1.00 10.00 ? 64  SER A HG   1 
ATOM 982  N N    . ALA A 1 65  ? 11.779  -4.327  -5.682  1.00 10.00 ? 65  ALA A N    1 
ATOM 983  C CA   . ALA A 1 65  ? 11.740  -4.848  -4.323  1.00 10.00 ? 65  ALA A CA   1 
ATOM 984  C C    . ALA A 1 65  ? 10.327  -5.288  -3.962  1.00 10.00 ? 65  ALA A C    1 
ATOM 985  O O    . ALA A 1 65  ? 10.171  -6.373  -3.408  1.00 10.00 ? 65  ALA A O    1 
ATOM 986  C CB   . ALA A 1 65  ? 12.260  -3.813  -3.327  1.00 10.00 ? 65  ALA A CB   1 
ATOM 987  H H    . ALA A 1 65  ? 12.008  -3.347  -5.811  1.00 10.00 ? 65  ALA A H    1 
ATOM 988  H HA   . ALA A 1 65  ? 12.389  -5.722  -4.266  1.00 10.00 ? 65  ALA A HA   1 
ATOM 989  H HB1  . ALA A 1 65  ? 12.251  -4.253  -2.331  1.00 10.00 ? 65  ALA A HB1  1 
ATOM 990  H HB2  . ALA A 1 65  ? 13.283  -3.546  -3.581  1.00 10.00 ? 65  ALA A HB2  1 
ATOM 991  H HB3  . ALA A 1 65  ? 11.629  -2.924  -3.330  1.00 10.00 ? 65  ALA A HB3  1 
ATOM 992  N N    . LEU A 1 66  ? 9.306   -4.499  -4.312  1.00 10.00 ? 66  LEU A N    1 
ATOM 993  C CA   . LEU A 1 66  ? 7.906   -4.883  -4.131  1.00 10.00 ? 66  LEU A CA   1 
ATOM 994  C C    . LEU A 1 66  ? 7.623   -6.205  -4.844  1.00 10.00 ? 66  LEU A C    1 
ATOM 995  O O    . LEU A 1 66  ? 7.030   -7.097  -4.239  1.00 10.00 ? 66  LEU A O    1 
ATOM 996  C CB   . LEU A 1 66  ? 6.951   -3.778  -4.633  1.00 10.00 ? 66  LEU A CB   1 
ATOM 997  C CG   . LEU A 1 66  ? 6.325   -2.887  -3.544  1.00 10.00 ? 66  LEU A CG   1 
ATOM 998  C CD1  . LEU A 1 66  ? 5.375   -3.664  -2.628  1.00 10.00 ? 66  LEU A CD1  1 
ATOM 999  C CD2  . LEU A 1 66  ? 7.380   -2.175  -2.696  1.00 10.00 ? 66  LEU A CD2  1 
ATOM 1000 H H    . LEU A 1 66  ? 9.514   -3.597  -4.730  1.00 10.00 ? 66  LEU A H    1 
ATOM 1001 H HA   . LEU A 1 66  ? 7.740   -5.053  -3.068  1.00 10.00 ? 66  LEU A HA   1 
ATOM 1002 H HB2  . LEU A 1 66  ? 7.474   -3.136  -5.338  1.00 10.00 ? 66  LEU A HB2  1 
ATOM 1003 H HB3  . LEU A 1 66  ? 6.131   -4.240  -5.185  1.00 10.00 ? 66  LEU A HB3  1 
ATOM 1004 H HG   . LEU A 1 66  ? 5.736   -2.121  -4.053  1.00 10.00 ? 66  LEU A HG   1 
ATOM 1005 H HD11 . LEU A 1 66  ? 4.887   -2.962  -1.957  1.00 10.00 ? 66  LEU A HD11 1 
ATOM 1006 H HD12 . LEU A 1 66  ? 4.619   -4.171  -3.225  1.00 10.00 ? 66  LEU A HD12 1 
ATOM 1007 H HD13 . LEU A 1 66  ? 5.915   -4.400  -2.036  1.00 10.00 ? 66  LEU A HD13 1 
ATOM 1008 H HD21 . LEU A 1 66  ? 8.108   -1.704  -3.352  1.00 10.00 ? 66  LEU A HD21 1 
ATOM 1009 H HD22 . LEU A 1 66  ? 6.902   -1.402  -2.091  1.00 10.00 ? 66  LEU A HD22 1 
ATOM 1010 H HD23 . LEU A 1 66  ? 7.889   -2.883  -2.045  1.00 10.00 ? 66  LEU A HD23 1 
ATOM 1011 N N    . ALA A 1 67  ? 8.067   -6.360  -6.097  1.00 10.00 ? 67  ALA A N    1 
ATOM 1012 C CA   . ALA A 1 67  ? 7.888   -7.596  -6.849  1.00 10.00 ? 67  ALA A CA   1 
ATOM 1013 C C    . ALA A 1 67  ? 8.527   -8.785  -6.134  1.00 10.00 ? 67  ALA A C    1 
ATOM 1014 O O    . ALA A 1 67  ? 7.868   -9.801  -5.918  1.00 10.00 ? 67  ALA A O    1 
ATOM 1015 C CB   . ALA A 1 67  ? 8.457   -7.441  -8.267  1.00 10.00 ? 67  ALA A CB   1 
ATOM 1016 H H    . ALA A 1 67  ? 8.483   -5.562  -6.573  1.00 10.00 ? 67  ALA A H    1 
ATOM 1017 H HA   . ALA A 1 67  ? 6.823   -7.793  -6.906  1.00 10.00 ? 67  ALA A HA   1 
ATOM 1018 H HB1  . ALA A 1 67  ? 8.092   -6.525  -8.729  1.00 10.00 ? 67  ALA A HB1  1 
ATOM 1019 H HB2  . ALA A 1 67  ? 9.546   -7.405  -8.241  1.00 10.00 ? 67  ALA A HB2  1 
ATOM 1020 H HB3  . ALA A 1 67  ? 8.154   -8.296  -8.873  1.00 10.00 ? 67  ALA A HB3  1 
ATOM 1021 N N    . HIS A 1 68  ? 9.791   -8.644  -5.735  1.00 10.00 ? 68  HIS A N    1 
ATOM 1022 C CA   . HIS A 1 68  ? 10.541  -9.662  -5.014  1.00 10.00 ? 68  HIS A CA   1 
ATOM 1023 C C    . HIS A 1 68  ? 9.841   -10.035 -3.694  1.00 10.00 ? 68  HIS A C    1 
ATOM 1024 O O    . HIS A 1 68  ? 9.753   -11.215 -3.348  1.00 10.00 ? 68  HIS A O    1 
ATOM 1025 C CB   . HIS A 1 68  ? 11.971  -9.125  -4.810  1.00 10.00 ? 68  HIS A CB   1 
ATOM 1026 C CG   . HIS A 1 68  ? 12.671  -9.610  -3.569  1.00 10.00 ? 68  HIS A CG   1 
ATOM 1027 N ND1  . HIS A 1 68  ? 13.466  -10.727 -3.438  1.00 10.00 ? 68  HIS A ND1  1 
ATOM 1028 C CD2  . HIS A 1 68  ? 12.617  -8.999  -2.346  1.00 10.00 ? 68  HIS A CD2  1 
ATOM 1029 C CE1  . HIS A 1 68  ? 13.878  -10.789 -2.160  1.00 10.00 ? 68  HIS A CE1  1 
ATOM 1030 N NE2  . HIS A 1 68  ? 13.384  -9.756  -1.450  1.00 10.00 ? 68  HIS A NE2  1 
ATOM 1031 H H    . HIS A 1 68  ? 10.268  -7.774  -5.957  1.00 10.00 ? 68  HIS A H    1 
ATOM 1032 H HA   . HIS A 1 68  ? 10.595  -10.561 -5.629  1.00 10.00 ? 68  HIS A HA   1 
ATOM 1033 H HB2  . HIS A 1 68  ? 12.569  -9.377  -5.686  1.00 10.00 ? 68  HIS A HB2  1 
ATOM 1034 H HB3  . HIS A 1 68  ? 11.943  -8.038  -4.740  1.00 10.00 ? 68  HIS A HB3  1 
ATOM 1035 H HD1  . HIS A 1 68  ? 13.703  -11.392 -4.167  1.00 10.00 ? 68  HIS A HD1  1 
ATOM 1036 H HD2  . HIS A 1 68  ? 12.055  -8.098  -2.126  1.00 10.00 ? 68  HIS A HD2  1 
ATOM 1037 H HE1  . HIS A 1 68  ? 14.519  -11.567 -1.760  1.00 10.00 ? 68  HIS A HE1  1 
ATOM 1038 N N    . TRP A 1 69  ? 9.349   -9.037  -2.959  1.00 10.00 ? 69  TRP A N    1 
ATOM 1039 C CA   . TRP A 1 69  ? 8.840   -9.189  -1.603  1.00 10.00 ? 69  TRP A CA   1 
ATOM 1040 C C    . TRP A 1 69  ? 7.437   -9.796  -1.584  1.00 10.00 ? 69  TRP A C    1 
ATOM 1041 O O    . TRP A 1 69  ? 7.154   -10.659 -0.751  1.00 10.00 ? 69  TRP A O    1 
ATOM 1042 C CB   . TRP A 1 69  ? 8.825   -7.794  -0.960  1.00 10.00 ? 69  TRP A CB   1 
ATOM 1043 C CG   . TRP A 1 69  ? 8.419   -7.654  0.477   1.00 10.00 ? 69  TRP A CG   1 
ATOM 1044 C CD1  . TRP A 1 69  ? 8.397   -8.626  1.418   1.00 10.00 ? 69  TRP A CD1  1 
ATOM 1045 C CD2  . TRP A 1 69  ? 8.000   -6.436  1.167   1.00 10.00 ? 69  TRP A CD2  1 
ATOM 1046 N NE1  . TRP A 1 69  ? 7.970   -8.108  2.620   1.00 10.00 ? 69  TRP A NE1  1 
ATOM 1047 C CE2  . TRP A 1 69  ? 7.708   -6.759  2.527   1.00 10.00 ? 69  TRP A CE2  1 
ATOM 1048 C CE3  . TRP A 1 69  ? 7.839   -5.087  0.778   1.00 10.00 ? 69  TRP A CE3  1 
ATOM 1049 C CZ2  . TRP A 1 69  ? 7.259   -5.798  3.445   1.00 10.00 ? 69  TRP A CZ2  1 
ATOM 1050 C CZ3  . TRP A 1 69  ? 7.397   -4.113  1.693   1.00 10.00 ? 69  TRP A CZ3  1 
ATOM 1051 C CH2  . TRP A 1 69  ? 7.106   -4.468  3.022   1.00 10.00 ? 69  TRP A CH2  1 
ATOM 1052 H H    . TRP A 1 69  ? 9.460   -8.087  -3.301  1.00 10.00 ? 69  TRP A H    1 
ATOM 1053 H HA   . TRP A 1 69  ? 9.518   -9.833  -1.041  1.00 10.00 ? 69  TRP A HA   1 
ATOM 1054 H HB2  . TRP A 1 69  ? 9.826   -7.382  -1.046  1.00 10.00 ? 69  TRP A HB2  1 
ATOM 1055 H HB3  . TRP A 1 69  ? 8.169   -7.150  -1.548  1.00 10.00 ? 69  TRP A HB3  1 
ATOM 1056 H HD1  . TRP A 1 69  ? 8.662   -9.664  1.264   1.00 10.00 ? 69  TRP A HD1  1 
ATOM 1057 H HE1  . TRP A 1 69  ? 7.866   -8.681  3.447   1.00 10.00 ? 69  TRP A HE1  1 
ATOM 1058 H HE3  . TRP A 1 69  ? 8.058   -4.804  -0.242  1.00 10.00 ? 69  TRP A HE3  1 
ATOM 1059 H HZ2  . TRP A 1 69  ? 7.034   -6.077  4.466   1.00 10.00 ? 69  TRP A HZ2  1 
ATOM 1060 H HZ3  . TRP A 1 69  ? 7.263   -3.090  1.373   1.00 10.00 ? 69  TRP A HZ3  1 
ATOM 1061 H HH2  . TRP A 1 69  ? 6.744   -3.721  3.713   1.00 10.00 ? 69  TRP A HH2  1 
ATOM 1062 N N    . THR A 1 70  ? 6.570   -9.379  -2.509  1.00 10.00 ? 70  THR A N    1 
ATOM 1063 C CA   . THR A 1 70  ? 5.146   -9.702  -2.457  1.00 10.00 ? 70  THR A CA   1 
ATOM 1064 C C    . THR A 1 70  ? 4.734   -10.729 -3.519  1.00 10.00 ? 70  THR A C    1 
ATOM 1065 O O    . THR A 1 70  ? 3.653   -11.314 -3.421  1.00 10.00 ? 70  THR A O    1 
ATOM 1066 C CB   . THR A 1 70  ? 4.332   -8.399  -2.588  1.00 10.00 ? 70  THR A CB   1 
ATOM 1067 O OG1  . THR A 1 70  ? 4.465   -7.833  -3.877  1.00 10.00 ? 70  THR A OG1  1 
ATOM 1068 C CG2  . THR A 1 70  ? 4.728   -7.320  -1.572  1.00 10.00 ? 70  THR A CG2  1 
ATOM 1069 H H    . THR A 1 70  ? 6.865   -8.669  -3.171  1.00 10.00 ? 70  THR A H    1 
ATOM 1070 H HA   . THR A 1 70  ? 4.911   -10.132 -1.483  1.00 10.00 ? 70  THR A HA   1 
ATOM 1071 H HB   . THR A 1 70  ? 3.279   -8.638  -2.436  1.00 10.00 ? 70  THR A HB   1 
ATOM 1072 H HG1  . THR A 1 70  ? 5.366   -7.468  -3.971  1.00 10.00 ? 70  THR A HG1  1 
ATOM 1073 H HG21 . THR A 1 70  ? 4.605   -7.704  -0.559  1.00 10.00 ? 70  THR A HG21 1 
ATOM 1074 H HG22 . THR A 1 70  ? 5.764   -7.011  -1.710  1.00 10.00 ? 70  THR A HG22 1 
ATOM 1075 H HG23 . THR A 1 70  ? 4.095   -6.443  -1.709  1.00 10.00 ? 70  THR A HG23 1 
ATOM 1076 N N    . GLY A 1 71  ? 5.575   -10.958 -4.536  1.00 10.00 ? 71  GLY A N    1 
ATOM 1077 C CA   . GLY A 1 71  ? 5.203   -11.732 -5.714  1.00 10.00 ? 71  GLY A CA   1 
ATOM 1078 C C    . GLY A 1 71  ? 4.154   -10.995 -6.559  1.00 10.00 ? 71  GLY A C    1 
ATOM 1079 O O    . GLY A 1 71  ? 3.498   -11.617 -7.396  1.00 10.00 ? 71  GLY A O    1 
ATOM 1080 H H    . GLY A 1 71  ? 6.465   -10.473 -4.576  1.00 10.00 ? 71  GLY A H    1 
ATOM 1081 H HA2  . GLY A 1 71  ? 6.096   -11.892 -6.321  1.00 10.00 ? 71  GLY A HA2  1 
ATOM 1082 H HA3  . GLY A 1 71  ? 4.810   -12.701 -5.404  1.00 10.00 ? 71  GLY A HA3  1 
ATOM 1083 N N    . ARG A 1 72  ? 3.961   -9.685  -6.332  1.00 10.00 ? 72  ARG A N    1 
ATOM 1084 C CA   . ARG A 1 72  ? 2.892   -8.872  -6.902  1.00 10.00 ? 72  ARG A CA   1 
ATOM 1085 C C    . ARG A 1 72  ? 3.468   -7.484  -7.195  1.00 10.00 ? 72  ARG A C    1 
ATOM 1086 O O    . ARG A 1 72  ? 3.107   -6.486  -6.572  1.00 10.00 ? 72  ARG A O    1 
ATOM 1087 C CB   . ARG A 1 72  ? 1.691   -8.874  -5.934  1.00 10.00 ? 72  ARG A CB   1 
ATOM 1088 C CG   . ARG A 1 72  ? 0.442   -8.233  -6.555  1.00 10.00 ? 72  ARG A CG   1 
ATOM 1089 C CD   . ARG A 1 72  ? -0.736  -8.257  -5.576  1.00 10.00 ? 72  ARG A CD   1 
ATOM 1090 N NE   . ARG A 1 72  ? -1.897  -7.548  -6.145  1.00 10.00 ? 72  ARG A NE   1 
ATOM 1091 C CZ   . ARG A 1 72  ? -2.848  -8.080  -6.928  1.00 10.00 ? 72  ARG A CZ   1 
ATOM 1092 N NH1  . ARG A 1 72  ? -2.860  -9.382  -7.200  1.00 10.00 ? 72  ARG A NH1  1 
ATOM 1093 N NH2  . ARG A 1 72  ? -3.784  -7.294  -7.451  1.00 10.00 ? 72  ARG A NH2  1 
ATOM 1094 H H    . ARG A 1 72  ? 4.526   -9.233  -5.622  1.00 10.00 ? 72  ARG A H    1 
ATOM 1095 H HA   . ARG A 1 72  ? 2.574   -9.318  -7.847  1.00 10.00 ? 72  ARG A HA   1 
ATOM 1096 H HB2  . ARG A 1 72  ? 1.451   -9.907  -5.676  1.00 10.00 ? 72  ARG A HB2  1 
ATOM 1097 H HB3  . ARG A 1 72  ? 1.957   -8.349  -5.015  1.00 10.00 ? 72  ARG A HB3  1 
ATOM 1098 H HG2  . ARG A 1 72  ? 0.649   -7.197  -6.818  1.00 10.00 ? 72  ARG A HG2  1 
ATOM 1099 H HG3  . ARG A 1 72  ? 0.170   -8.778  -7.460  1.00 10.00 ? 72  ARG A HG3  1 
ATOM 1100 H HD2  . ARG A 1 72  ? -0.997  -9.288  -5.332  1.00 10.00 ? 72  ARG A HD2  1 
ATOM 1101 H HD3  . ARG A 1 72  ? -0.438  -7.755  -4.656  1.00 10.00 ? 72  ARG A HD3  1 
ATOM 1102 H HE   . ARG A 1 72  ? -1.917  -6.554  -5.960  1.00 10.00 ? 72  ARG A HE   1 
ATOM 1103 H HH11 . ARG A 1 72  ? -2.154  -9.995  -6.822  1.00 10.00 ? 72  ARG A HH11 1 
ATOM 1104 H HH12 . ARG A 1 72  ? -3.563  -9.801  -7.794  1.00 10.00 ? 72  ARG A HH12 1 
ATOM 1105 H HH21 . ARG A 1 72  ? -3.763  -6.294  -7.329  1.00 10.00 ? 72  ARG A HH21 1 
ATOM 1106 H HH22 . ARG A 1 72  ? -4.515  -7.663  -8.044  1.00 10.00 ? 72  ARG A HH22 1 
ATOM 1107 N N    . GLY A 1 73  ? 4.428   -7.432  -8.121  1.00 10.00 ? 73  GLY A N    1 
ATOM 1108 C CA   . GLY A 1 73  ? 5.117   -6.201  -8.504  1.00 10.00 ? 73  GLY A CA   1 
ATOM 1109 C C    . GLY A 1 73  ? 4.236   -5.199  -9.250  1.00 10.00 ? 73  GLY A C    1 
ATOM 1110 O O    . GLY A 1 73  ? 4.697   -4.098  -9.549  1.00 10.00 ? 73  GLY A O    1 
ATOM 1111 H H    . GLY A 1 73  ? 4.695   -8.282  -8.598  1.00 10.00 ? 73  GLY A H    1 
ATOM 1112 H HA2  . GLY A 1 73  ? 5.515   -5.720  -7.609  1.00 10.00 ? 73  GLY A HA2  1 
ATOM 1113 H HA3  . GLY A 1 73  ? 5.943   -6.464  -9.162  1.00 10.00 ? 73  GLY A HA3  1 
ATOM 1114 N N    . THR A 1 74  ? 3.002   -5.568  -9.592  1.00 10.00 ? 74  THR A N    1 
ATOM 1115 C CA   . THR A 1 74  ? 1.997   -4.697  -10.178 1.00 10.00 ? 74  THR A CA   1 
ATOM 1116 C C    . THR A 1 74  ? 1.624   -3.553  -9.216  1.00 10.00 ? 74  THR A C    1 
ATOM 1117 O O    . THR A 1 74  ? 1.985   -3.562  -8.034  1.00 10.00 ? 74  THR A O    1 
ATOM 1118 C CB   . THR A 1 74  ? 0.787   -5.578  -10.559 1.00 10.00 ? 74  THR A CB   1 
ATOM 1119 O OG1  . THR A 1 74  ? 0.525   -6.545  -9.552  1.00 10.00 ? 74  THR A OG1  1 
ATOM 1120 C CG2  . THR A 1 74  ? 1.065   -6.340  -11.860 1.00 10.00 ? 74  THR A CG2  1 
ATOM 1121 H H    . THR A 1 74  ? 2.646   -6.464  -9.292  1.00 10.00 ? 74  THR A H    1 
ATOM 1122 H HA   . THR A 1 74  ? 2.408   -4.246  -11.083 1.00 10.00 ? 74  THR A HA   1 
ATOM 1123 H HB   . THR A 1 74  ? -0.092  -4.949  -10.703 1.00 10.00 ? 74  THR A HB   1 
ATOM 1124 H HG1  . THR A 1 74  ? -0.363  -6.905  -9.708  1.00 10.00 ? 74  THR A HG1  1 
ATOM 1125 H HG21 . THR A 1 74  ? 0.192   -6.932  -12.134 1.00 10.00 ? 74  THR A HG21 1 
ATOM 1126 H HG22 . THR A 1 74  ? 1.270   -5.633  -12.665 1.00 10.00 ? 74  THR A HG22 1 
ATOM 1127 H HG23 . THR A 1 74  ? 1.925   -7.001  -11.738 1.00 10.00 ? 74  THR A HG23 1 
ATOM 1128 N N    . VAL A 1 75  ? 0.872   -2.570  -9.717  1.00 10.00 ? 75  VAL A N    1 
ATOM 1129 C CA   . VAL A 1 75  ? 0.401   -1.424  -8.944  1.00 10.00 ? 75  VAL A CA   1 
ATOM 1130 C C    . VAL A 1 75  ? -1.116  -1.254  -9.152  1.00 10.00 ? 75  VAL A C    1 
ATOM 1131 O O    . VAL A 1 75  ? -1.619  -1.609  -10.223 1.00 10.00 ? 75  VAL A O    1 
ATOM 1132 C CB   . VAL A 1 75  ? 1.189   -0.144  -9.311  1.00 10.00 ? 75  VAL A CB   1 
ATOM 1133 C CG1  . VAL A 1 75  ? 2.590   -0.157  -8.687  1.00 10.00 ? 75  VAL A CG1  1 
ATOM 1134 C CG2  . VAL A 1 75  ? 1.321   0.098   -10.823 1.00 10.00 ? 75  VAL A CG2  1 
ATOM 1135 H H    . VAL A 1 75  ? 0.553   -2.616  -10.676 1.00 10.00 ? 75  VAL A H    1 
ATOM 1136 H HA   . VAL A 1 75  ? 0.588   -1.631  -7.894  1.00 10.00 ? 75  VAL A HA   1 
ATOM 1137 H HB   . VAL A 1 75  ? 0.657   0.707   -8.889  1.00 10.00 ? 75  VAL A HB   1 
ATOM 1138 H HG11 . VAL A 1 75  ? 2.514   -0.267  -7.603  1.00 10.00 ? 75  VAL A HG11 1 
ATOM 1139 H HG12 . VAL A 1 75  ? 3.182   -0.982  -9.086  1.00 10.00 ? 75  VAL A HG12 1 
ATOM 1140 H HG13 . VAL A 1 75  ? 3.095   0.783   -8.904  1.00 10.00 ? 75  VAL A HG13 1 
ATOM 1141 H HG21 . VAL A 1 75  ? 1.953   -0.660  -11.285 1.00 10.00 ? 75  VAL A HG21 1 
ATOM 1142 H HG22 . VAL A 1 75  ? 0.336   0.084   -11.291 1.00 10.00 ? 75  VAL A HG22 1 
ATOM 1143 H HG23 . VAL A 1 75  ? 1.763   1.078   -10.996 1.00 10.00 ? 75  VAL A HG23 1 
ATOM 1144 N N    . PRO A 1 76  ? -1.852  -0.693  -8.173  1.00 10.00 ? 76  PRO A N    1 
ATOM 1145 C CA   . PRO A 1 76  ? -1.380  -0.408  -6.824  1.00 10.00 ? 76  PRO A CA   1 
ATOM 1146 C C    . PRO A 1 76  ? -1.148  -1.706  -6.037  1.00 10.00 ? 76  PRO A C    1 
ATOM 1147 O O    . PRO A 1 76  ? -1.766  -2.736  -6.315  1.00 10.00 ? 76  PRO A O    1 
ATOM 1148 C CB   . PRO A 1 76  ? -2.466  0.453   -6.176  1.00 10.00 ? 76  PRO A CB   1 
ATOM 1149 C CG   . PRO A 1 76  ? -3.736  0.006   -6.893  1.00 10.00 ? 76  PRO A CG   1 
ATOM 1150 C CD   . PRO A 1 76  ? -3.263  -0.370  -8.296  1.00 10.00 ? 76  PRO A CD   1 
ATOM 1151 H HA   . PRO A 1 76  ? -0.458  0.165   -6.875  1.00 10.00 ? 76  PRO A HA   1 
ATOM 1152 H HB2  . PRO A 1 76  ? -2.535  0.294   -5.098  1.00 10.00 ? 76  PRO A HB2  1 
ATOM 1153 H HB3  . PRO A 1 76  ? -2.275  1.505   -6.387  1.00 10.00 ? 76  PRO A HB3  1 
ATOM 1154 H HG2  . PRO A 1 76  ? -4.137  -0.878  -6.399  1.00 10.00 ? 76  PRO A HG2  1 
ATOM 1155 H HG3  . PRO A 1 76  ? -4.478  0.803   -6.914  1.00 10.00 ? 76  PRO A HG3  1 
ATOM 1156 H HD2  . PRO A 1 76  ? -3.826  -1.225  -8.671  1.00 10.00 ? 76  PRO A HD2  1 
ATOM 1157 H HD3  . PRO A 1 76  ? -3.378  0.479   -8.969  1.00 10.00 ? 76  PRO A HD3  1 
ATOM 1158 N N    . ASN A 1 77  ? -0.282  -1.634  -5.030  1.00 10.00 ? 77  ASN A N    1 
ATOM 1159 C CA   . ASN A 1 77  ? -0.019  -2.696  -4.064  1.00 10.00 ? 77  ASN A CA   1 
ATOM 1160 C C    . ASN A 1 77  ? -0.240  -2.026  -2.709  1.00 10.00 ? 77  ASN A C    1 
ATOM 1161 O O    . ASN A 1 77  ? 0.352   -0.975  -2.437  1.00 10.00 ? 77  ASN A O    1 
ATOM 1162 C CB   . ASN A 1 77  ? 1.395   -3.265  -4.268  1.00 10.00 ? 77  ASN A CB   1 
ATOM 1163 C CG   . ASN A 1 77  ? 1.647   -4.530  -3.453  1.00 10.00 ? 77  ASN A CG   1 
ATOM 1164 O OD1  . ASN A 1 77  ? 1.273   -4.627  -2.290  1.00 10.00 ? 77  ASN A OD1  1 
ATOM 1165 N ND2  . ASN A 1 77  ? 2.265   -5.544  -4.035  1.00 10.00 ? 77  ASN A ND2  1 
ATOM 1166 H H    . ASN A 1 77  ? 0.150   -0.733  -4.829  1.00 10.00 ? 77  ASN A H    1 
ATOM 1167 H HA   . ASN A 1 77  ? -0.739  -3.504  -4.196  1.00 10.00 ? 77  ASN A HA   1 
ATOM 1168 H HB2  . ASN A 1 77  ? 1.524   -3.499  -5.325  1.00 10.00 ? 77  ASN A HB2  1 
ATOM 1169 H HB3  . ASN A 1 77  ? 2.141   -2.518  -3.997  1.00 10.00 ? 77  ASN A HB3  1 
ATOM 1170 H HD21 . ASN A 1 77  ? 2.543   -5.515  -5.017  1.00 10.00 ? 77  ASN A HD21 1 
ATOM 1171 H HD22 . ASN A 1 77  ? 2.559   -6.355  -3.510  1.00 10.00 ? 77  ASN A HD22 1 
ATOM 1172 N N    . VAL A 1 78  ? -1.138  -2.580  -1.895  1.00 10.00 ? 78  VAL A N    1 
ATOM 1173 C CA   . VAL A 1 78  ? -1.640  -1.934  -0.690  1.00 10.00 ? 78  VAL A CA   1 
ATOM 1174 C C    . VAL A 1 78  ? -1.217  -2.723  0.546   1.00 10.00 ? 78  VAL A C    1 
ATOM 1175 O O    . VAL A 1 78  ? -1.233  -3.959  0.563   1.00 10.00 ? 78  VAL A O    1 
ATOM 1176 C CB   . VAL A 1 78  ? -3.177  -1.761  -0.792  1.00 10.00 ? 78  VAL A CB   1 
ATOM 1177 C CG1  . VAL A 1 78  ? -3.726  -0.906  0.362   1.00 10.00 ? 78  VAL A CG1  1 
ATOM 1178 C CG2  . VAL A 1 78  ? -3.602  -1.089  -2.113  1.00 10.00 ? 78  VAL A CG2  1 
ATOM 1179 H H    . VAL A 1 78  ? -1.509  -3.498  -2.120  1.00 10.00 ? 78  VAL A H    1 
ATOM 1180 H HA   . VAL A 1 78  ? -1.205  -0.937  -0.623  1.00 10.00 ? 78  VAL A HA   1 
ATOM 1181 H HB   . VAL A 1 78  ? -3.648  -2.744  -0.750  1.00 10.00 ? 78  VAL A HB   1 
ATOM 1182 H HG11 . VAL A 1 78  ? -3.610  -1.432  1.311   1.00 10.00 ? 78  VAL A HG11 1 
ATOM 1183 H HG12 . VAL A 1 78  ? -3.197  0.045   0.415   1.00 10.00 ? 78  VAL A HG12 1 
ATOM 1184 H HG13 . VAL A 1 78  ? -4.788  -0.706  0.218   1.00 10.00 ? 78  VAL A HG13 1 
ATOM 1185 H HG21 . VAL A 1 78  ? -4.683  -0.939  -2.123  1.00 10.00 ? 78  VAL A HG21 1 
ATOM 1186 H HG22 . VAL A 1 78  ? -3.105  -0.125  -2.215  1.00 10.00 ? 78  VAL A HG22 1 
ATOM 1187 H HG23 . VAL A 1 78  ? -3.349  -1.714  -2.967  1.00 10.00 ? 78  VAL A HG23 1 
ATOM 1188 N N    . PHE A 1 79  ? -0.879  -1.977  1.596   1.00 10.00 ? 79  PHE A N    1 
ATOM 1189 C CA   . PHE A 1 79  ? -0.480  -2.465  2.902   1.00 10.00 ? 79  PHE A CA   1 
ATOM 1190 C C    . PHE A 1 79  ? -1.368  -1.779  3.929   1.00 10.00 ? 79  PHE A C    1 
ATOM 1191 O O    . PHE A 1 79  ? -1.698  -0.601  3.769   1.00 10.00 ? 79  PHE A O    1 
ATOM 1192 C CB   . PHE A 1 79  ? 0.989   -2.109  3.181   1.00 10.00 ? 79  PHE A CB   1 
ATOM 1193 C CG   . PHE A 1 79  ? 2.023   -2.939  2.448   1.00 10.00 ? 79  PHE A CG   1 
ATOM 1194 C CD1  . PHE A 1 79  ? 2.884   -3.782  3.175   1.00 10.00 ? 79  PHE A CD1  1 
ATOM 1195 C CD2  . PHE A 1 79  ? 2.149   -2.864  1.047   1.00 10.00 ? 79  PHE A CD2  1 
ATOM 1196 C CE1  . PHE A 1 79  ? 3.856   -4.544  2.508   1.00 10.00 ? 79  PHE A CE1  1 
ATOM 1197 C CE2  . PHE A 1 79  ? 3.110   -3.640  0.381   1.00 10.00 ? 79  PHE A CE2  1 
ATOM 1198 C CZ   . PHE A 1 79  ? 3.972   -4.475  1.110   1.00 10.00 ? 79  PHE A CZ   1 
ATOM 1199 H H    . PHE A 1 79  ? -0.925  -0.963  1.506   1.00 10.00 ? 79  PHE A H    1 
ATOM 1200 H HA   . PHE A 1 79  ? -0.621  -3.542  2.958   1.00 10.00 ? 79  PHE A HA   1 
ATOM 1201 H HB2  . PHE A 1 79  ? 1.151   -1.058  2.939   1.00 10.00 ? 79  PHE A HB2  1 
ATOM 1202 H HB3  . PHE A 1 79  ? 1.163   -2.215  4.253   1.00 10.00 ? 79  PHE A HB3  1 
ATOM 1203 H HD1  . PHE A 1 79  ? 2.810   -3.843  4.252   1.00 10.00 ? 79  PHE A HD1  1 
ATOM 1204 H HD2  . PHE A 1 79  ? 1.514   -2.208  0.471   1.00 10.00 ? 79  PHE A HD2  1 
ATOM 1205 H HE1  . PHE A 1 79  ? 4.505   -5.199  3.071   1.00 10.00 ? 79  PHE A HE1  1 
ATOM 1206 H HE2  . PHE A 1 79  ? 3.178   -3.598  -0.695  1.00 10.00 ? 79  PHE A HE2  1 
ATOM 1207 H HZ   . PHE A 1 79  ? 4.717   -5.067  0.598   1.00 10.00 ? 79  PHE A HZ   1 
ATOM 1208 N N    . ILE A 1 80  ? -1.716  -2.494  4.997   1.00 10.00 ? 80  ILE A N    1 
ATOM 1209 C CA   . ILE A 1 80  ? -2.461  -1.979  6.138   1.00 10.00 ? 80  ILE A CA   1 
ATOM 1210 C C    . ILE A 1 80  ? -1.791  -2.588  7.371   1.00 10.00 ? 80  ILE A C    1 
ATOM 1211 O O    . ILE A 1 80  ? -1.405  -3.757  7.357   1.00 10.00 ? 80  ILE A O    1 
ATOM 1212 C CB   . ILE A 1 80  ? -3.973  -2.320  6.033   1.00 10.00 ? 80  ILE A CB   1 
ATOM 1213 C CG1  . ILE A 1 80  ? -4.611  -1.702  4.767   1.00 10.00 ? 80  ILE A CG1  1 
ATOM 1214 C CG2  . ILE A 1 80  ? -4.703  -1.848  7.305   1.00 10.00 ? 80  ILE A CG2  1 
ATOM 1215 C CD1  . ILE A 1 80  ? -6.090  -2.033  4.536   1.00 10.00 ? 80  ILE A CD1  1 
ATOM 1216 H H    . ILE A 1 80  ? -1.364  -3.445  5.090   1.00 10.00 ? 80  ILE A H    1 
ATOM 1217 H HA   . ILE A 1 80  ? -2.350  -0.896  6.170   1.00 10.00 ? 80  ILE A HA   1 
ATOM 1218 H HB   . ILE A 1 80  ? -4.085  -3.401  5.973   1.00 10.00 ? 80  ILE A HB   1 
ATOM 1219 H HG12 . ILE A 1 80  ? -4.504  -0.623  4.809   1.00 10.00 ? 80  ILE A HG12 1 
ATOM 1220 H HG13 . ILE A 1 80  ? -4.075  -2.055  3.886   1.00 10.00 ? 80  ILE A HG13 1 
ATOM 1221 H HG21 . ILE A 1 80  ? -4.376  -2.450  8.152   1.00 10.00 ? 80  ILE A HG21 1 
ATOM 1222 H HG22 . ILE A 1 80  ? -4.491  -0.797  7.499   1.00 10.00 ? 80  ILE A HG22 1 
ATOM 1223 H HG23 . ILE A 1 80  ? -5.777  -1.977  7.219   1.00 10.00 ? 80  ILE A HG23 1 
ATOM 1224 H HD11 . ILE A 1 80  ? -6.240  -3.112  4.555   1.00 10.00 ? 80  ILE A HD11 1 
ATOM 1225 H HD12 . ILE A 1 80  ? -6.719  -1.565  5.292   1.00 10.00 ? 80  ILE A HD12 1 
ATOM 1226 H HD13 . ILE A 1 80  ? -6.387  -1.652  3.560   1.00 10.00 ? 80  ILE A HD13 1 
ATOM 1227 N N    . GLY A 1 81  ? -1.615  -1.792  8.428   1.00 10.00 ? 81  GLY A N    1 
ATOM 1228 C CA   . GLY A 1 81  ? -0.980  -2.218  9.672   1.00 10.00 ? 81  GLY A CA   1 
ATOM 1229 C C    . GLY A 1 81  ? 0.442   -2.754  9.461   1.00 10.00 ? 81  GLY A C    1 
ATOM 1230 O O    . GLY A 1 81  ? 0.878   -3.637  10.203  1.00 10.00 ? 81  GLY A O    1 
ATOM 1231 H H    . GLY A 1 81  ? -1.936  -0.829  8.365   1.00 10.00 ? 81  GLY A H    1 
ATOM 1232 H HA2  . GLY A 1 81  ? -0.932  -1.362  10.346  1.00 10.00 ? 81  GLY A HA2  1 
ATOM 1233 H HA3  . GLY A 1 81  ? -1.591  -2.994  10.134  1.00 10.00 ? 81  GLY A HA3  1 
ATOM 1234 N N    . GLY A 1 82  ? 1.153   -2.263  8.439   1.00 10.00 ? 82  GLY A N    1 
ATOM 1235 C CA   . GLY A 1 82  ? 2.495   -2.724  8.098   1.00 10.00 ? 82  GLY A CA   1 
ATOM 1236 C C    . GLY A 1 82  ? 2.524   -4.139  7.510   1.00 10.00 ? 82  GLY A C    1 
ATOM 1237 O O    . GLY A 1 82  ? 3.581   -4.774  7.533   1.00 10.00 ? 82  GLY A O    1 
ATOM 1238 H H    . GLY A 1 82  ? 0.759   -1.520  7.880   1.00 10.00 ? 82  GLY A H    1 
ATOM 1239 H HA2  . GLY A 1 82  ? 2.916   -2.043  7.360   1.00 10.00 ? 82  GLY A HA2  1 
ATOM 1240 H HA3  . GLY A 1 82  ? 3.122   -2.693  8.990   1.00 10.00 ? 82  GLY A HA3  1 
ATOM 1241 N N    . LYS A 1 83  ? 1.401   -4.648  6.986   1.00 10.00 ? 83  LYS A N    1 
ATOM 1242 C CA   . LYS A 1 83  ? 1.294   -5.976  6.385   1.00 10.00 ? 83  LYS A CA   1 
ATOM 1243 C C    . LYS A 1 83  ? 0.666   -5.823  5.006   1.00 10.00 ? 83  LYS A C    1 
ATOM 1244 O O    . LYS A 1 83  ? -0.252  -5.018  4.831   1.00 10.00 ? 83  LYS A O    1 
ATOM 1245 C CB   . LYS A 1 83  ? 0.459   -6.873  7.316   1.00 10.00 ? 83  LYS A CB   1 
ATOM 1246 C CG   . LYS A 1 83  ? 0.348   -8.318  6.805   1.00 10.00 ? 83  LYS A CG   1 
ATOM 1247 C CD   . LYS A 1 83  ? -0.354  -9.211  7.836   1.00 10.00 ? 83  LYS A CD   1 
ATOM 1248 C CE   . LYS A 1 83  ? -0.482  -10.639 7.291   1.00 10.00 ? 83  LYS A CE   1 
ATOM 1249 N NZ   . LYS A 1 83  ? -1.093  -11.563 8.279   1.00 10.00 ? 83  LYS A NZ   1 
ATOM 1250 H H    . LYS A 1 83  ? 0.544   -4.102  7.008   1.00 10.00 ? 83  LYS A H    1 
ATOM 1251 H HA   . LYS A 1 83  ? 2.290   -6.411  6.280   1.00 10.00 ? 83  LYS A HA   1 
ATOM 1252 H HB2  . LYS A 1 83  ? 0.933   -6.886  8.300   1.00 10.00 ? 83  LYS A HB2  1 
ATOM 1253 H HB3  . LYS A 1 83  ? -0.543  -6.454  7.420   1.00 10.00 ? 83  LYS A HB3  1 
ATOM 1254 H HG2  . LYS A 1 83  ? -0.226  -8.330  5.879   1.00 10.00 ? 83  LYS A HG2  1 
ATOM 1255 H HG3  . LYS A 1 83  ? 1.347   -8.710  6.611   1.00 10.00 ? 83  LYS A HG3  1 
ATOM 1256 H HD2  . LYS A 1 83  ? 0.233   -9.222  8.757   1.00 10.00 ? 83  LYS A HD2  1 
ATOM 1257 H HD3  . LYS A 1 83  ? -1.345  -8.809  8.049   1.00 10.00 ? 83  LYS A HD3  1 
ATOM 1258 H HE2  . LYS A 1 83  ? -1.095  -10.616 6.385   1.00 10.00 ? 83  LYS A HE2  1 
ATOM 1259 H HE3  . LYS A 1 83  ? 0.511   -11.005 7.018   1.00 10.00 ? 83  LYS A HE3  1 
ATOM 1260 H HZ1  . LYS A 1 83  ? -1.176  -12.493 7.894   1.00 10.00 ? 83  LYS A HZ1  1 
ATOM 1261 H HZ2  . LYS A 1 83  ? -0.532  -11.630 9.114   1.00 10.00 ? 83  LYS A HZ2  1 
ATOM 1262 H HZ3  . LYS A 1 83  ? -2.019  -11.260 8.542   1.00 10.00 ? 83  LYS A HZ3  1 
ATOM 1263 N N    . GLN A 1 84  ? 1.182   -6.552  4.019   1.00 10.00 ? 84  GLN A N    1 
ATOM 1264 C CA   . GLN A 1 84  ? 0.681   -6.483  2.653   1.00 10.00 ? 84  GLN A CA   1 
ATOM 1265 C C    . GLN A 1 84  ? -0.701  -7.130  2.597   1.00 10.00 ? 84  GLN A C    1 
ATOM 1266 O O    . GLN A 1 84  ? -0.913  -8.183  3.203   1.00 10.00 ? 84  GLN A O    1 
ATOM 1267 C CB   . GLN A 1 84  ? 1.675   -7.173  1.708   1.00 10.00 ? 84  GLN A CB   1 
ATOM 1268 C CG   . GLN A 1 84  ? 1.460   -6.755  0.243   1.00 10.00 ? 84  GLN A CG   1 
ATOM 1269 C CD   . GLN A 1 84  ? 0.562   -7.671  -0.587  1.00 10.00 ? 84  GLN A CD   1 
ATOM 1270 O OE1  . GLN A 1 84  ? 0.170   -8.763  -0.188  1.00 10.00 ? 84  GLN A OE1  1 
ATOM 1271 N NE2  . GLN A 1 84  ? 0.228   -7.239  -1.789  1.00 10.00 ? 84  GLN A NE2  1 
ATOM 1272 H H    . GLN A 1 84  ? 1.920   -7.210  4.217   1.00 10.00 ? 84  GLN A H    1 
ATOM 1273 H HA   . GLN A 1 84  ? 0.604   -5.430  2.378   1.00 10.00 ? 84  GLN A HA   1 
ATOM 1274 H HB2  . GLN A 1 84  ? 2.683   -6.871  1.986   1.00 10.00 ? 84  GLN A HB2  1 
ATOM 1275 H HB3  . GLN A 1 84  ? 1.629   -8.256  1.822   1.00 10.00 ? 84  GLN A HB3  1 
ATOM 1276 H HG2  . GLN A 1 84  ? 1.067   -5.738  0.207   1.00 10.00 ? 84  GLN A HG2  1 
ATOM 1277 H HG3  . GLN A 1 84  ? 2.430   -6.729  -0.240  1.00 10.00 ? 84  GLN A HG3  1 
ATOM 1278 H HE21 . GLN A 1 84  ? 0.494   -6.291  -2.065  1.00 10.00 ? 84  GLN A HE21 1 
ATOM 1279 H HE22 . GLN A 1 84  ? -0.351  -7.806  -2.382  1.00 10.00 ? 84  GLN A HE22 1 
ATOM 1280 N N    . ILE A 1 85  ? -1.626  -6.519  1.854   1.00 10.00 ? 85  ILE A N    1 
ATOM 1281 C CA   . ILE A 1 85  ? -3.008  -6.981  1.756   1.00 10.00 ? 85  ILE A CA   1 
ATOM 1282 C C    . ILE A 1 85  ? -3.251  -7.543  0.354   1.00 10.00 ? 85  ILE A C    1 
ATOM 1283 O O    . ILE A 1 85  ? -3.798  -8.639  0.228   1.00 10.00 ? 85  ILE A O    1 
ATOM 1284 C CB   . ILE A 1 85  ? -3.982  -5.828  2.104   1.00 10.00 ? 85  ILE A CB   1 
ATOM 1285 C CG1  . ILE A 1 85  ? -3.682  -5.168  3.472   1.00 10.00 ? 85  ILE A CG1  1 
ATOM 1286 C CG2  . ILE A 1 85  ? -5.451  -6.296  2.059   1.00 10.00 ? 85  ILE A CG2  1 
ATOM 1287 C CD1  . ILE A 1 85  ? -3.596  -6.117  4.678   1.00 10.00 ? 85  ILE A CD1  1 
ATOM 1288 H H    . ILE A 1 85  ? -1.388  -5.651  1.380   1.00 10.00 ? 85  ILE A H    1 
ATOM 1289 H HA   . ILE A 1 85  ? -3.175  -7.789  2.469   1.00 10.00 ? 85  ILE A HA   1 
ATOM 1290 H HB   . ILE A 1 85  ? -3.873  -5.050  1.347   1.00 10.00 ? 85  ILE A HB   1 
ATOM 1291 H HG12 . ILE A 1 85  ? -2.742  -4.624  3.402   1.00 10.00 ? 85  ILE A HG12 1 
ATOM 1292 H HG13 . ILE A 1 85  ? -4.459  -4.434  3.673   1.00 10.00 ? 85  ILE A HG13 1 
ATOM 1293 H HG21 . ILE A 1 85  ? -5.605  -7.134  2.740   1.00 10.00 ? 85  ILE A HG21 1 
ATOM 1294 H HG22 . ILE A 1 85  ? -6.113  -5.476  2.343   1.00 10.00 ? 85  ILE A HG22 1 
ATOM 1295 H HG23 . ILE A 1 85  ? -5.719  -6.611  1.049   1.00 10.00 ? 85  ILE A HG23 1 
ATOM 1296 H HD11 . ILE A 1 85  ? -3.477  -5.532  5.591   1.00 10.00 ? 85  ILE A HD11 1 
ATOM 1297 H HD12 . ILE A 1 85  ? -4.501  -6.717  4.758   1.00 10.00 ? 85  ILE A HD12 1 
ATOM 1298 H HD13 . ILE A 1 85  ? -2.736  -6.776  4.586   1.00 10.00 ? 85  ILE A HD13 1 
ATOM 1299 N N    . GLY A 1 86  ? -2.843  -6.822  -0.693  1.00 10.00 ? 86  GLY A N    1 
ATOM 1300 C CA   . GLY A 1 86  ? -3.173  -7.166  -2.066  1.00 10.00 ? 86  GLY A CA   1 
ATOM 1301 C C    . GLY A 1 86  ? -3.012  -5.932  -2.937  1.00 10.00 ? 86  GLY A C    1 
ATOM 1302 O O    . GLY A 1 86  ? -2.067  -5.165  -2.750  1.00 10.00 ? 86  GLY A O    1 
ATOM 1303 H H    . GLY A 1 86  ? -2.362  -5.941  -0.554  1.00 10.00 ? 86  GLY A H    1 
ATOM 1304 H HA2  . GLY A 1 86  ? -2.517  -7.957  -2.427  1.00 10.00 ? 86  GLY A HA2  1 
ATOM 1305 H HA3  . GLY A 1 86  ? -4.200  -7.518  -2.114  1.00 10.00 ? 86  GLY A HA3  1 
ATOM 1306 N N    . GLY A 1 87  ? -3.940  -5.728  -3.866  1.00 10.00 ? 87  GLY A N    1 
ATOM 1307 C CA   . GLY A 1 87  ? -3.998  -4.545  -4.711  1.00 10.00 ? 87  GLY A CA   1 
ATOM 1308 C C    . GLY A 1 87  ? -5.438  -4.071  -4.843  1.00 10.00 ? 87  GLY A C    1 
ATOM 1309 O O    . GLY A 1 87  ? -6.278  -4.385  -3.997  1.00 10.00 ? 87  GLY A O    1 
ATOM 1310 H H    . GLY A 1 87  ? -4.726  -6.372  -3.922  1.00 10.00 ? 87  GLY A H    1 
ATOM 1311 H HA2  . GLY A 1 87  ? -3.407  -3.736  -4.283  1.00 10.00 ? 87  GLY A HA2  1 
ATOM 1312 H HA3  . GLY A 1 87  ? -3.596  -4.778  -5.695  1.00 10.00 ? 87  GLY A HA3  1 
ATOM 1313 N N    . CYS A 1 88  ? -5.709  -3.305  -5.902  1.00 10.00 ? 88  CYS A N    1 
ATOM 1314 C CA   . CYS A 1 88  ? -6.992  -2.661  -6.168  1.00 10.00 ? 88  CYS A CA   1 
ATOM 1315 C C    . CYS A 1 88  ? -8.170  -3.622  -6.022  1.00 10.00 ? 88  CYS A C    1 
ATOM 1316 O O    . CYS A 1 88  ? -9.081  -3.365  -5.238  1.00 10.00 ? 88  CYS A O    1 
ATOM 1317 C CB   . CYS A 1 88  ? -6.963  -2.016  -7.566  1.00 10.00 ? 88  CYS A CB   1 
ATOM 1318 S SG   . CYS A 1 88  ? -6.191  -3.123  -8.797  1.00 10.00 ? 88  CYS A SG   1 
ATOM 1319 H H    . CYS A 1 88  ? -4.975  -3.139  -6.576  1.00 10.00 ? 88  CYS A H    1 
ATOM 1320 H HA   . CYS A 1 88  ? -7.141  -1.878  -5.429  1.00 10.00 ? 88  CYS A HA   1 
ATOM 1321 H HB2  . CYS A 1 88  ? -7.984  -1.781  -7.872  1.00 10.00 ? 88  CYS A HB2  1 
ATOM 1322 H HB3  . CYS A 1 88  ? -6.400  -1.084  -7.524  1.00 10.00 ? 88  CYS A HB3  1 
ATOM 1323 H HG   . CYS A 1 88  ? -6.400  -2.351  -9.874  1.00 10.00 ? 88  CYS A HG   1 
ATOM 1324 N N    . ASP A 1 89  ? -8.139  -4.742  -6.746  1.00 10.00 ? 89  ASP A N    1 
ATOM 1325 C CA   . ASP A 1 89  ? -9.231  -5.709  -6.727  1.00 10.00 ? 89  ASP A CA   1 
ATOM 1326 C C    . ASP A 1 89  ? -9.439  -6.280  -5.328  1.00 10.00 ? 89  ASP A C    1 
ATOM 1327 O O    . ASP A 1 89  ? -10.580 -6.440  -4.898  1.00 10.00 ? 89  ASP A O    1 
ATOM 1328 C CB   . ASP A 1 89  ? -8.956  -6.836  -7.726  1.00 10.00 ? 89  ASP A CB   1 
ATOM 1329 C CG   . ASP A 1 89  ? -10.053 -7.912  -7.662  1.00 10.00 ? 89  ASP A CG   1 
ATOM 1330 O OD1  . ASP A 1 89  ? -11.161 -7.681  -8.195  1.00 10.00 ? 89  ASP A OD1  1 
ATOM 1331 O OD2  . ASP A 1 89  ? -9.795  -9.010  -7.120  1.00 10.00 ? 89  ASP A OD2  1 
ATOM 1332 H H    . ASP A 1 89  ? -7.374  -4.881  -7.392  1.00 10.00 ? 89  ASP A H    1 
ATOM 1333 H HA   . ASP A 1 89  ? -10.152 -5.198  -7.014  1.00 10.00 ? 89  ASP A HA   1 
ATOM 1334 H HB2  . ASP A 1 89  ? -8.908  -6.419  -8.734  1.00 10.00 ? 89  ASP A HB2  1 
ATOM 1335 H HB3  . ASP A 1 89  ? -7.986  -7.285  -7.502  1.00 10.00 ? 89  ASP A HB3  1 
ATOM 1336 N N    . THR A 1 90  ? -8.353  -6.523  -4.591  1.00 10.00 ? 90  THR A N    1 
ATOM 1337 C CA   . THR A 1 90  ? -8.414  -7.045  -3.238  1.00 10.00 ? 90  THR A CA   1 
ATOM 1338 C C    . THR A 1 90  ? -9.145  -6.062  -2.324  1.00 10.00 ? 90  THR A C    1 
ATOM 1339 O O    . THR A 1 90  ? -10.085 -6.460  -1.636  1.00 10.00 ? 90  THR A O    1 
ATOM 1340 C CB   . THR A 1 90  ? -6.995  -7.322  -2.713  1.00 10.00 ? 90  THR A CB   1 
ATOM 1341 O OG1  . THR A 1 90  ? -6.128  -7.776  -3.744  1.00 10.00 ? 90  THR A OG1  1 
ATOM 1342 C CG2  . THR A 1 90  ? -7.035  -8.336  -1.568  1.00 10.00 ? 90  THR A CG2  1 
ATOM 1343 H H    . THR A 1 90  ? -7.433  -6.329  -4.962  1.00 10.00 ? 90  THR A H    1 
ATOM 1344 H HA   . THR A 1 90  ? -8.978  -7.978  -3.262  1.00 10.00 ? 90  THR A HA   1 
ATOM 1345 H HB   . THR A 1 90  ? -6.572  -6.395  -2.326  1.00 10.00 ? 90  THR A HB   1 
ATOM 1346 H HG1  . THR A 1 90  ? -6.496  -8.591  -4.121  1.00 10.00 ? 90  THR A HG1  1 
ATOM 1347 H HG21 . THR A 1 90  ? -7.485  -9.270  -1.907  1.00 10.00 ? 90  THR A HG21 1 
ATOM 1348 H HG22 . THR A 1 90  ? -6.029  -8.529  -1.204  1.00 10.00 ? 90  THR A HG22 1 
ATOM 1349 H HG23 . THR A 1 90  ? -7.630  -7.933  -0.747  1.00 10.00 ? 90  THR A HG23 1 
ATOM 1350 N N    . VAL A 1 91  ? -8.751  -4.784  -2.306  1.00 10.00 ? 91  VAL A N    1 
ATOM 1351 C CA   . VAL A 1 91  ? -9.373  -3.835  -1.389  1.00 10.00 ? 91  VAL A CA   1 
ATOM 1352 C C    . VAL A 1 91  ? -10.811 -3.534  -1.812  1.00 10.00 ? 91  VAL A C    1 
ATOM 1353 O O    . VAL A 1 91  ? -11.662 -3.404  -0.934  1.00 10.00 ? 91  VAL A O    1 
ATOM 1354 C CB   . VAL A 1 91  ? -8.513  -2.575  -1.165  1.00 10.00 ? 91  VAL A CB   1 
ATOM 1355 C CG1  . VAL A 1 91  ? -7.209  -2.950  -0.442  1.00 10.00 ? 91  VAL A CG1  1 
ATOM 1356 C CG2  . VAL A 1 91  ? -8.163  -1.798  -2.441  1.00 10.00 ? 91  VAL A CG2  1 
ATOM 1357 H H    . VAL A 1 91  ? -7.999  -4.469  -2.914  1.00 10.00 ? 91  VAL A H    1 
ATOM 1358 H HA   . VAL A 1 91  ? -9.447  -4.329  -0.420  1.00 10.00 ? 91  VAL A HA   1 
ATOM 1359 H HB   . VAL A 1 91  ? -9.071  -1.903  -0.512  1.00 10.00 ? 91  VAL A HB   1 
ATOM 1360 H HG11 . VAL A 1 91  ? -6.660  -2.045  -0.190  1.00 10.00 ? 91  VAL A HG11 1 
ATOM 1361 H HG12 . VAL A 1 91  ? -7.436  -3.480  0.484   1.00 10.00 ? 91  VAL A HG12 1 
ATOM 1362 H HG13 . VAL A 1 91  ? -6.584  -3.583  -1.074  1.00 10.00 ? 91  VAL A HG13 1 
ATOM 1363 H HG21 . VAL A 1 91  ? -9.070  -1.507  -2.968  1.00 10.00 ? 91  VAL A HG21 1 
ATOM 1364 H HG22 . VAL A 1 91  ? -7.613  -0.896  -2.171  1.00 10.00 ? 91  VAL A HG22 1 
ATOM 1365 H HG23 . VAL A 1 91  ? -7.546  -2.402  -3.099  1.00 10.00 ? 91  VAL A HG23 1 
ATOM 1366 N N    . VAL A 1 92  ? -11.126 -3.493  -3.113  1.00 10.00 ? 92  VAL A N    1 
ATOM 1367 C CA   . VAL A 1 92  ? -12.501 -3.292  -3.562  1.00 10.00 ? 92  VAL A CA   1 
ATOM 1368 C C    . VAL A 1 92  ? -13.356 -4.486  -3.108  1.00 10.00 ? 92  VAL A C    1 
ATOM 1369 O O    . VAL A 1 92  ? -14.447 -4.280  -2.576  1.00 10.00 ? 92  VAL A O    1 
ATOM 1370 C CB   . VAL A 1 92  ? -12.520 -3.065  -5.092  1.00 10.00 ? 92  VAL A CB   1 
ATOM 1371 C CG1  . VAL A 1 92  ? -13.937 -3.092  -5.686  1.00 10.00 ? 92  VAL A CG1  1 
ATOM 1372 C CG2  . VAL A 1 92  ? -11.899 -1.702  -5.448  1.00 10.00 ? 92  VAL A CG2  1 
ATOM 1373 H H    . VAL A 1 92  ? -10.409 -3.630  -3.823  1.00 10.00 ? 92  VAL A H    1 
ATOM 1374 H HA   . VAL A 1 92  ? -12.891 -2.394  -3.071  1.00 10.00 ? 92  VAL A HA   1 
ATOM 1375 H HB   . VAL A 1 92  ? -11.937 -3.850  -5.574  1.00 10.00 ? 92  VAL A HB   1 
ATOM 1376 H HG11 . VAL A 1 92  ? -14.375 -4.082  -5.565  1.00 10.00 ? 92  VAL A HG11 1 
ATOM 1377 H HG12 . VAL A 1 92  ? -14.567 -2.354  -5.188  1.00 10.00 ? 92  VAL A HG12 1 
ATOM 1378 H HG13 . VAL A 1 92  ? -13.896 -2.870  -6.753  1.00 10.00 ? 92  VAL A HG13 1 
ATOM 1379 H HG21 . VAL A 1 92  ? -10.896 -1.613  -5.032  1.00 10.00 ? 92  VAL A HG21 1 
ATOM 1380 H HG22 . VAL A 1 92  ? -11.828 -1.600  -6.531  1.00 10.00 ? 92  VAL A HG22 1 
ATOM 1381 H HG23 . VAL A 1 92  ? -12.514 -0.892  -5.054  1.00 10.00 ? 92  VAL A HG23 1 
ATOM 1382 N N    . GLU A 1 93  ? -12.866 -5.723  -3.249  1.00 10.00 ? 93  GLU A N    1 
ATOM 1383 C CA   . GLU A 1 93  ? -13.600 -6.912  -2.827  1.00 10.00 ? 93  GLU A CA   1 
ATOM 1384 C C    . GLU A 1 93  ? -13.809 -6.893  -1.311  1.00 10.00 ? 93  GLU A C    1 
ATOM 1385 O O    . GLU A 1 93  ? -14.930 -7.078  -0.838  1.00 10.00 ? 93  GLU A O    1 
ATOM 1386 C CB   . GLU A 1 93  ? -12.838 -8.173  -3.265  1.00 10.00 ? 93  GLU A CB   1 
ATOM 1387 C CG   . GLU A 1 93  ? -13.632 -9.453  -2.969  1.00 10.00 ? 93  GLU A CG   1 
ATOM 1388 C CD   . GLU A 1 93  ? -12.770 -10.700 -3.205  1.00 10.00 ? 93  GLU A CD   1 
ATOM 1389 O OE1  . GLU A 1 93  ? -12.844 -11.311 -4.296  1.00 10.00 ? 93  GLU A OE1  1 
ATOM 1390 O OE2  . GLU A 1 93  ? -12.038 -11.090 -2.269  1.00 10.00 ? 93  GLU A OE2  1 
ATOM 1391 H H    . GLU A 1 93  ? -11.963 -5.864  -3.694  1.00 10.00 ? 93  GLU A H    1 
ATOM 1392 H HA   . GLU A 1 93  ? -14.577 -6.907  -3.311  1.00 10.00 ? 93  GLU A HA   1 
ATOM 1393 H HB2  . GLU A 1 93  ? -12.653 -8.125  -4.338  1.00 10.00 ? 93  GLU A HB2  1 
ATOM 1394 H HB3  . GLU A 1 93  ? -11.876 -8.214  -2.749  1.00 10.00 ? 93  GLU A HB3  1 
ATOM 1395 H HG2  . GLU A 1 93  ? -13.960 -9.456  -1.928  1.00 10.00 ? 93  GLU A HG2  1 
ATOM 1396 H HG3  . GLU A 1 93  ? -14.523 -9.478  -3.600  1.00 10.00 ? 93  GLU A HG3  1 
ATOM 1397 N N    . LYS A 1 94  ? -12.754 -6.634  -0.533  1.00 10.00 ? 94  LYS A N    1 
ATOM 1398 C CA   . LYS A 1 94  ? -12.850 -6.573  0.924   1.00 10.00 ? 94  LYS A CA   1 
ATOM 1399 C C    . LYS A 1 94  ? -13.769 -5.433  1.354   1.00 10.00 ? 94  LYS A C    1 
ATOM 1400 O O    . LYS A 1 94  ? -14.449 -5.579  2.368   1.00 10.00 ? 94  LYS A O    1 
ATOM 1401 C CB   . LYS A 1 94  ? -11.447 -6.462  1.548   1.00 10.00 ? 94  LYS A CB   1 
ATOM 1402 C CG   . LYS A 1 94  ? -10.641 -7.764  1.379   1.00 10.00 ? 94  LYS A CG   1 
ATOM 1403 C CD   . LYS A 1 94  ? -9.183  -7.625  1.851   1.00 10.00 ? 94  LYS A CD   1 
ATOM 1404 C CE   . LYS A 1 94  ? -9.013  -7.594  3.380   1.00 10.00 ? 94  LYS A CE   1 
ATOM 1405 N NZ   . LYS A 1 94  ? -9.124  -8.942  3.994   1.00 10.00 ? 94  LYS A NZ   1 
ATOM 1406 H H    . LYS A 1 94  ? -11.847 -6.486  -0.970  1.00 10.00 ? 94  LYS A H    1 
ATOM 1407 H HA   . LYS A 1 94  ? -13.310 -7.495  1.285   1.00 10.00 ? 94  LYS A HA   1 
ATOM 1408 H HB2  . LYS A 1 94  ? -10.908 -5.636  1.082   1.00 10.00 ? 94  LYS A HB2  1 
ATOM 1409 H HB3  . LYS A 1 94  ? -11.548 -6.254  2.614   1.00 10.00 ? 94  LYS A HB3  1 
ATOM 1410 H HG2  . LYS A 1 94  ? -11.132 -8.570  1.924   1.00 10.00 ? 94  LYS A HG2  1 
ATOM 1411 H HG3  . LYS A 1 94  ? -10.625 -8.045  0.327   1.00 10.00 ? 94  LYS A HG3  1 
ATOM 1412 H HD2  . LYS A 1 94  ? -8.601  -8.455  1.447   1.00 10.00 ? 94  LYS A HD2  1 
ATOM 1413 H HD3  . LYS A 1 94  ? -8.768  -6.706  1.432   1.00 10.00 ? 94  LYS A HD3  1 
ATOM 1414 H HE2  . LYS A 1 94  ? -8.023  -7.188  3.603   1.00 10.00 ? 94  LYS A HE2  1 
ATOM 1415 H HE3  . LYS A 1 94  ? -9.755  -6.921  3.817   1.00 10.00 ? 94  LYS A HE3  1 
ATOM 1416 H HZ1  . LYS A 1 94  ? -8.451  -9.585  3.602   1.00 10.00 ? 94  LYS A HZ1  1 
ATOM 1417 H HZ2  . LYS A 1 94  ? -8.954  -8.902  4.989   1.00 10.00 ? 94  LYS A HZ2  1 
ATOM 1418 H HZ3  . LYS A 1 94  ? -10.053 -9.351  3.870   1.00 10.00 ? 94  LYS A HZ3  1 
ATOM 1419 N N    . HIS A 1 95  ? -13.836 -4.316  0.627   1.00 10.00 ? 95  HIS A N    1 
ATOM 1420 C CA   . HIS A 1 95  ? -14.786 -3.255  0.935   1.00 10.00 ? 95  HIS A CA   1 
ATOM 1421 C C    . HIS A 1 95  ? -16.214 -3.742  0.685   1.00 10.00 ? 95  HIS A C    1 
ATOM 1422 O O    . HIS A 1 95  ? -17.069 -3.572  1.553   1.00 10.00 ? 95  HIS A O    1 
ATOM 1423 C CB   . HIS A 1 95  ? -14.474 -1.986  0.130   1.00 10.00 ? 95  HIS A CB   1 
ATOM 1424 C CG   . HIS A 1 95  ? -15.427 -0.858  0.442   1.00 10.00 ? 95  HIS A CG   1 
ATOM 1425 N ND1  . HIS A 1 95  ? -15.660 -0.300  1.681   1.00 10.00 ? 95  HIS A ND1  1 
ATOM 1426 C CD2  . HIS A 1 95  ? -16.279 -0.244  -0.439  1.00 10.00 ? 95  HIS A CD2  1 
ATOM 1427 C CE1  . HIS A 1 95  ? -16.632 0.619   1.548   1.00 10.00 ? 95  HIS A CE1  1 
ATOM 1428 N NE2  . HIS A 1 95  ? -17.042 0.695   0.268   1.00 10.00 ? 95  HIS A NE2  1 
ATOM 1429 H H    . HIS A 1 95  ? -13.219 -4.196  -0.170  1.00 10.00 ? 95  HIS A H    1 
ATOM 1430 H HA   . HIS A 1 95  ? -14.697 -3.017  1.995   1.00 10.00 ? 95  HIS A HA   1 
ATOM 1431 H HB2  . HIS A 1 95  ? -13.461 -1.657  0.359   1.00 10.00 ? 95  HIS A HB2  1 
ATOM 1432 H HB3  . HIS A 1 95  ? -14.524 -2.208  -0.936  1.00 10.00 ? 95  HIS A HB3  1 
ATOM 1433 H HD1  . HIS A 1 95  ? -15.195 -0.536  2.547   1.00 10.00 ? 95  HIS A HD1  1 
ATOM 1434 H HD2  . HIS A 1 95  ? -16.355 -0.462  -1.497  1.00 10.00 ? 95  HIS A HD2  1 
ATOM 1435 H HE1  . HIS A 1 95  ? -17.031 1.207   2.367   1.00 10.00 ? 95  HIS A HE1  1 
ATOM 1436 N N    . GLN A 1 96  ? -16.478 -4.396  -0.452  1.00 10.00 ? 96  GLN A N    1 
ATOM 1437 C CA   . GLN A 1 96  ? -17.806 -4.926  -0.764  1.00 10.00 ? 96  GLN A CA   1 
ATOM 1438 C C    . GLN A 1 96  ? -18.234 -5.993  0.255   1.00 10.00 ? 96  GLN A C    1 
ATOM 1439 O O    . GLN A 1 96  ? -19.401 -6.027  0.650   1.00 10.00 ? 96  GLN A O    1 
ATOM 1440 C CB   . GLN A 1 96  ? -17.838 -5.484  -2.196  1.00 10.00 ? 96  GLN A CB   1 
ATOM 1441 C CG   . GLN A 1 96  ? -17.811 -4.365  -3.251  1.00 10.00 ? 96  GLN A CG   1 
ATOM 1442 C CD   . GLN A 1 96  ? -17.787 -4.891  -4.691  1.00 10.00 ? 96  GLN A CD   1 
ATOM 1443 O OE1  . GLN A 1 96  ? -18.156 -6.027  -4.983  1.00 10.00 ? 96  GLN A OE1  1 
ATOM 1444 N NE2  . GLN A 1 96  ? -17.354 -4.072  -5.637  1.00 10.00 ? 96  GLN A NE2  1 
ATOM 1445 H H    . GLN A 1 96  ? -15.737 -4.521  -1.138  1.00 10.00 ? 96  GLN A H    1 
ATOM 1446 H HA   . GLN A 1 96  ? -18.519 -4.102  -0.699  1.00 10.00 ? 96  GLN A HA   1 
ATOM 1447 H HB2  . GLN A 1 96  ? -16.992 -6.156  -2.348  1.00 10.00 ? 96  GLN A HB2  1 
ATOM 1448 H HB3  . GLN A 1 96  ? -18.758 -6.054  -2.325  1.00 10.00 ? 96  GLN A HB3  1 
ATOM 1449 H HG2  . GLN A 1 96  ? -18.692 -3.733  -3.128  1.00 10.00 ? 96  GLN A HG2  1 
ATOM 1450 H HG3  . GLN A 1 96  ? -16.934 -3.739  -3.092  1.00 10.00 ? 96  GLN A HG3  1 
ATOM 1451 H HE21 . GLN A 1 96  ? -17.056 -3.136  -5.403  1.00 10.00 ? 96  GLN A HE21 1 
ATOM 1452 H HE22 . GLN A 1 96  ? -17.327 -4.376  -6.599  1.00 10.00 ? 96  GLN A HE22 1 
ATOM 1453 N N    . ARG A 1 97  ? -17.301 -6.829  0.731   1.00 10.00 ? 97  ARG A N    1 
ATOM 1454 C CA   . ARG A 1 97  ? -17.551 -7.810  1.794   1.00 10.00 ? 97  ARG A CA   1 
ATOM 1455 C C    . ARG A 1 97  ? -17.635 -7.174  3.191   1.00 10.00 ? 97  ARG A C    1 
ATOM 1456 O O    . ARG A 1 97  ? -17.834 -7.899  4.166   1.00 10.00 ? 97  ARG A O    1 
ATOM 1457 C CB   . ARG A 1 97  ? -16.496 -8.935  1.739   1.00 10.00 ? 97  ARG A CB   1 
ATOM 1458 C CG   . ARG A 1 97  ? -16.699 -9.823  0.497   1.00 10.00 ? 97  ARG A CG   1 
ATOM 1459 C CD   . ARG A 1 97  ? -16.021 -11.196 0.620   1.00 10.00 ? 97  ARG A CD   1 
ATOM 1460 N NE   . ARG A 1 97  ? -14.572 -11.173 0.339   1.00 10.00 ? 97  ARG A NE   1 
ATOM 1461 C CZ   . ARG A 1 97  ? -13.693 -12.102 0.746   1.00 10.00 ? 97  ARG A CZ   1 
ATOM 1462 N NH1  . ARG A 1 97  ? -14.037 -13.017 1.650   1.00 10.00 ? 97  ARG A NH1  1 
ATOM 1463 N NH2  . ARG A 1 97  ? -12.471 -12.130 0.232   1.00 10.00 ? 97  ARG A NH2  1 
ATOM 1464 H H    . ARG A 1 97  ? -16.371 -6.796  0.320   1.00 10.00 ? 97  ARG A H    1 
ATOM 1465 H HA   . ARG A 1 97  ? -18.532 -8.254  1.613   1.00 10.00 ? 97  ARG A HA   1 
ATOM 1466 H HB2  . ARG A 1 97  ? -15.489 -8.516  1.744   1.00 10.00 ? 97  ARG A HB2  1 
ATOM 1467 H HB3  . ARG A 1 97  ? -16.608 -9.561  2.625   1.00 10.00 ? 97  ARG A HB3  1 
ATOM 1468 H HG2  . ARG A 1 97  ? -17.768 -10.006 0.381   1.00 10.00 ? 97  ARG A HG2  1 
ATOM 1469 H HG3  . ARG A 1 97  ? -16.349 -9.307  -0.398  1.00 10.00 ? 97  ARG A HG3  1 
ATOM 1470 H HD2  . ARG A 1 97  ? -16.213 -11.591 1.618   1.00 10.00 ? 97  ARG A HD2  1 
ATOM 1471 H HD3  . ARG A 1 97  ? -16.488 -11.870 -0.099  1.00 10.00 ? 97  ARG A HD3  1 
ATOM 1472 H HE   . ARG A 1 97  ? -14.257 -10.457 -0.303  1.00 10.00 ? 97  ARG A HE   1 
ATOM 1473 H HH11 . ARG A 1 97  ? -14.962 -13.022 2.054   1.00 10.00 ? 97  ARG A HH11 1 
ATOM 1474 H HH12 . ARG A 1 97  ? -13.397 -13.735 1.960   1.00 10.00 ? 97  ARG A HH12 1 
ATOM 1475 H HH21 . ARG A 1 97  ? -12.242 -11.585 -0.610  1.00 10.00 ? 97  ARG A HH21 1 
ATOM 1476 H HH22 . ARG A 1 97  ? -11.782 -12.807 0.525   1.00 10.00 ? 97  ARG A HH22 1 
ATOM 1477 N N    . ASN A 1 98  ? -17.508 -5.846  3.304   1.00 10.00 ? 98  ASN A N    1 
ATOM 1478 C CA   . ASN A 1 98  ? -17.429 -5.089  4.556   1.00 10.00 ? 98  ASN A CA   1 
ATOM 1479 C C    . ASN A 1 98  ? -16.401 -5.696  5.526   1.00 10.00 ? 98  ASN A C    1 
ATOM 1480 O O    . ASN A 1 98  ? -16.619 -5.777  6.733   1.00 10.00 ? 98  ASN A O    1 
ATOM 1481 C CB   . ASN A 1 98  ? -18.824 -4.879  5.172   1.00 10.00 ? 98  ASN A CB   1 
ATOM 1482 C CG   . ASN A 1 98  ? -18.793 -3.860  6.311   1.00 10.00 ? 98  ASN A CG   1 
ATOM 1483 O OD1  . ASN A 1 98  ? -18.143 -2.822  6.216   1.00 10.00 ? 98  ASN A OD1  1 
ATOM 1484 N ND2  . ASN A 1 98  ? -19.505 -4.107  7.398   1.00 10.00 ? 98  ASN A ND2  1 
ATOM 1485 H H    . ASN A 1 98  ? -17.359 -5.311  2.457   1.00 10.00 ? 98  ASN A H    1 
ATOM 1486 H HA   . ASN A 1 98  ? -17.051 -4.102  4.285   1.00 10.00 ? 98  ASN A HA   1 
ATOM 1487 H HB2  . ASN A 1 98  ? -19.510 -4.516  4.406   1.00 10.00 ? 98  ASN A HB2  1 
ATOM 1488 H HB3  . ASN A 1 98  ? -19.197 -5.836  5.538   1.00 10.00 ? 98  ASN A HB3  1 
ATOM 1489 H HD21 . ASN A 1 98  ? -20.041 -4.960  7.478   1.00 10.00 ? 98  ASN A HD21 1 
ATOM 1490 H HD22 . ASN A 1 98  ? -19.507 -3.448  8.162   1.00 10.00 ? 98  ASN A HD22 1 
ATOM 1491 N N    . GLU A 1 99  ? -15.276 -6.150  4.971   1.00 10.00 ? 99  GLU A N    1 
ATOM 1492 C CA   . GLU A 1 99  ? -14.161 -6.770  5.678   1.00 10.00 ? 99  GLU A CA   1 
ATOM 1493 C C    . GLU A 1 99  ? -12.978 -5.793  5.749   1.00 10.00 ? 99  GLU A C    1 
ATOM 1494 O O    . GLU A 1 99  ? -12.212 -5.805  6.714   1.00 10.00 ? 99  GLU A O    1 
ATOM 1495 C CB   . GLU A 1 99  ? -13.797 -8.070  4.941   1.00 10.00 ? 99  GLU A CB   1 
ATOM 1496 C CG   . GLU A 1 99  ? -12.790 -8.925  5.717   1.00 10.00 ? 99  GLU A CG   1 
ATOM 1497 C CD   . GLU A 1 99  ? -12.482 -10.233 4.973   1.00 10.00 ? 99  GLU A CD   1 
ATOM 1498 O OE1  . GLU A 1 99  ? -13.148 -11.262 5.234   1.00 10.00 ? 99  GLU A OE1  1 
ATOM 1499 O OE2  . GLU A 1 99  ? -11.545 -10.234 4.145   1.00 10.00 ? 99  GLU A OE2  1 
ATOM 1500 H H    . GLU A 1 99  ? -15.179 -6.067  3.964   1.00 10.00 ? 99  GLU A H    1 
ATOM 1501 H HA   . GLU A 1 99  ? -14.468 -7.025  6.691   1.00 10.00 ? 99  GLU A HA   1 
ATOM 1502 H HB2  . GLU A 1 99  ? -14.706 -8.656  4.797   1.00 10.00 ? 99  GLU A HB2  1 
ATOM 1503 H HB3  . GLU A 1 99  ? -13.387 -7.828  3.959   1.00 10.00 ? 99  GLU A HB3  1 
ATOM 1504 H HG2  . GLU A 1 99  ? -11.862 -8.365  5.848   1.00 10.00 ? 99  GLU A HG2  1 
ATOM 1505 H HG3  . GLU A 1 99  ? -13.195 -9.146  6.707   1.00 10.00 ? 99  GLU A HG3  1 
ATOM 1506 N N    . LEU A 1 100 ? -12.866 -4.887  4.766   1.00 10.00 ? 100 LEU A N    1 
ATOM 1507 C CA   . LEU A 1 100 ? -11.856 -3.830  4.768   1.00 10.00 ? 100 LEU A CA   1 
ATOM 1508 C C    . LEU A 1 100 ? -12.074 -2.889  5.956   1.00 10.00 ? 100 LEU A C    1 
ATOM 1509 O O    . LEU A 1 100 ? -11.102 -2.458  6.568   1.00 10.00 ? 100 LEU A O    1 
ATOM 1510 C CB   . LEU A 1 100 ? -11.902 -3.051  3.438   1.00 10.00 ? 100 LEU A CB   1 
ATOM 1511 C CG   . LEU A 1 100 ? -10.753 -2.040  3.255   1.00 10.00 ? 100 LEU A CG   1 
ATOM 1512 C CD1  . LEU A 1 100 ? -9.394  -2.738  3.119   1.00 10.00 ? 100 LEU A CD1  1 
ATOM 1513 C CD2  . LEU A 1 100 ? -11.002 -1.185  2.008   1.00 10.00 ? 100 LEU A CD2  1 
ATOM 1514 H H    . LEU A 1 100 ? -13.523 -4.931  3.995   1.00 10.00 ? 100 LEU A H    1 
ATOM 1515 H HA   . LEU A 1 100 ? -10.880 -4.302  4.878   1.00 10.00 ? 100 LEU A HA   1 
ATOM 1516 H HB2  . LEU A 1 100 ? -11.865 -3.755  2.609   1.00 10.00 ? 100 LEU A HB2  1 
ATOM 1517 H HB3  . LEU A 1 100 ? -12.851 -2.514  3.386   1.00 10.00 ? 100 LEU A HB3  1 
ATOM 1518 H HG   . LEU A 1 100 ? -10.718 -1.374  4.111   1.00 10.00 ? 100 LEU A HG   1 
ATOM 1519 H HD11 . LEU A 1 100 ? -9.425  -3.483  2.323   1.00 10.00 ? 100 LEU A HD11 1 
ATOM 1520 H HD12 . LEU A 1 100 ? -8.628  -2.000  2.883   1.00 10.00 ? 100 LEU A HD12 1 
ATOM 1521 H HD13 . LEU A 1 100 ? -9.120  -3.217  4.059   1.00 10.00 ? 100 LEU A HD13 1 
ATOM 1522 H HD21 . LEU A 1 100 ? -11.052 -1.816  1.120   1.00 10.00 ? 100 LEU A HD21 1 
ATOM 1523 H HD22 . LEU A 1 100 ? -11.938 -0.637  2.114   1.00 10.00 ? 100 LEU A HD22 1 
ATOM 1524 H HD23 . LEU A 1 100 ? -10.195 -0.460  1.886   1.00 10.00 ? 100 LEU A HD23 1 
ATOM 1525 N N    . LEU A 1 101 ? -13.332 -2.579  6.297   1.00 10.00 ? 101 LEU A N    1 
ATOM 1526 C CA   . LEU A 1 101 ? -13.643 -1.663  7.395   1.00 10.00 ? 101 LEU A CA   1 
ATOM 1527 C C    . LEU A 1 101 ? -13.123 -2.200  8.733   1.00 10.00 ? 101 LEU A C    1 
ATOM 1528 O O    . LEU A 1 101 ? -12.330 -1.495  9.351   1.00 10.00 ? 101 LEU A O    1 
ATOM 1529 C CB   . LEU A 1 101 ? -15.148 -1.316  7.451   1.00 10.00 ? 101 LEU A CB   1 
ATOM 1530 C CG   . LEU A 1 101 ? -15.504 0.127   7.057   1.00 10.00 ? 101 LEU A CG   1 
ATOM 1531 C CD1  . LEU A 1 101 ? -14.923 1.155   8.038   1.00 10.00 ? 101 LEU A CD1  1 
ATOM 1532 C CD2  . LEU A 1 101 ? -15.071 0.450   5.624   1.00 10.00 ? 101 LEU A CD2  1 
ATOM 1533 H H    . LEU A 1 101 ? -14.096 -2.982  5.775   1.00 10.00 ? 101 LEU A H    1 
ATOM 1534 H HA   . LEU A 1 101 ? -13.086 -0.747  7.201   1.00 10.00 ? 101 LEU A HA   1 
ATOM 1535 H HB2  . LEU A 1 101 ? -15.703 -1.999  6.807   1.00 10.00 ? 101 LEU A HB2  1 
ATOM 1536 H HB3  . LEU A 1 101 ? -15.515 -1.469  8.467   1.00 10.00 ? 101 LEU A HB3  1 
ATOM 1537 H HG   . LEU A 1 101 ? -16.591 0.215   7.094   1.00 10.00 ? 101 LEU A HG   1 
ATOM 1538 H HD11 . LEU A 1 101 ? -15.254 2.156   7.761   1.00 10.00 ? 101 LEU A HD11 1 
ATOM 1539 H HD12 . LEU A 1 101 ? -15.279 0.938   9.046   1.00 10.00 ? 101 LEU A HD12 1 
ATOM 1540 H HD13 . LEU A 1 101 ? -13.833 1.133   8.035   1.00 10.00 ? 101 LEU A HD13 1 
ATOM 1541 H HD21 . LEU A 1 101 ? -15.434 -0.327  4.950   1.00 10.00 ? 101 LEU A HD21 1 
ATOM 1542 H HD22 . LEU A 1 101 ? -13.986 0.521   5.548   1.00 10.00 ? 101 LEU A HD22 1 
ATOM 1543 H HD23 . LEU A 1 101 ? -15.515 1.400   5.328   1.00 10.00 ? 101 LEU A HD23 1 
ATOM 1544 N N    . PRO A 1 102 ? -13.480 -3.420  9.190   1.00 10.00 ? 102 PRO A N    1 
ATOM 1545 C CA   . PRO A 1 102 ? -12.881 -4.027  10.374  1.00 10.00 ? 102 PRO A CA   1 
ATOM 1546 C C    . PRO A 1 102 ? -11.352 -3.957  10.393  1.00 10.00 ? 102 PRO A C    1 
ATOM 1547 O O    . PRO A 1 102 ? -10.773 -3.579  11.412  1.00 10.00 ? 102 PRO A O    1 
ATOM 1548 C CB   . PRO A 1 102 ? -13.378 -5.477  10.382  1.00 10.00 ? 102 PRO A CB   1 
ATOM 1549 C CG   . PRO A 1 102 ? -14.756 -5.362  9.740   1.00 10.00 ? 102 PRO A CG   1 
ATOM 1550 C CD   . PRO A 1 102 ? -14.562 -4.264  8.697   1.00 10.00 ? 102 PRO A CD   1 
ATOM 1551 H HA   . PRO A 1 102 ? -13.270 -3.513  11.253  1.00 10.00 ? 102 PRO A HA   1 
ATOM 1552 H HB2  . PRO A 1 102 ? -12.741 -6.102  9.752   1.00 10.00 ? 102 PRO A HB2  1 
ATOM 1553 H HB3  . PRO A 1 102 ? -13.427 -5.886  11.391  1.00 10.00 ? 102 PRO A HB3  1 
ATOM 1554 H HG2  . PRO A 1 102 ? -15.073 -6.301  9.286   1.00 10.00 ? 102 PRO A HG2  1 
ATOM 1555 H HG3  . PRO A 1 102 ? -15.481 -5.033  10.488  1.00 10.00 ? 102 PRO A HG3  1 
ATOM 1556 H HD2  . PRO A 1 102 ? -14.277 -4.705  7.748   1.00 10.00 ? 102 PRO A HD2  1 
ATOM 1557 H HD3  . PRO A 1 102 ? -15.490 -3.709  8.583   1.00 10.00 ? 102 PRO A HD3  1 
ATOM 1558 N N    . LEU A 1 103 ? -10.694 -4.283  9.274   1.00 10.00 ? 103 LEU A N    1 
ATOM 1559 C CA   . LEU A 1 103 ? -9.239  -4.253  9.173   1.00 10.00 ? 103 LEU A CA   1 
ATOM 1560 C C    . LEU A 1 103 ? -8.701  -2.827  9.358   1.00 10.00 ? 103 LEU A C    1 
ATOM 1561 O O    . LEU A 1 103 ? -7.726  -2.624  10.080  1.00 10.00 ? 103 LEU A O    1 
ATOM 1562 C CB   . LEU A 1 103 ? -8.831  -4.863  7.819   1.00 10.00 ? 103 LEU A CB   1 
ATOM 1563 C CG   . LEU A 1 103 ? -7.322  -4.820  7.519   1.00 10.00 ? 103 LEU A CG   1 
ATOM 1564 C CD1  . LEU A 1 103 ? -6.471  -5.535  8.575   1.00 10.00 ? 103 LEU A CD1  1 
ATOM 1565 C CD2  . LEU A 1 103 ? -7.069  -5.459  6.150   1.00 10.00 ? 103 LEU A CD2  1 
ATOM 1566 H H    . LEU A 1 103 ? -11.220 -4.575  8.458   1.00 10.00 ? 103 LEU A H    1 
ATOM 1567 H HA   . LEU A 1 103 ? -8.831  -4.875  9.971   1.00 10.00 ? 103 LEU A HA   1 
ATOM 1568 H HB2  . LEU A 1 103 ? -9.170  -5.900  7.792   1.00 10.00 ? 103 LEU A HB2  1 
ATOM 1569 H HB3  . LEU A 1 103 ? -9.347  -4.323  7.025   1.00 10.00 ? 103 LEU A HB3  1 
ATOM 1570 H HG   . LEU A 1 103 ? -7.009  -3.781  7.465   1.00 10.00 ? 103 LEU A HG   1 
ATOM 1571 H HD11 . LEU A 1 103 ? -6.804  -6.568  8.693   1.00 10.00 ? 103 LEU A HD11 1 
ATOM 1572 H HD12 . LEU A 1 103 ? -5.424  -5.528  8.272   1.00 10.00 ? 103 LEU A HD12 1 
ATOM 1573 H HD13 . LEU A 1 103 ? -6.547  -5.022  9.533   1.00 10.00 ? 103 LEU A HD13 1 
ATOM 1574 H HD21 . LEU A 1 103 ? -6.021  -5.331  5.884   1.00 10.00 ? 103 LEU A HD21 1 
ATOM 1575 H HD22 . LEU A 1 103 ? -7.307  -6.522  6.178   1.00 10.00 ? 103 LEU A HD22 1 
ATOM 1576 H HD23 . LEU A 1 103 ? -7.680  -4.971  5.391   1.00 10.00 ? 103 LEU A HD23 1 
ATOM 1577 N N    . LEU A 1 104 ? -9.343  -1.829  8.747   1.00 10.00 ? 104 LEU A N    1 
ATOM 1578 C CA   . LEU A 1 104 ? -8.956  -0.427  8.887   1.00 10.00 ? 104 LEU A CA   1 
ATOM 1579 C C    . LEU A 1 104 ? -9.181  0.068   10.315  1.00 10.00 ? 104 LEU A C    1 
ATOM 1580 O O    . LEU A 1 104 ? -8.328  0.792   10.831  1.00 10.00 ? 104 LEU A O    1 
ATOM 1581 C CB   . LEU A 1 104 ? -9.739  0.452   7.901   1.00 10.00 ? 104 LEU A CB   1 
ATOM 1582 C CG   . LEU A 1 104 ? -9.289  0.327   6.433   1.00 10.00 ? 104 LEU A CG   1 
ATOM 1583 C CD1  . LEU A 1 104 ? -10.336 0.983   5.529   1.00 10.00 ? 104 LEU A CD1  1 
ATOM 1584 C CD2  . LEU A 1 104 ? -7.931  0.995   6.186   1.00 10.00 ? 104 LEU A CD2  1 
ATOM 1585 H H    . LEU A 1 104 ? -10.148 -2.044  8.167   1.00 10.00 ? 104 LEU A H    1 
ATOM 1586 H HA   . LEU A 1 104 ? -7.890  -0.341  8.676   1.00 10.00 ? 104 LEU A HA   1 
ATOM 1587 H HB2  . LEU A 1 104 ? -10.799 0.208   7.983   1.00 10.00 ? 104 LEU A HB2  1 
ATOM 1588 H HB3  . LEU A 1 104 ? -9.622  1.489   8.208   1.00 10.00 ? 104 LEU A HB3  1 
ATOM 1589 H HG   . LEU A 1 104 ? -9.206  -0.724  6.159   1.00 10.00 ? 104 LEU A HG   1 
ATOM 1590 H HD11 . LEU A 1 104 ? -10.007 0.949   4.490   1.00 10.00 ? 104 LEU A HD11 1 
ATOM 1591 H HD12 . LEU A 1 104 ? -11.281 0.447   5.615   1.00 10.00 ? 104 LEU A HD12 1 
ATOM 1592 H HD13 . LEU A 1 104 ? -10.494 2.019   5.824   1.00 10.00 ? 104 LEU A HD13 1 
ATOM 1593 H HD21 . LEU A 1 104 ? -7.979  2.053   6.439   1.00 10.00 ? 104 LEU A HD21 1 
ATOM 1594 H HD22 . LEU A 1 104 ? -7.155  0.517   6.782   1.00 10.00 ? 104 LEU A HD22 1 
ATOM 1595 H HD23 . LEU A 1 104 ? -7.657  0.897   5.134   1.00 10.00 ? 104 LEU A HD23 1 
ATOM 1596 N N    . GLN A 1 105 ? -10.281 -0.321  10.971  1.00 10.00 ? 105 GLN A N    1 
ATOM 1597 C CA   . GLN A 1 105 ? -10.529 0.071   12.355  1.00 10.00 ? 105 GLN A CA   1 
ATOM 1598 C C    . GLN A 1 105 ? -9.498  -0.571  13.276  1.00 10.00 ? 105 GLN A C    1 
ATOM 1599 O O    . GLN A 1 105 ? -9.027  0.068   14.213  1.00 10.00 ? 105 GLN A O    1 
ATOM 1600 C CB   . GLN A 1 105 ? -11.946 -0.292  12.831  1.00 10.00 ? 105 GLN A CB   1 
ATOM 1601 C CG   . GLN A 1 105 ? -13.045 0.466   12.067  1.00 10.00 ? 105 GLN A CG   1 
ATOM 1602 C CD   . GLN A 1 105 ? -14.364 0.609   12.829  1.00 10.00 ? 105 GLN A CD   1 
ATOM 1603 O OE1  . GLN A 1 105 ? -14.587 0.018   13.882  1.00 10.00 ? 105 GLN A OE1  1 
ATOM 1604 N NE2  . GLN A 1 105 ? -15.258 1.453   12.339  1.00 10.00 ? 105 GLN A NE2  1 
ATOM 1605 H H    . GLN A 1 105 ? -10.974 -0.886  10.488  1.00 10.00 ? 105 GLN A H    1 
ATOM 1606 H HA   . GLN A 1 105 ? -10.404 1.149   12.423  1.00 10.00 ? 105 GLN A HA   1 
ATOM 1607 H HB2  . GLN A 1 105 ? -12.112 -1.366  12.736  1.00 10.00 ? 105 GLN A HB2  1 
ATOM 1608 H HB3  . GLN A 1 105 ? -12.009 -0.027  13.887  1.00 10.00 ? 105 GLN A HB3  1 
ATOM 1609 H HG2  . GLN A 1 105 ? -12.687 1.468   11.847  1.00 10.00 ? 105 GLN A HG2  1 
ATOM 1610 H HG3  . GLN A 1 105 ? -13.239 -0.038  11.124  1.00 10.00 ? 105 GLN A HG3  1 
ATOM 1611 H HE21 . GLN A 1 105 ? -15.071 1.951   11.481  1.00 10.00 ? 105 GLN A HE21 1 
ATOM 1612 H HE22 . GLN A 1 105 ? -16.136 1.589   12.818  1.00 10.00 ? 105 GLN A HE22 1 
ATOM 1613 N N    . ASP A 1 106 ? -9.117  -1.818  13.008  1.00 10.00 ? 106 ASP A N    1 
ATOM 1614 C CA   . ASP A 1 106 ? -8.095  -2.517  13.780  1.00 10.00 ? 106 ASP A CA   1 
ATOM 1615 C C    . ASP A 1 106 ? -6.723  -1.857  13.617  1.00 10.00 ? 106 ASP A C    1 
ATOM 1616 O O    . ASP A 1 106 ? -5.983  -1.721  14.591  1.00 10.00 ? 106 ASP A O    1 
ATOM 1617 C CB   . ASP A 1 106 ? -8.030  -3.988  13.372  1.00 10.00 ? 106 ASP A CB   1 
ATOM 1618 C CG   . ASP A 1 106 ? -6.949  -4.707  14.193  1.00 10.00 ? 106 ASP A CG   1 
ATOM 1619 O OD1  . ASP A 1 106 ? -5.952  -5.182  13.607  1.00 10.00 ? 106 ASP A OD1  1 
ATOM 1620 O OD2  . ASP A 1 106 ? -7.109  -4.800  15.430  1.00 10.00 ? 106 ASP A OD2  1 
ATOM 1621 H H    . ASP A 1 106 ? -9.567  -2.310  12.242  1.00 10.00 ? 106 ASP A H    1 
ATOM 1622 H HA   . ASP A 1 106 ? -8.372  -2.477  14.832  1.00 10.00 ? 106 ASP A HA   1 
ATOM 1623 H HB2  . ASP A 1 106 ? -9.002  -4.450  13.553  1.00 10.00 ? 106 ASP A HB2  1 
ATOM 1624 H HB3  . ASP A 1 106 ? -7.810  -4.062  12.306  1.00 10.00 ? 106 ASP A HB3  1 
ATOM 1625 N N    . ALA A 1 107 ? -6.410  -1.373  12.409  1.00 10.00 ? 107 ALA A N    1 
ATOM 1626 C CA   . ALA A 1 107 ? -5.233  -0.549  12.144  1.00 10.00 ? 107 ALA A CA   1 
ATOM 1627 C C    . ALA A 1 107 ? -5.376  0.886   12.691  1.00 10.00 ? 107 ALA A C    1 
ATOM 1628 O O    . ALA A 1 107 ? -4.434  1.671   12.579  1.00 10.00 ? 107 ALA A O    1 
ATOM 1629 C CB   . ALA A 1 107 ? -4.970  -0.528  10.634  1.00 10.00 ? 107 ALA A CB   1 
ATOM 1630 H H    . ALA A 1 107 ? -7.039  -1.561  11.634  1.00 10.00 ? 107 ALA A H    1 
ATOM 1631 H HA   . ALA A 1 107 ? -4.375  -1.012  12.634  1.00 10.00 ? 107 ALA A HA   1 
ATOM 1632 H HB1  . ALA A 1 107 ? -5.795  -0.041  10.112  1.00 10.00 ? 107 ALA A HB1  1 
ATOM 1633 H HB2  . ALA A 1 107 ? -4.047  0.015   10.425  1.00 10.00 ? 107 ALA A HB2  1 
ATOM 1634 H HB3  . ALA A 1 107 ? -4.864  -1.550  10.271  1.00 10.00 ? 107 ALA A HB3  1 
ATOM 1635 N N    . ALA A 1 108 ? -6.538  1.238   13.257  1.00 10.00 ? 108 ALA A N    1 
ATOM 1636 C CA   . ALA A 1 108 ? -6.953  2.587   13.650  1.00 10.00 ? 108 ALA A CA   1 
ATOM 1637 C C    . ALA A 1 108 ? -6.762  3.624   12.526  1.00 10.00 ? 108 ALA A C    1 
ATOM 1638 O O    . ALA A 1 108 ? -6.581  4.814   12.796  1.00 10.00 ? 108 ALA A O    1 
ATOM 1639 C CB   . ALA A 1 108 ? -6.290  2.974   14.982  1.00 10.00 ? 108 ALA A CB   1 
ATOM 1640 H H    . ALA A 1 108 ? -7.260  0.530   13.309  1.00 10.00 ? 108 ALA A H    1 
ATOM 1641 H HA   . ALA A 1 108 ? -8.028  2.532   13.835  1.00 10.00 ? 108 ALA A HA   1 
ATOM 1642 H HB1  . ALA A 1 108 ? -5.210  3.046   14.856  1.00 10.00 ? 108 ALA A HB1  1 
ATOM 1643 H HB2  . ALA A 1 108 ? -6.674  3.939   15.317  1.00 10.00 ? 108 ALA A HB2  1 
ATOM 1644 H HB3  . ALA A 1 108 ? -6.519  2.225   15.741  1.00 10.00 ? 108 ALA A HB3  1 
ATOM 1645 N N    . ALA A 1 109 ? -6.785  3.179   11.265  1.00 10.00 ? 109 ALA A N    1 
ATOM 1646 C CA   . ALA A 1 109 ? -6.617  4.031   10.098  1.00 10.00 ? 109 ALA A CA   1 
ATOM 1647 C C    . ALA A 1 109 ? -7.848  4.909   9.892   1.00 10.00 ? 109 ALA A C    1 
ATOM 1648 O O    . ALA A 1 109 ? -7.727  6.086   9.550   1.00 10.00 ? 109 ALA A O    1 
ATOM 1649 C CB   . ALA A 1 109 ? -6.411  3.149   8.867   1.00 10.00 ? 109 ALA A CB   1 
ATOM 1650 H H    . ALA A 1 109 ? -7.018  2.204   11.108  1.00 10.00 ? 109 ALA A H    1 
ATOM 1651 H HA   . ALA A 1 109 ? -5.741  4.667   10.236  1.00 10.00 ? 109 ALA A HA   1 
ATOM 1652 H HB1  . ALA A 1 109 ? -7.284  2.516   8.706   1.00 10.00 ? 109 ALA A HB1  1 
ATOM 1653 H HB2  . ALA A 1 109 ? -6.267  3.785   7.992   1.00 10.00 ? 109 ALA A HB2  1 
ATOM 1654 H HB3  . ALA A 1 109 ? -5.537  2.515   9.006   1.00 10.00 ? 109 ALA A HB3  1 
ATOM 1655 N N    . THR A 1 110 ? -9.035  4.332   10.072  1.00 10.00 ? 110 THR A N    1 
ATOM 1656 C CA   . THR A 1 110 ? -10.304 5.033   10.041  1.00 10.00 ? 110 THR A CA   1 
ATOM 1657 C C    . THR A 1 110 ? -10.525 5.638   11.428  1.00 10.00 ? 110 THR A C    1 
ATOM 1658 O O    . THR A 1 110 ? -10.743 4.910   12.401  1.00 10.00 ? 110 THR A O    1 
ATOM 1659 C CB   . THR A 1 110 ? -11.409 4.038   9.636   1.00 10.00 ? 110 THR A CB   1 
ATOM 1660 O OG1  . THR A 1 110 ? -11.179 2.772   10.227  1.00 10.00 ? 110 THR A OG1  1 
ATOM 1661 C CG2  . THR A 1 110 ? -11.434 3.824   8.123   1.00 10.00 ? 110 THR A CG2  1 
ATOM 1662 H H    . THR A 1 110 ? -9.083  3.351   10.319  1.00 10.00 ? 110 THR A H    1 
ATOM 1663 H HA   . THR A 1 110 ? -10.266 5.837   9.305   1.00 10.00 ? 110 THR A HA   1 
ATOM 1664 H HB   . THR A 1 110 ? -12.382 4.417   9.951   1.00 10.00 ? 110 THR A HB   1 
ATOM 1665 H HG1  . THR A 1 110 ? -11.260 2.886   11.185  1.00 10.00 ? 110 THR A HG1  1 
ATOM 1666 H HG21 . THR A 1 110 ? -11.746 4.744   7.631   1.00 10.00 ? 110 THR A HG21 1 
ATOM 1667 H HG22 . THR A 1 110 ? -10.444 3.547   7.767   1.00 10.00 ? 110 THR A HG22 1 
ATOM 1668 H HG23 . THR A 1 110 ? -12.144 3.034   7.879   1.00 10.00 ? 110 THR A HG23 1 
ATOM 1669 N N    . ALA A 1 111 ? -10.477 6.969   11.531  1.00 10.00 ? 111 ALA A N    1 
ATOM 1670 C CA   . ALA A 1 111 ? -10.635 7.689   12.796  1.00 10.00 ? 111 ALA A CA   1 
ATOM 1671 C C    . ALA A 1 111 ? -12.042 7.549   13.411  1.00 10.00 ? 111 ALA A C    1 
ATOM 1672 O O    . ALA A 1 111 ? -12.261 8.009   14.532  1.00 10.00 ? 111 ALA A O    1 
ATOM 1673 C CB   . ALA A 1 111 ? -10.268 9.162   12.585  1.00 10.00 ? 111 ALA A CB   1 
ATOM 1674 H H    . ALA A 1 111 ? -10.272 7.517   10.705  1.00 10.00 ? 111 ALA A H    1 
ATOM 1675 H HA   . ALA A 1 111 ? -9.924  7.263   13.507  1.00 10.00 ? 111 ALA A HA   1 
ATOM 1676 H HB1  . ALA A 1 111 ? -9.256  9.238   12.184  1.00 10.00 ? 111 ALA A HB1  1 
ATOM 1677 H HB2  . ALA A 1 111 ? -10.970 9.629   11.894  1.00 10.00 ? 111 ALA A HB2  1 
ATOM 1678 H HB3  . ALA A 1 111 ? -10.303 9.690   13.539  1.00 10.00 ? 111 ALA A HB3  1 
ATOM 1679 N N    . LYS A 1 112 ? -12.991 6.911   12.706  1.00 10.00 ? 112 LYS A N    1 
ATOM 1680 C CA   . LYS A 1 112 ? -14.334 6.591   13.200  1.00 10.00 ? 112 LYS A CA   1 
ATOM 1681 C C    . LYS A 1 112 ? -14.302 5.914   14.568  1.00 10.00 ? 112 LYS A C    1 
ATOM 1682 O O    . LYS A 1 112 ? -15.167 6.181   15.403  1.00 10.00 ? 112 LYS A O    1 
ATOM 1683 C CB   . LYS A 1 112 ? -15.049 5.647   12.216  1.00 10.00 ? 112 LYS A CB   1 
ATOM 1684 C CG   . LYS A 1 112 ? -15.534 6.330   10.931  1.00 10.00 ? 112 LYS A CG   1 
ATOM 1685 C CD   . LYS A 1 112 ? -16.241 5.302   10.031  1.00 10.00 ? 112 LYS A CD   1 
ATOM 1686 C CE   . LYS A 1 112 ? -17.111 6.004   8.980   1.00 10.00 ? 112 LYS A CE   1 
ATOM 1687 N NZ   . LYS A 1 112 ? -17.894 5.038   8.169   1.00 10.00 ? 112 LYS A NZ   1 
ATOM 1688 H H    . LYS A 1 112 ? -12.751 6.600   11.778  1.00 10.00 ? 112 LYS A H    1 
ATOM 1689 H HA   . LYS A 1 112 ? -14.902 7.515   13.300  1.00 10.00 ? 112 LYS A HA   1 
ATOM 1690 H HB2  . LYS A 1 112 ? -14.390 4.814   11.966  1.00 10.00 ? 112 LYS A HB2  1 
ATOM 1691 H HB3  . LYS A 1 112 ? -15.925 5.235   12.722  1.00 10.00 ? 112 LYS A HB3  1 
ATOM 1692 H HG2  . LYS A 1 112 ? -16.233 7.122   11.202  1.00 10.00 ? 112 LYS A HG2  1 
ATOM 1693 H HG3  . LYS A 1 112 ? -14.692 6.767   10.392  1.00 10.00 ? 112 LYS A HG3  1 
ATOM 1694 H HD2  . LYS A 1 112 ? -15.491 4.678   9.539   1.00 10.00 ? 112 LYS A HD2  1 
ATOM 1695 H HD3  . LYS A 1 112 ? -16.881 4.666   10.645  1.00 10.00 ? 112 LYS A HD3  1 
ATOM 1696 H HE2  . LYS A 1 112 ? -17.799 6.676   9.498   1.00 10.00 ? 112 LYS A HE2  1 
ATOM 1697 H HE3  . LYS A 1 112 ? -16.472 6.607   8.330   1.00 10.00 ? 112 LYS A HE3  1 
ATOM 1698 H HZ1  . LYS A 1 112 ? -18.509 5.527   7.531   1.00 10.00 ? 112 LYS A HZ1  1 
ATOM 1699 H HZ2  . LYS A 1 112 ? -17.292 4.445   7.619   1.00 10.00 ? 112 LYS A HZ2  1 
ATOM 1700 H HZ3  . LYS A 1 112 ? -18.473 4.453   8.753   1.00 10.00 ? 112 LYS A HZ3  1 
ATOM 1701 N N    . ASN A 1 113 ? -13.335 5.021   14.782  1.00 10.00 ? 113 ASN A N    1 
ATOM 1702 C CA   . ASN A 1 113 ? -13.245 4.181   15.969  1.00 10.00 ? 113 ASN A CA   1 
ATOM 1703 C C    . ASN A 1 113 ? -11.764 3.979   16.302  1.00 10.00 ? 113 ASN A C    1 
ATOM 1704 O O    . ASN A 1 113 ? -11.132 3.087   15.733  1.00 10.00 ? 113 ASN A O    1 
ATOM 1705 C CB   . ASN A 1 113 ? -13.953 2.842   15.721  1.00 10.00 ? 113 ASN A CB   1 
ATOM 1706 C CG   . ASN A 1 113 ? -13.737 1.844   16.856  1.00 10.00 ? 113 ASN A CG   1 
ATOM 1707 O OD1  . ASN A 1 113 ? -13.283 2.182   17.947  1.00 10.00 ? 113 ASN A OD1  1 
ATOM 1708 N ND2  . ASN A 1 113 ? -14.046 0.589   16.606  1.00 10.00 ? 113 ASN A ND2  1 
ATOM 1709 H H    . ASN A 1 113 ? -12.638 4.886   14.061  1.00 10.00 ? 113 ASN A H    1 
ATOM 1710 H HA   . ASN A 1 113 ? -13.754 4.660   16.805  1.00 10.00 ? 113 ASN A HA   1 
ATOM 1711 H HB2  . ASN A 1 113 ? -15.023 3.011   15.594  1.00 10.00 ? 113 ASN A HB2  1 
ATOM 1712 H HB3  . ASN A 1 113 ? -13.562 2.409   14.799  1.00 10.00 ? 113 ASN A HB3  1 
ATOM 1713 H HD21 . ASN A 1 113 ? -14.371 0.317   15.677  1.00 10.00 ? 113 ASN A HD21 1 
ATOM 1714 H HD22 . ASN A 1 113 ? -13.811 -0.130  17.288  1.00 10.00 ? 113 ASN A HD22 1 
ATOM 1715 N N    . PRO A 1 114 ? -11.185 4.796   17.198  1.00 10.00 ? 114 PRO A N    1 
ATOM 1716 C CA   . PRO A 1 114 ? -9.770  4.718   17.549  1.00 10.00 ? 114 PRO A CA   1 
ATOM 1717 C C    . PRO A 1 114 ? -9.434  3.531   18.472  1.00 10.00 ? 114 PRO A C    1 
ATOM 1718 O O    . PRO A 1 114 ? -8.276  3.401   18.879  1.00 10.00 ? 114 PRO A O    1 
ATOM 1719 C CB   . PRO A 1 114 ? -9.465  6.069   18.212  1.00 10.00 ? 114 PRO A CB   1 
ATOM 1720 C CG   . PRO A 1 114 ? -10.785 6.441   18.882  1.00 10.00 ? 114 PRO A CG   1 
ATOM 1721 C CD   . PRO A 1 114 ? -11.825 5.904   17.901  1.00 10.00 ? 114 PRO A CD   1 
ATOM 1722 H HA   . PRO A 1 114 ? -9.176  4.626   16.639  1.00 10.00 ? 114 PRO A HA   1 
ATOM 1723 H HB2  . PRO A 1 114 ? -8.649  6.014   18.932  1.00 10.00 ? 114 PRO A HB2  1 
ATOM 1724 H HB3  . PRO A 1 114 ? -9.233  6.805   17.440  1.00 10.00 ? 114 PRO A HB3  1 
ATOM 1725 H HG2  . PRO A 1 114 ? -10.876 5.920   19.836  1.00 10.00 ? 114 PRO A HG2  1 
ATOM 1726 H HG3  . PRO A 1 114 ? -10.880 7.519   19.021  1.00 10.00 ? 114 PRO A HG3  1 
ATOM 1727 H HD2  . PRO A 1 114 ? -12.708 5.574   18.450  1.00 10.00 ? 114 PRO A HD2  1 
ATOM 1728 H HD3  . PRO A 1 114 ? -12.094 6.682   17.185  1.00 10.00 ? 114 PRO A HD3  1 
ATOM 1729 N N    . ALA A 1 115 ? -10.403 2.670   18.821  1.00 10.00 ? 115 ALA A N    1 
ATOM 1730 C CA   . ALA A 1 115 ? -10.264 1.641   19.849  1.00 10.00 ? 115 ALA A CA   1 
ATOM 1731 C C    . ALA A 1 115 ? -10.457 0.218   19.291  1.00 10.00 ? 115 ALA A C    1 
ATOM 1732 O O    . ALA A 1 115 ? -10.699 -0.707  20.071  1.00 10.00 ? 115 ALA A O    1 
ATOM 1733 C CB   . ALA A 1 115 ? -11.228 1.964   20.999  1.00 10.00 ? 115 ALA A CB   1 
ATOM 1734 H H    . ALA A 1 115 ? -11.332 2.785   18.432  1.00 10.00 ? 115 ALA A H    1 
ATOM 1735 H HA   . ALA A 1 115 ? -9.251  1.680   20.253  1.00 10.00 ? 115 ALA A HA   1 
ATOM 1736 H HB1  . ALA A 1 115 ? -12.259 1.882   20.656  1.00 10.00 ? 115 ALA A HB1  1 
ATOM 1737 H HB2  . ALA A 1 115 ? -11.067 1.269   21.822  1.00 10.00 ? 115 ALA A HB2  1 
ATOM 1738 H HB3  . ALA A 1 115 ? -11.044 2.977   21.360  1.00 10.00 ? 115 ALA A HB3  1 
ATOM 1739 N N    . GLN A 1 116 ? -10.310 0.046   17.968  1.00 10.00 ? 116 GLN A N    1 
ATOM 1740 C CA   . GLN A 1 116 ? -10.398 -1.214  17.216  1.00 10.00 ? 116 GLN A CA   1 
ATOM 1741 C C    . GLN A 1 116 ? -11.839 -1.742  17.145  1.00 10.00 ? 116 GLN A C    1 
ATOM 1742 O O    . GLN A 1 116 ? -12.682 -1.411  17.984  1.00 10.00 ? 116 GLN A O    1 
ATOM 1743 C CB   . GLN A 1 116 ? -9.426  -2.290  17.748  1.00 10.00 ? 116 GLN A CB   1 
ATOM 1744 C CG   . GLN A 1 116 ? -7.960  -1.832  17.826  1.00 10.00 ? 116 GLN A CG   1 
ATOM 1745 C CD   . GLN A 1 116 ? -7.112  -2.818  18.629  1.00 10.00 ? 116 GLN A CD   1 
ATOM 1746 O OE1  . GLN A 1 116 ? -6.836  -2.602  19.809  1.00 10.00 ? 116 GLN A OE1  1 
ATOM 1747 N NE2  . GLN A 1 116 ? -6.684  -3.923  18.042  1.00 10.00 ? 116 GLN A NE2  1 
ATOM 1748 H H    . GLN A 1 116 ? -10.141 0.875   17.413  1.00 10.00 ? 116 GLN A H    1 
ATOM 1749 H HA   . GLN A 1 116 ? -10.090 -0.986  16.196  1.00 10.00 ? 116 GLN A HA   1 
ATOM 1750 H HB2  . GLN A 1 116 ? -9.751  -2.614  18.737  1.00 10.00 ? 116 GLN A HB2  1 
ATOM 1751 H HB3  . GLN A 1 116 ? -9.476  -3.162  17.096  1.00 10.00 ? 116 GLN A HB3  1 
ATOM 1752 H HG2  . GLN A 1 116 ? -7.557  -1.730  16.820  1.00 10.00 ? 116 GLN A HG2  1 
ATOM 1753 H HG3  . GLN A 1 116 ? -7.895  -0.859  18.311  1.00 10.00 ? 116 GLN A HG3  1 
ATOM 1754 H HE21 . GLN A 1 116 ? -6.913  -4.126  17.062  1.00 10.00 ? 116 GLN A HE21 1 
ATOM 1755 H HE22 . GLN A 1 116 ? -6.125  -4.587  18.554  1.00 10.00 ? 116 GLN A HE22 1 
ATOM 1756 N N    . LEU A 1 117 ? -12.130 -2.548  16.115  1.00 10.00 ? 117 LEU A N    1 
ATOM 1757 C CA   . LEU A 1 117 ? -13.437 -3.179  15.923  1.00 10.00 ? 117 LEU A CA   1 
ATOM 1758 C C    . LEU A 1 117 ? -13.712 -4.062  17.140  1.00 10.00 ? 117 LEU A C    1 
ATOM 1759 O O    . LEU A 1 117 ? -12.914 -4.992  17.391  1.00 10.00 ? 117 LEU A O    1 
ATOM 1760 C CB   . LEU A 1 117 ? -13.453 -3.977  14.599  1.00 10.00 ? 117 LEU A CB   1 
ATOM 1761 C CG   . LEU A 1 117 ? -14.837 -4.331  14.015  1.00 10.00 ? 117 LEU A CG   1 
ATOM 1762 C CD1  . LEU A 1 117 ? -15.770 -5.088  14.965  1.00 10.00 ? 117 LEU A CD1  1 
ATOM 1763 C CD2  . LEU A 1 117 ? -15.553 -3.087  13.480  1.00 10.00 ? 117 LEU A CD2  1 
ATOM 1764 O OXT  . LEU A 1 117 ? -14.694 -3.811  17.868  1.00 10.00 ? 117 LEU A OXT  1 
ATOM 1765 H H    . LEU A 1 117 ? -11.386 -2.828  15.495  1.00 10.00 ? 117 LEU A H    1 
ATOM 1766 H HA   . LEU A 1 117 ? -14.188 -2.389  15.873  1.00 10.00 ? 117 LEU A HA   1 
ATOM 1767 H HB2  . LEU A 1 117 ? -12.920 -3.407  13.838  1.00 10.00 ? 117 LEU A HB2  1 
ATOM 1768 H HB3  . LEU A 1 117 ? -12.897 -4.904  14.742  1.00 10.00 ? 117 LEU A HB3  1 
ATOM 1769 H HG   . LEU A 1 117 ? -14.659 -4.985  13.164  1.00 10.00 ? 117 LEU A HG   1 
ATOM 1770 H HD11 . LEU A 1 117 ? -16.620 -5.478  14.403  1.00 10.00 ? 117 LEU A HD11 1 
ATOM 1771 H HD12 . LEU A 1 117 ? -15.241 -5.927  15.417  1.00 10.00 ? 117 LEU A HD12 1 
ATOM 1772 H HD13 . LEU A 1 117 ? -16.147 -4.427  15.744  1.00 10.00 ? 117 LEU A HD13 1 
ATOM 1773 H HD21 . LEU A 1 117 ? -16.468 -3.378  12.964  1.00 10.00 ? 117 LEU A HD21 1 
ATOM 1774 H HD22 . LEU A 1 117 ? -15.804 -2.406  14.293  1.00 10.00 ? 117 LEU A HD22 1 
ATOM 1775 H HD23 . LEU A 1 117 ? -14.908 -2.567  12.771  1.00 10.00 ? 117 LEU A HD23 1 
# 
